data_1Z77
# 
_entry.id   1Z77 
# 
_audit_conform.dict_name       mmcif_pdbx.dic 
_audit_conform.dict_version    5.399 
_audit_conform.dict_location   http://mmcif.pdb.org/dictionaries/ascii/mmcif_pdbx.dic 
# 
loop_
_database_2.database_id 
_database_2.database_code 
_database_2.pdbx_database_accession 
_database_2.pdbx_DOI 
PDB   1Z77         pdb_00001z77 10.2210/pdb1z77/pdb 
RCSB  RCSB032384   ?            ?                   
WWPDB D_1000032384 ?            ?                   
# 
loop_
_pdbx_audit_revision_history.ordinal 
_pdbx_audit_revision_history.data_content_type 
_pdbx_audit_revision_history.major_revision 
_pdbx_audit_revision_history.minor_revision 
_pdbx_audit_revision_history.revision_date 
1 'Structure model' 1 0 2005-05-10 
2 'Structure model' 1 1 2007-10-09 
3 'Structure model' 1 2 2011-07-13 
4 'Structure model' 1 3 2017-10-11 
5 'Structure model' 1 4 2018-11-07 
6 'Structure model' 1 5 2022-04-13 
7 'Structure model' 1 6 2024-11-20 
# 
_pdbx_audit_revision_details.ordinal             1 
_pdbx_audit_revision_details.revision_ordinal    1 
_pdbx_audit_revision_details.data_content_type   'Structure model' 
_pdbx_audit_revision_details.provider            repository 
_pdbx_audit_revision_details.type                'Initial release' 
_pdbx_audit_revision_details.description         ? 
_pdbx_audit_revision_details.details             ? 
# 
loop_
_pdbx_audit_revision_group.ordinal 
_pdbx_audit_revision_group.revision_ordinal 
_pdbx_audit_revision_group.data_content_type 
_pdbx_audit_revision_group.group 
1  2 'Structure model' 'Version format compliance' 
2  3 'Structure model' 'Version format compliance' 
3  4 'Structure model' 'Refinement description'    
4  5 'Structure model' 'Data collection'           
5  5 'Structure model' 'Derived calculations'      
6  6 'Structure model' 'Database references'       
7  6 'Structure model' 'Derived calculations'      
8  6 'Structure model' 'Structure summary'         
9  7 'Structure model' 'Data collection'           
10 7 'Structure model' 'Structure summary'         
# 
loop_
_pdbx_audit_revision_category.ordinal 
_pdbx_audit_revision_category.revision_ordinal 
_pdbx_audit_revision_category.data_content_type 
_pdbx_audit_revision_category.category 
1  4 'Structure model' software                  
2  5 'Structure model' pdbx_struct_assembly      
3  5 'Structure model' pdbx_struct_assembly_gen  
4  5 'Structure model' pdbx_struct_assembly_prop 
5  5 'Structure model' pdbx_struct_oper_list     
6  6 'Structure model' audit_author              
7  6 'Structure model' citation_author           
8  6 'Structure model' database_2                
9  6 'Structure model' struct_conn               
10 6 'Structure model' struct_ref_seq_dif        
11 6 'Structure model' struct_site               
12 7 'Structure model' chem_comp_atom            
13 7 'Structure model' chem_comp_bond            
14 7 'Structure model' pdbx_entry_details        
15 7 'Structure model' pdbx_modification_feature 
# 
loop_
_pdbx_audit_revision_item.ordinal 
_pdbx_audit_revision_item.revision_ordinal 
_pdbx_audit_revision_item.data_content_type 
_pdbx_audit_revision_item.item 
1  4 'Structure model' '_software.name'                            
2  5 'Structure model' '_pdbx_struct_assembly.details'             
3  5 'Structure model' '_pdbx_struct_assembly.method_details'      
4  5 'Structure model' '_pdbx_struct_assembly.oligomeric_count'    
5  5 'Structure model' '_pdbx_struct_assembly.oligomeric_details'  
6  5 'Structure model' '_pdbx_struct_assembly_gen.oper_expression' 
7  6 'Structure model' '_audit_author.identifier_ORCID'            
8  6 'Structure model' '_citation_author.identifier_ORCID'         
9  6 'Structure model' '_database_2.pdbx_DOI'                      
10 6 'Structure model' '_database_2.pdbx_database_accession'       
11 6 'Structure model' '_struct_conn.pdbx_leaving_atom_flag'       
12 6 'Structure model' '_struct_ref_seq_dif.details'               
13 6 'Structure model' '_struct_site.pdbx_auth_asym_id'            
14 6 'Structure model' '_struct_site.pdbx_auth_comp_id'            
15 6 'Structure model' '_struct_site.pdbx_auth_seq_id'             
# 
_pdbx_database_status.status_code                     REL 
_pdbx_database_status.entry_id                        1Z77 
_pdbx_database_status.recvd_initial_deposition_date   2005-03-24 
_pdbx_database_status.deposit_site                    RCSB 
_pdbx_database_status.process_site                    RCSB 
_pdbx_database_status.status_code_sf                  REL 
_pdbx_database_status.status_code_mr                  ? 
_pdbx_database_status.SG_entry                        Y 
_pdbx_database_status.pdb_format_compatible           Y 
_pdbx_database_status.status_code_cs                  ? 
_pdbx_database_status.methods_development_category    ? 
_pdbx_database_status.status_code_nmr_data            ? 
# 
_pdbx_database_related.db_name        TargetDB 
_pdbx_database_related.db_id          APC4542 
_pdbx_database_related.details        . 
_pdbx_database_related.content_type   unspecified 
# 
loop_
_audit_author.name 
_audit_author.pdbx_ordinal 
_audit_author.identifier_ORCID 
'Koclega, K.D.'                                 1 ?                   
'Chruszcz, M.'                                  2 ?                   
'Zimmerman, M.D.'                               3 ?                   
'Cymborowski, M.'                               4 ?                   
'Kudritska, M.'                                 5 ?                   
'Minor, W.'                                     6 0000-0001-7075-7090 
'Midwest Center for Structural Genomics (MCSG)' 7 ?                   
# 
_citation.id                        primary 
_citation.title                     
'Crystal structure of a transcriptional regulator TM1030 from Thermotoga maritima solved by an unusual MAD experiment.' 
_citation.journal_abbrev            J.Struct.Biol. 
_citation.journal_volume            159 
_citation.page_first                424 
_citation.page_last                 432 
_citation.year                      2007 
_citation.journal_id_ASTM           JSBIEM 
_citation.country                   US 
_citation.journal_id_ISSN           1047-8477 
_citation.journal_id_CSD            0803 
_citation.book_publisher            ? 
_citation.pdbx_database_id_PubMed   17588774 
_citation.pdbx_database_id_DOI      10.1016/j.jsb.2007.04.012 
# 
loop_
_citation_author.citation_id 
_citation_author.name 
_citation_author.ordinal 
_citation_author.identifier_ORCID 
primary 'Koclega, K.D.'   1 ?                   
primary 'Chruszcz, M.'    2 ?                   
primary 'Zimmerman, M.D.' 3 ?                   
primary 'Cymborowski, M.' 4 ?                   
primary 'Evdokimova, E.'  5 ?                   
primary 'Minor, W.'       6 0000-0001-7075-7090 
# 
loop_
_entity.id 
_entity.type 
_entity.src_method 
_entity.pdbx_description 
_entity.formula_weight 
_entity.pdbx_number_of_molecules 
_entity.pdbx_ec 
_entity.pdbx_mutation 
_entity.pdbx_fragment 
_entity.details 
1 polymer     man 'transcriptional regulator (TetR family)' 24213.879 1  ? ? ? ? 
2 non-polymer syn 1,2-ETHANEDIOL                            62.068    2  ? ? ? ? 
3 water       nat water                                     18.015    36 ? ? ? ? 
# 
_entity_poly.entity_id                      1 
_entity_poly.type                           'polypeptide(L)' 
_entity_poly.nstd_linkage                   no 
_entity_poly.nstd_monomer                   yes 
_entity_poly.pdbx_seq_one_letter_code       
;(MSE)LSKRDAILKAAVEVFGKKGYDRATTDEIAEKAGVAKGLIFHYFKNKEELYYQAY(MSE)SVTEKLQKEFENFL
(MSE)KNRNRDIFDF(MSE)ERWIEKKLEYSASHPEEADFLITLVSVDEGLRKRILLDLEKSQRVFFDFVREKLKDLDLA
EDVTEEIALKFL(MSE)WFFSGFEEVYLRTYQGKPELLKRD(MSE)NTLVEEVKV(MSE)LRILKKG(MSE)TK
;
_entity_poly.pdbx_seq_one_letter_code_can   
;MLSKRDAILKAAVEVFGKKGYDRATTDEIAEKAGVAKGLIFHYFKNKEELYYQAYMSVTEKLQKEFENFLMKNRNRDIFD
FMERWIEKKLEYSASHPEEADFLITLVSVDEGLRKRILLDLEKSQRVFFDFVREKLKDLDLAEDVTEEIALKFLMWFFSG
FEEVYLRTYQGKPELLKRDMNTLVEEVKVMLRILKKGMTK
;
_entity_poly.pdbx_strand_id                 A 
_entity_poly.pdbx_target_identifier         APC4542 
# 
loop_
_pdbx_entity_nonpoly.entity_id 
_pdbx_entity_nonpoly.name 
_pdbx_entity_nonpoly.comp_id 
2 1,2-ETHANEDIOL EDO 
3 water          HOH 
# 
loop_
_entity_poly_seq.entity_id 
_entity_poly_seq.num 
_entity_poly_seq.mon_id 
_entity_poly_seq.hetero 
1 1   MSE n 
1 2   LEU n 
1 3   SER n 
1 4   LYS n 
1 5   ARG n 
1 6   ASP n 
1 7   ALA n 
1 8   ILE n 
1 9   LEU n 
1 10  LYS n 
1 11  ALA n 
1 12  ALA n 
1 13  VAL n 
1 14  GLU n 
1 15  VAL n 
1 16  PHE n 
1 17  GLY n 
1 18  LYS n 
1 19  LYS n 
1 20  GLY n 
1 21  TYR n 
1 22  ASP n 
1 23  ARG n 
1 24  ALA n 
1 25  THR n 
1 26  THR n 
1 27  ASP n 
1 28  GLU n 
1 29  ILE n 
1 30  ALA n 
1 31  GLU n 
1 32  LYS n 
1 33  ALA n 
1 34  GLY n 
1 35  VAL n 
1 36  ALA n 
1 37  LYS n 
1 38  GLY n 
1 39  LEU n 
1 40  ILE n 
1 41  PHE n 
1 42  HIS n 
1 43  TYR n 
1 44  PHE n 
1 45  LYS n 
1 46  ASN n 
1 47  LYS n 
1 48  GLU n 
1 49  GLU n 
1 50  LEU n 
1 51  TYR n 
1 52  TYR n 
1 53  GLN n 
1 54  ALA n 
1 55  TYR n 
1 56  MSE n 
1 57  SER n 
1 58  VAL n 
1 59  THR n 
1 60  GLU n 
1 61  LYS n 
1 62  LEU n 
1 63  GLN n 
1 64  LYS n 
1 65  GLU n 
1 66  PHE n 
1 67  GLU n 
1 68  ASN n 
1 69  PHE n 
1 70  LEU n 
1 71  MSE n 
1 72  LYS n 
1 73  ASN n 
1 74  ARG n 
1 75  ASN n 
1 76  ARG n 
1 77  ASP n 
1 78  ILE n 
1 79  PHE n 
1 80  ASP n 
1 81  PHE n 
1 82  MSE n 
1 83  GLU n 
1 84  ARG n 
1 85  TRP n 
1 86  ILE n 
1 87  GLU n 
1 88  LYS n 
1 89  LYS n 
1 90  LEU n 
1 91  GLU n 
1 92  TYR n 
1 93  SER n 
1 94  ALA n 
1 95  SER n 
1 96  HIS n 
1 97  PRO n 
1 98  GLU n 
1 99  GLU n 
1 100 ALA n 
1 101 ASP n 
1 102 PHE n 
1 103 LEU n 
1 104 ILE n 
1 105 THR n 
1 106 LEU n 
1 107 VAL n 
1 108 SER n 
1 109 VAL n 
1 110 ASP n 
1 111 GLU n 
1 112 GLY n 
1 113 LEU n 
1 114 ARG n 
1 115 LYS n 
1 116 ARG n 
1 117 ILE n 
1 118 LEU n 
1 119 LEU n 
1 120 ASP n 
1 121 LEU n 
1 122 GLU n 
1 123 LYS n 
1 124 SER n 
1 125 GLN n 
1 126 ARG n 
1 127 VAL n 
1 128 PHE n 
1 129 PHE n 
1 130 ASP n 
1 131 PHE n 
1 132 VAL n 
1 133 ARG n 
1 134 GLU n 
1 135 LYS n 
1 136 LEU n 
1 137 LYS n 
1 138 ASP n 
1 139 LEU n 
1 140 ASP n 
1 141 LEU n 
1 142 ALA n 
1 143 GLU n 
1 144 ASP n 
1 145 VAL n 
1 146 THR n 
1 147 GLU n 
1 148 GLU n 
1 149 ILE n 
1 150 ALA n 
1 151 LEU n 
1 152 LYS n 
1 153 PHE n 
1 154 LEU n 
1 155 MSE n 
1 156 TRP n 
1 157 PHE n 
1 158 PHE n 
1 159 SER n 
1 160 GLY n 
1 161 PHE n 
1 162 GLU n 
1 163 GLU n 
1 164 VAL n 
1 165 TYR n 
1 166 LEU n 
1 167 ARG n 
1 168 THR n 
1 169 TYR n 
1 170 GLN n 
1 171 GLY n 
1 172 LYS n 
1 173 PRO n 
1 174 GLU n 
1 175 LEU n 
1 176 LEU n 
1 177 LYS n 
1 178 ARG n 
1 179 ASP n 
1 180 MSE n 
1 181 ASN n 
1 182 THR n 
1 183 LEU n 
1 184 VAL n 
1 185 GLU n 
1 186 GLU n 
1 187 VAL n 
1 188 LYS n 
1 189 VAL n 
1 190 MSE n 
1 191 LEU n 
1 192 ARG n 
1 193 ILE n 
1 194 LEU n 
1 195 LYS n 
1 196 LYS n 
1 197 GLY n 
1 198 MSE n 
1 199 THR n 
1 200 LYS n 
# 
_entity_src_gen.entity_id                          1 
_entity_src_gen.pdbx_src_id                        1 
_entity_src_gen.pdbx_alt_source_flag               sample 
_entity_src_gen.pdbx_seq_type                      ? 
_entity_src_gen.pdbx_beg_seq_num                   ? 
_entity_src_gen.pdbx_end_seq_num                   ? 
_entity_src_gen.gene_src_common_name               ? 
_entity_src_gen.gene_src_genus                     Thermotoga 
_entity_src_gen.pdbx_gene_src_gene                 ? 
_entity_src_gen.gene_src_species                   ? 
_entity_src_gen.gene_src_strain                    ? 
_entity_src_gen.gene_src_tissue                    ? 
_entity_src_gen.gene_src_tissue_fraction           ? 
_entity_src_gen.gene_src_details                   ? 
_entity_src_gen.pdbx_gene_src_fragment             ? 
_entity_src_gen.pdbx_gene_src_scientific_name      'Thermotoga maritima' 
_entity_src_gen.pdbx_gene_src_ncbi_taxonomy_id     2336 
_entity_src_gen.pdbx_gene_src_variant              ? 
_entity_src_gen.pdbx_gene_src_cell_line            ? 
_entity_src_gen.pdbx_gene_src_atcc                 ? 
_entity_src_gen.pdbx_gene_src_organ                ? 
_entity_src_gen.pdbx_gene_src_organelle            ? 
_entity_src_gen.pdbx_gene_src_cell                 ? 
_entity_src_gen.pdbx_gene_src_cellular_location    ? 
_entity_src_gen.host_org_common_name               ? 
_entity_src_gen.pdbx_host_org_scientific_name      'Escherichia coli' 
_entity_src_gen.pdbx_host_org_ncbi_taxonomy_id     562 
_entity_src_gen.host_org_genus                     Escherichia 
_entity_src_gen.pdbx_host_org_gene                 ? 
_entity_src_gen.pdbx_host_org_organ                ? 
_entity_src_gen.host_org_species                   ? 
_entity_src_gen.pdbx_host_org_tissue               ? 
_entity_src_gen.pdbx_host_org_tissue_fraction      ? 
_entity_src_gen.pdbx_host_org_strain               'B834(DE3)pLysS' 
_entity_src_gen.pdbx_host_org_variant              ? 
_entity_src_gen.pdbx_host_org_cell_line            ? 
_entity_src_gen.pdbx_host_org_atcc                 ? 
_entity_src_gen.pdbx_host_org_culture_collection   ? 
_entity_src_gen.pdbx_host_org_cell                 ? 
_entity_src_gen.pdbx_host_org_organelle            ? 
_entity_src_gen.pdbx_host_org_cellular_location    ? 
_entity_src_gen.pdbx_host_org_vector_type          plasmid 
_entity_src_gen.pdbx_host_org_vector               ? 
_entity_src_gen.host_org_details                   ? 
_entity_src_gen.expression_system_id               ? 
_entity_src_gen.plasmid_name                       PET-15B 
_entity_src_gen.plasmid_details                    ? 
_entity_src_gen.pdbx_description                   ? 
# 
loop_
_chem_comp.id 
_chem_comp.type 
_chem_comp.mon_nstd_flag 
_chem_comp.name 
_chem_comp.pdbx_synonyms 
_chem_comp.formula 
_chem_comp.formula_weight 
ALA 'L-peptide linking' y ALANINE          ?                 'C3 H7 N O2'     89.093  
ARG 'L-peptide linking' y ARGININE         ?                 'C6 H15 N4 O2 1' 175.209 
ASN 'L-peptide linking' y ASPARAGINE       ?                 'C4 H8 N2 O3'    132.118 
ASP 'L-peptide linking' y 'ASPARTIC ACID'  ?                 'C4 H7 N O4'     133.103 
EDO non-polymer         . 1,2-ETHANEDIOL   'ETHYLENE GLYCOL' 'C2 H6 O2'       62.068  
GLN 'L-peptide linking' y GLUTAMINE        ?                 'C5 H10 N2 O3'   146.144 
GLU 'L-peptide linking' y 'GLUTAMIC ACID'  ?                 'C5 H9 N O4'     147.129 
GLY 'peptide linking'   y GLYCINE          ?                 'C2 H5 N O2'     75.067  
HIS 'L-peptide linking' y HISTIDINE        ?                 'C6 H10 N3 O2 1' 156.162 
HOH non-polymer         . WATER            ?                 'H2 O'           18.015  
ILE 'L-peptide linking' y ISOLEUCINE       ?                 'C6 H13 N O2'    131.173 
LEU 'L-peptide linking' y LEUCINE          ?                 'C6 H13 N O2'    131.173 
LYS 'L-peptide linking' y LYSINE           ?                 'C6 H15 N2 O2 1' 147.195 
MET 'L-peptide linking' y METHIONINE       ?                 'C5 H11 N O2 S'  149.211 
MSE 'L-peptide linking' n SELENOMETHIONINE ?                 'C5 H11 N O2 Se' 196.106 
PHE 'L-peptide linking' y PHENYLALANINE    ?                 'C9 H11 N O2'    165.189 
PRO 'L-peptide linking' y PROLINE          ?                 'C5 H9 N O2'     115.130 
SER 'L-peptide linking' y SERINE           ?                 'C3 H7 N O3'     105.093 
THR 'L-peptide linking' y THREONINE        ?                 'C4 H9 N O3'     119.119 
TRP 'L-peptide linking' y TRYPTOPHAN       ?                 'C11 H12 N2 O2'  204.225 
TYR 'L-peptide linking' y TYROSINE         ?                 'C9 H11 N O3'    181.189 
VAL 'L-peptide linking' y VALINE           ?                 'C5 H11 N O2'    117.146 
# 
loop_
_pdbx_poly_seq_scheme.asym_id 
_pdbx_poly_seq_scheme.entity_id 
_pdbx_poly_seq_scheme.seq_id 
_pdbx_poly_seq_scheme.mon_id 
_pdbx_poly_seq_scheme.ndb_seq_num 
_pdbx_poly_seq_scheme.pdb_seq_num 
_pdbx_poly_seq_scheme.auth_seq_num 
_pdbx_poly_seq_scheme.pdb_mon_id 
_pdbx_poly_seq_scheme.auth_mon_id 
_pdbx_poly_seq_scheme.pdb_strand_id 
_pdbx_poly_seq_scheme.pdb_ins_code 
_pdbx_poly_seq_scheme.hetero 
A 1 1   MSE 1   1   1   MSE MSE A . n 
A 1 2   LEU 2   2   2   LEU LEU A . n 
A 1 3   SER 3   3   3   SER SER A . n 
A 1 4   LYS 4   4   4   LYS LYS A . n 
A 1 5   ARG 5   5   5   ARG ARG A . n 
A 1 6   ASP 6   6   6   ASP ASP A . n 
A 1 7   ALA 7   7   7   ALA ALA A . n 
A 1 8   ILE 8   8   8   ILE ILE A . n 
A 1 9   LEU 9   9   9   LEU LEU A . n 
A 1 10  LYS 10  10  10  LYS LYS A . n 
A 1 11  ALA 11  11  11  ALA ALA A . n 
A 1 12  ALA 12  12  12  ALA ALA A . n 
A 1 13  VAL 13  13  13  VAL VAL A . n 
A 1 14  GLU 14  14  14  GLU GLU A . n 
A 1 15  VAL 15  15  15  VAL VAL A . n 
A 1 16  PHE 16  16  16  PHE PHE A . n 
A 1 17  GLY 17  17  17  GLY GLY A . n 
A 1 18  LYS 18  18  18  LYS LYS A . n 
A 1 19  LYS 19  19  19  LYS LYS A . n 
A 1 20  GLY 20  20  20  GLY GLY A . n 
A 1 21  TYR 21  21  21  TYR TYR A . n 
A 1 22  ASP 22  22  22  ASP ASP A . n 
A 1 23  ARG 23  23  23  ARG ARG A . n 
A 1 24  ALA 24  24  24  ALA ALA A . n 
A 1 25  THR 25  25  25  THR THR A . n 
A 1 26  THR 26  26  26  THR THR A . n 
A 1 27  ASP 27  27  27  ASP ASP A . n 
A 1 28  GLU 28  28  28  GLU GLU A . n 
A 1 29  ILE 29  29  29  ILE ILE A . n 
A 1 30  ALA 30  30  30  ALA ALA A . n 
A 1 31  GLU 31  31  31  GLU GLU A . n 
A 1 32  LYS 32  32  32  LYS LYS A . n 
A 1 33  ALA 33  33  33  ALA ALA A . n 
A 1 34  GLY 34  34  34  GLY GLY A . n 
A 1 35  VAL 35  35  35  VAL VAL A . n 
A 1 36  ALA 36  36  36  ALA ALA A . n 
A 1 37  LYS 37  37  37  LYS LYS A . n 
A 1 38  GLY 38  38  38  GLY GLY A . n 
A 1 39  LEU 39  39  39  LEU LEU A . n 
A 1 40  ILE 40  40  40  ILE ILE A . n 
A 1 41  PHE 41  41  41  PHE PHE A . n 
A 1 42  HIS 42  42  42  HIS HIS A . n 
A 1 43  TYR 43  43  43  TYR TYR A . n 
A 1 44  PHE 44  44  44  PHE PHE A . n 
A 1 45  LYS 45  45  45  LYS LYS A . n 
A 1 46  ASN 46  46  46  ASN ASN A . n 
A 1 47  LYS 47  47  47  LYS LYS A . n 
A 1 48  GLU 48  48  48  GLU GLU A . n 
A 1 49  GLU 49  49  49  GLU GLU A . n 
A 1 50  LEU 50  50  50  LEU LEU A . n 
A 1 51  TYR 51  51  51  TYR TYR A . n 
A 1 52  TYR 52  52  52  TYR TYR A . n 
A 1 53  GLN 53  53  53  GLN GLN A . n 
A 1 54  ALA 54  54  54  ALA ALA A . n 
A 1 55  TYR 55  55  55  TYR TYR A . n 
A 1 56  MSE 56  56  56  MSE MSE A . n 
A 1 57  SER 57  57  57  SER SER A . n 
A 1 58  VAL 58  58  58  VAL VAL A . n 
A 1 59  THR 59  59  59  THR THR A . n 
A 1 60  GLU 60  60  60  GLU GLU A . n 
A 1 61  LYS 61  61  61  LYS LYS A . n 
A 1 62  LEU 62  62  62  LEU LEU A . n 
A 1 63  GLN 63  63  63  GLN GLN A . n 
A 1 64  LYS 64  64  64  LYS LYS A . n 
A 1 65  GLU 65  65  65  GLU GLU A . n 
A 1 66  PHE 66  66  66  PHE PHE A . n 
A 1 67  GLU 67  67  67  GLU GLU A . n 
A 1 68  ASN 68  68  68  ASN ASN A . n 
A 1 69  PHE 69  69  69  PHE PHE A . n 
A 1 70  LEU 70  70  70  LEU LEU A . n 
A 1 71  MSE 71  71  71  MSE MSE A . n 
A 1 72  LYS 72  72  72  LYS LYS A . n 
A 1 73  ASN 73  73  73  ASN ASN A . n 
A 1 74  ARG 74  74  74  ARG ARG A . n 
A 1 75  ASN 75  75  75  ASN ASN A . n 
A 1 76  ARG 76  76  76  ARG ARG A . n 
A 1 77  ASP 77  77  77  ASP ASP A . n 
A 1 78  ILE 78  78  78  ILE ILE A . n 
A 1 79  PHE 79  79  79  PHE PHE A . n 
A 1 80  ASP 80  80  80  ASP ASP A . n 
A 1 81  PHE 81  81  81  PHE PHE A . n 
A 1 82  MSE 82  82  82  MSE MSE A . n 
A 1 83  GLU 83  83  83  GLU GLU A . n 
A 1 84  ARG 84  84  84  ARG ARG A . n 
A 1 85  TRP 85  85  85  TRP TRP A . n 
A 1 86  ILE 86  86  86  ILE ILE A . n 
A 1 87  GLU 87  87  87  GLU GLU A . n 
A 1 88  LYS 88  88  88  LYS LYS A . n 
A 1 89  LYS 89  89  89  LYS LYS A . n 
A 1 90  LEU 90  90  90  LEU LEU A . n 
A 1 91  GLU 91  91  91  GLU GLU A . n 
A 1 92  TYR 92  92  92  TYR TYR A . n 
A 1 93  SER 93  93  93  SER SER A . n 
A 1 94  ALA 94  94  94  ALA ALA A . n 
A 1 95  SER 95  95  95  SER SER A . n 
A 1 96  HIS 96  96  96  HIS HIS A . n 
A 1 97  PRO 97  97  97  PRO PRO A . n 
A 1 98  GLU 98  98  98  GLU GLU A . n 
A 1 99  GLU 99  99  99  GLU GLU A . n 
A 1 100 ALA 100 100 100 ALA ALA A . n 
A 1 101 ASP 101 101 101 ASP ASP A . n 
A 1 102 PHE 102 102 102 PHE PHE A . n 
A 1 103 LEU 103 103 103 LEU LEU A . n 
A 1 104 ILE 104 104 104 ILE ILE A . n 
A 1 105 THR 105 105 105 THR THR A . n 
A 1 106 LEU 106 106 106 LEU LEU A . n 
A 1 107 VAL 107 107 107 VAL VAL A . n 
A 1 108 SER 108 108 108 SER SER A . n 
A 1 109 VAL 109 109 109 VAL VAL A . n 
A 1 110 ASP 110 110 110 ASP ASP A . n 
A 1 111 GLU 111 111 111 GLU GLU A . n 
A 1 112 GLY 112 112 112 GLY GLY A . n 
A 1 113 LEU 113 113 113 LEU LEU A . n 
A 1 114 ARG 114 114 114 ARG ARG A . n 
A 1 115 LYS 115 115 115 LYS LYS A . n 
A 1 116 ARG 116 116 116 ARG ARG A . n 
A 1 117 ILE 117 117 117 ILE ILE A . n 
A 1 118 LEU 118 118 118 LEU LEU A . n 
A 1 119 LEU 119 119 119 LEU LEU A . n 
A 1 120 ASP 120 120 120 ASP ASP A . n 
A 1 121 LEU 121 121 121 LEU LEU A . n 
A 1 122 GLU 122 122 122 GLU GLU A . n 
A 1 123 LYS 123 123 123 LYS LYS A . n 
A 1 124 SER 124 124 124 SER SER A . n 
A 1 125 GLN 125 125 125 GLN GLN A . n 
A 1 126 ARG 126 126 126 ARG ARG A . n 
A 1 127 VAL 127 127 127 VAL VAL A . n 
A 1 128 PHE 128 128 128 PHE PHE A . n 
A 1 129 PHE 129 129 129 PHE PHE A . n 
A 1 130 ASP 130 130 130 ASP ASP A . n 
A 1 131 PHE 131 131 131 PHE PHE A . n 
A 1 132 VAL 132 132 132 VAL VAL A . n 
A 1 133 ARG 133 133 133 ARG ARG A . n 
A 1 134 GLU 134 134 134 GLU GLU A . n 
A 1 135 LYS 135 135 135 LYS LYS A . n 
A 1 136 LEU 136 136 136 LEU LEU A . n 
A 1 137 LYS 137 137 137 LYS LYS A . n 
A 1 138 ASP 138 138 138 ASP ASP A . n 
A 1 139 LEU 139 139 139 LEU LEU A . n 
A 1 140 ASP 140 140 140 ASP ASP A . n 
A 1 141 LEU 141 141 141 LEU LEU A . n 
A 1 142 ALA 142 142 142 ALA ALA A . n 
A 1 143 GLU 143 143 143 GLU GLU A . n 
A 1 144 ASP 144 144 144 ASP ASP A . n 
A 1 145 VAL 145 145 145 VAL VAL A . n 
A 1 146 THR 146 146 146 THR THR A . n 
A 1 147 GLU 147 147 147 GLU GLU A . n 
A 1 148 GLU 148 148 148 GLU GLU A . n 
A 1 149 ILE 149 149 149 ILE ILE A . n 
A 1 150 ALA 150 150 150 ALA ALA A . n 
A 1 151 LEU 151 151 151 LEU LEU A . n 
A 1 152 LYS 152 152 152 LYS LYS A . n 
A 1 153 PHE 153 153 153 PHE PHE A . n 
A 1 154 LEU 154 154 154 LEU LEU A . n 
A 1 155 MSE 155 155 155 MSE MSE A . n 
A 1 156 TRP 156 156 156 TRP TRP A . n 
A 1 157 PHE 157 157 157 PHE PHE A . n 
A 1 158 PHE 158 158 158 PHE PHE A . n 
A 1 159 SER 159 159 159 SER SER A . n 
A 1 160 GLY 160 160 160 GLY GLY A . n 
A 1 161 PHE 161 161 161 PHE PHE A . n 
A 1 162 GLU 162 162 162 GLU GLU A . n 
A 1 163 GLU 163 163 163 GLU GLU A . n 
A 1 164 VAL 164 164 164 VAL VAL A . n 
A 1 165 TYR 165 165 165 TYR TYR A . n 
A 1 166 LEU 166 166 166 LEU LEU A . n 
A 1 167 ARG 167 167 167 ARG ARG A . n 
A 1 168 THR 168 168 168 THR THR A . n 
A 1 169 TYR 169 169 169 TYR TYR A . n 
A 1 170 GLN 170 170 170 GLN GLN A . n 
A 1 171 GLY 171 171 171 GLY GLY A . n 
A 1 172 LYS 172 172 172 LYS LYS A . n 
A 1 173 PRO 173 173 173 PRO PRO A . n 
A 1 174 GLU 174 174 174 GLU GLU A . n 
A 1 175 LEU 175 175 175 LEU LEU A . n 
A 1 176 LEU 176 176 176 LEU LEU A . n 
A 1 177 LYS 177 177 177 LYS LYS A . n 
A 1 178 ARG 178 178 178 ARG ARG A . n 
A 1 179 ASP 179 179 179 ASP ASP A . n 
A 1 180 MSE 180 180 180 MSE MSE A . n 
A 1 181 ASN 181 181 181 ASN ASN A . n 
A 1 182 THR 182 182 182 THR THR A . n 
A 1 183 LEU 183 183 183 LEU LEU A . n 
A 1 184 VAL 184 184 184 VAL VAL A . n 
A 1 185 GLU 185 185 185 GLU GLU A . n 
A 1 186 GLU 186 186 186 GLU GLU A . n 
A 1 187 VAL 187 187 187 VAL VAL A . n 
A 1 188 LYS 188 188 188 LYS LYS A . n 
A 1 189 VAL 189 189 189 VAL VAL A . n 
A 1 190 MSE 190 190 190 MSE MSE A . n 
A 1 191 LEU 191 191 191 LEU LEU A . n 
A 1 192 ARG 192 192 192 ARG ARG A . n 
A 1 193 ILE 193 193 193 ILE ILE A . n 
A 1 194 LEU 194 194 194 LEU LEU A . n 
A 1 195 LYS 195 195 195 LYS LYS A . n 
A 1 196 LYS 196 196 196 LYS LYS A . n 
A 1 197 GLY 197 197 197 GLY GLY A . n 
A 1 198 MSE 198 198 198 MSE MSE A . n 
A 1 199 THR 199 199 199 THR THR A . n 
A 1 200 LYS 200 200 200 LYS LYS A . n 
# 
loop_
_pdbx_nonpoly_scheme.asym_id 
_pdbx_nonpoly_scheme.entity_id 
_pdbx_nonpoly_scheme.mon_id 
_pdbx_nonpoly_scheme.ndb_seq_num 
_pdbx_nonpoly_scheme.pdb_seq_num 
_pdbx_nonpoly_scheme.auth_seq_num 
_pdbx_nonpoly_scheme.pdb_mon_id 
_pdbx_nonpoly_scheme.auth_mon_id 
_pdbx_nonpoly_scheme.pdb_strand_id 
_pdbx_nonpoly_scheme.pdb_ins_code 
B 2 EDO 1  2201 2201 EDO EGL A . 
C 2 EDO 1  2202 2202 EDO EGL A . 
D 3 HOH 1  2203 1    HOH HOH A . 
D 3 HOH 2  2204 2    HOH HOH A . 
D 3 HOH 3  2205 3    HOH HOH A . 
D 3 HOH 4  2206 4    HOH HOH A . 
D 3 HOH 5  2207 5    HOH HOH A . 
D 3 HOH 6  2208 6    HOH HOH A . 
D 3 HOH 7  2209 7    HOH HOH A . 
D 3 HOH 8  2210 8    HOH HOH A . 
D 3 HOH 9  2211 9    HOH HOH A . 
D 3 HOH 10 2212 10   HOH HOH A . 
D 3 HOH 11 2213 11   HOH HOH A . 
D 3 HOH 12 2214 13   HOH HOH A . 
D 3 HOH 13 2215 14   HOH HOH A . 
D 3 HOH 14 2216 15   HOH HOH A . 
D 3 HOH 15 2217 16   HOH HOH A . 
D 3 HOH 16 2218 17   HOH HOH A . 
D 3 HOH 17 2219 18   HOH HOH A . 
D 3 HOH 18 2220 19   HOH HOH A . 
D 3 HOH 19 2221 20   HOH HOH A . 
D 3 HOH 20 2222 21   HOH HOH A . 
D 3 HOH 21 2223 23   HOH HOH A . 
D 3 HOH 22 2224 24   HOH HOH A . 
D 3 HOH 23 2225 25   HOH HOH A . 
D 3 HOH 24 2226 26   HOH HOH A . 
D 3 HOH 25 2227 27   HOH HOH A . 
D 3 HOH 26 2228 28   HOH HOH A . 
D 3 HOH 27 2229 29   HOH HOH A . 
D 3 HOH 28 2230 30   HOH HOH A . 
D 3 HOH 29 2231 32   HOH HOH A . 
D 3 HOH 30 2232 33   HOH HOH A . 
D 3 HOH 31 2233 34   HOH HOH A . 
D 3 HOH 32 2234 35   HOH HOH A . 
D 3 HOH 33 2235 36   HOH HOH A . 
D 3 HOH 34 2236 37   HOH HOH A . 
D 3 HOH 35 2237 39   HOH HOH A . 
D 3 HOH 36 2238 40   HOH HOH A . 
# 
loop_
_pdbx_unobs_or_zero_occ_atoms.id 
_pdbx_unobs_or_zero_occ_atoms.PDB_model_num 
_pdbx_unobs_or_zero_occ_atoms.polymer_flag 
_pdbx_unobs_or_zero_occ_atoms.occupancy_flag 
_pdbx_unobs_or_zero_occ_atoms.auth_asym_id 
_pdbx_unobs_or_zero_occ_atoms.auth_comp_id 
_pdbx_unobs_or_zero_occ_atoms.auth_seq_id 
_pdbx_unobs_or_zero_occ_atoms.PDB_ins_code 
_pdbx_unobs_or_zero_occ_atoms.auth_atom_id 
_pdbx_unobs_or_zero_occ_atoms.label_alt_id 
_pdbx_unobs_or_zero_occ_atoms.label_asym_id 
_pdbx_unobs_or_zero_occ_atoms.label_comp_id 
_pdbx_unobs_or_zero_occ_atoms.label_seq_id 
_pdbx_unobs_or_zero_occ_atoms.label_atom_id 
1  1 Y 1 A LYS 4   ? CE  ? A LYS 4   CE  
2  1 Y 1 A LYS 4   ? NZ  ? A LYS 4   NZ  
3  1 Y 1 A LYS 18  ? CG  ? A LYS 18  CG  
4  1 Y 1 A LYS 18  ? CD  ? A LYS 18  CD  
5  1 Y 1 A LYS 18  ? CE  ? A LYS 18  CE  
6  1 Y 1 A LYS 18  ? NZ  ? A LYS 18  NZ  
7  1 Y 1 A ARG 23  ? CG  ? A ARG 23  CG  
8  1 Y 1 A ARG 23  ? CD  ? A ARG 23  CD  
9  1 Y 1 A ARG 23  ? NE  ? A ARG 23  NE  
10 1 Y 1 A ARG 23  ? CZ  ? A ARG 23  CZ  
11 1 Y 1 A ARG 23  ? NH1 ? A ARG 23  NH1 
12 1 Y 1 A ARG 23  ? NH2 ? A ARG 23  NH2 
13 1 Y 1 A GLU 31  ? CG  ? A GLU 31  CG  
14 1 Y 1 A GLU 31  ? CD  ? A GLU 31  CD  
15 1 Y 1 A GLU 31  ? OE1 ? A GLU 31  OE1 
16 1 Y 1 A GLU 31  ? OE2 ? A GLU 31  OE2 
17 1 Y 1 A LYS 32  ? CE  ? A LYS 32  CE  
18 1 Y 1 A LYS 32  ? NZ  ? A LYS 32  NZ  
19 1 Y 1 A LYS 45  ? CE  ? A LYS 45  CE  
20 1 Y 1 A LYS 45  ? NZ  ? A LYS 45  NZ  
21 1 Y 1 A GLU 60  ? CG  ? A GLU 60  CG  
22 1 Y 1 A GLU 60  ? CD  ? A GLU 60  CD  
23 1 Y 1 A GLU 60  ? OE1 ? A GLU 60  OE1 
24 1 Y 1 A GLU 60  ? OE2 ? A GLU 60  OE2 
25 1 Y 1 A LYS 61  ? CD  ? A LYS 61  CD  
26 1 Y 1 A LYS 61  ? CE  ? A LYS 61  CE  
27 1 Y 1 A LYS 61  ? NZ  ? A LYS 61  NZ  
28 1 Y 1 A LYS 64  ? CE  ? A LYS 64  CE  
29 1 Y 1 A LYS 64  ? NZ  ? A LYS 64  NZ  
30 1 Y 1 A ARG 74  ? NE  ? A ARG 74  NE  
31 1 Y 1 A ARG 74  ? CZ  ? A ARG 74  CZ  
32 1 Y 1 A ARG 74  ? NH1 ? A ARG 74  NH1 
33 1 Y 1 A ARG 74  ? NH2 ? A ARG 74  NH2 
34 1 Y 1 A ARG 84  ? CD  ? A ARG 84  CD  
35 1 Y 1 A ARG 84  ? NE  ? A ARG 84  NE  
36 1 Y 1 A ARG 84  ? CZ  ? A ARG 84  CZ  
37 1 Y 1 A ARG 84  ? NH1 ? A ARG 84  NH1 
38 1 Y 1 A ARG 84  ? NH2 ? A ARG 84  NH2 
39 1 Y 1 A LYS 89  ? CD  ? A LYS 89  CD  
40 1 Y 1 A LYS 89  ? CE  ? A LYS 89  CE  
41 1 Y 1 A LYS 89  ? NZ  ? A LYS 89  NZ  
42 1 Y 1 A GLU 91  ? CG  ? A GLU 91  CG  
43 1 Y 1 A GLU 91  ? CD  ? A GLU 91  CD  
44 1 Y 1 A GLU 91  ? OE1 ? A GLU 91  OE1 
45 1 Y 1 A GLU 91  ? OE2 ? A GLU 91  OE2 
46 1 Y 1 A ILE 104 ? CD1 ? A ILE 104 CD1 
47 1 Y 1 A GLU 111 ? CB  ? A GLU 111 CB  
48 1 Y 1 A GLU 111 ? CG  ? A GLU 111 CG  
49 1 Y 1 A GLU 111 ? CD  ? A GLU 111 CD  
50 1 Y 1 A GLU 111 ? OE1 ? A GLU 111 OE1 
51 1 Y 1 A GLU 111 ? OE2 ? A GLU 111 OE2 
52 1 Y 1 A LYS 115 ? CE  ? A LYS 115 CE  
53 1 Y 1 A LYS 115 ? NZ  ? A LYS 115 NZ  
54 1 Y 1 A LYS 123 ? CG  ? A LYS 123 CG  
55 1 Y 1 A LYS 123 ? CD  ? A LYS 123 CD  
56 1 Y 1 A LYS 123 ? CE  ? A LYS 123 CE  
57 1 Y 1 A LYS 123 ? NZ  ? A LYS 123 NZ  
58 1 Y 1 A ARG 133 ? NE  ? A ARG 133 NE  
59 1 Y 1 A ARG 133 ? CZ  ? A ARG 133 CZ  
60 1 Y 1 A ARG 133 ? NH1 ? A ARG 133 NH1 
61 1 Y 1 A ARG 133 ? NH2 ? A ARG 133 NH2 
62 1 Y 1 A LYS 137 ? NZ  ? A LYS 137 NZ  
63 1 Y 1 A GLU 143 ? CB  ? A GLU 143 CB  
64 1 Y 1 A GLU 143 ? CG  ? A GLU 143 CG  
65 1 Y 1 A GLU 143 ? CD  ? A GLU 143 CD  
66 1 Y 1 A GLU 143 ? OE1 ? A GLU 143 OE1 
67 1 Y 1 A GLU 143 ? OE2 ? A GLU 143 OE2 
68 1 Y 1 A ILE 149 ? CD1 ? A ILE 149 CD1 
69 1 Y 1 A LYS 172 ? CD  ? A LYS 172 CD  
70 1 Y 1 A LYS 172 ? CE  ? A LYS 172 CE  
71 1 Y 1 A LYS 172 ? NZ  ? A LYS 172 NZ  
72 1 Y 1 A ARG 178 ? CG  ? A ARG 178 CG  
73 1 Y 1 A ARG 178 ? CD  ? A ARG 178 CD  
74 1 Y 1 A ARG 178 ? NE  ? A ARG 178 NE  
75 1 Y 1 A ARG 178 ? CZ  ? A ARG 178 CZ  
76 1 Y 1 A ARG 178 ? NH1 ? A ARG 178 NH1 
77 1 Y 1 A ARG 178 ? NH2 ? A ARG 178 NH2 
78 1 Y 1 A LYS 200 ? CD  ? A LYS 200 CD  
79 1 Y 1 A LYS 200 ? CE  ? A LYS 200 CE  
80 1 Y 1 A LYS 200 ? NZ  ? A LYS 200 NZ  
# 
loop_
_software.name 
_software.classification 
_software.version 
_software.citation_id 
_software.pdbx_ordinal 
REFMAC      refinement        5.2.0005 ? 1  
SBC-Collect 'data collection' .        ? 2  
HKL-2000    'data scaling'    .        ? 3  
HKL-3000    phasing           .        ? 4  
SHELXD      phasing           .        ? 5  
MLPHARE     phasing           .        ? 6  
DM          phasing           .        ? 7  
SOLVE       phasing           .        ? 8  
RESOLVE     phasing           .        ? 9  
O           'model building'  .        ? 10 
Coot        'model building'  .        ? 11 
CCP4        phasing           .        ? 12 
# 
_cell.entry_id           1Z77 
_cell.length_a           56.043 
_cell.length_b           65.684 
_cell.length_c           55.694 
_cell.angle_alpha        90.00 
_cell.angle_beta         90.00 
_cell.angle_gamma        90.00 
_cell.Z_PDB              4 
_cell.pdbx_unique_axis   ? 
_cell.length_a_esd       ? 
_cell.length_b_esd       ? 
_cell.length_c_esd       ? 
_cell.angle_alpha_esd    ? 
_cell.angle_beta_esd     ? 
_cell.angle_gamma_esd    ? 
# 
_symmetry.entry_id                         1Z77 
_symmetry.space_group_name_H-M             'P 21 21 2' 
_symmetry.pdbx_full_space_group_name_H-M   ? 
_symmetry.cell_setting                     ? 
_symmetry.Int_Tables_number                18 
_symmetry.space_group_name_Hall            ? 
# 
_exptl.entry_id          1Z77 
_exptl.method            'X-RAY DIFFRACTION' 
_exptl.crystals_number   2 
# 
_exptl_crystal.id                    1 
_exptl_crystal.density_meas          ? 
_exptl_crystal.density_Matthews      2.12 
_exptl_crystal.density_percent_sol   41.89 
_exptl_crystal.description           ? 
_exptl_crystal.F_000                 ? 
_exptl_crystal.preparation           ? 
# 
_exptl_crystal_grow.crystal_id      1 
_exptl_crystal_grow.method          'VAPOR DIFFUSION, HANGING DROP' 
_exptl_crystal_grow.temp            293 
_exptl_crystal_grow.temp_details    ? 
_exptl_crystal_grow.pH              4.5 
_exptl_crystal_grow.pdbx_details    
'0.05M Na citrate, 30% w/v PEG 2K MME, 0.1M KSCN, pH 4.5, VAPOR DIFFUSION, HANGING DROP, temperature 293K' 
_exptl_crystal_grow.pdbx_pH_range   . 
# 
loop_
_diffrn.id 
_diffrn.ambient_temp 
_diffrn.ambient_temp_details 
_diffrn.crystal_id 
1 100 ? 1 
2 100 ? 1 
# 
loop_
_diffrn_detector.diffrn_id 
_diffrn_detector.detector 
_diffrn_detector.type 
_diffrn_detector.pdbx_collection_date 
_diffrn_detector.details 
1 CCD 'ADSC QUANTUM 315' 2005-02-11 ? 
2 CCD SBC-3              2005-02-10 ? 
# 
loop_
_diffrn_radiation.diffrn_id 
_diffrn_radiation.wavelength_id 
_diffrn_radiation.pdbx_monochromatic_or_laue_m_l 
_diffrn_radiation.monochromator 
_diffrn_radiation.pdbx_diffrn_protocol 
_diffrn_radiation.pdbx_scattering_type 
1 1 M 'SI 111 CHANNEL' 'SINGLE WAVELENGTH' x-ray 
2 1 M 'SI 111 CHANNEL' 'SINGLE WAVELENGTH' x-ray 
# 
loop_
_diffrn_radiation_wavelength.id 
_diffrn_radiation_wavelength.wavelength 
_diffrn_radiation_wavelength.wt 
1 0.91932 1.0 
2 0.97932 1.0 
# 
loop_
_diffrn_source.diffrn_id 
_diffrn_source.source 
_diffrn_source.type 
_diffrn_source.pdbx_synchrotron_site 
_diffrn_source.pdbx_synchrotron_beamline 
_diffrn_source.pdbx_wavelength 
_diffrn_source.pdbx_wavelength_list 
1 SYNCHROTRON 'APS BEAMLINE 19-ID' APS 19-ID ? 0.91932 
2 SYNCHROTRON 'APS BEAMLINE 19-BM' APS 19-BM ? 0.97932 
# 
_reflns.entry_id                     1Z77 
_reflns.observed_criterion_sigma_F   ? 
_reflns.observed_criterion_sigma_I   -3.00 
_reflns.d_resolution_high            1.95 
_reflns.d_resolution_low             50.0 
_reflns.number_all                   ? 
_reflns.number_obs                   15569 
_reflns.percent_possible_obs         98.5 
_reflns.pdbx_Rmerge_I_obs            0.07 
_reflns.pdbx_Rsym_value              0.07 
_reflns.pdbx_netI_over_sigmaI        24.84 
_reflns.B_iso_Wilson_estimate        ? 
_reflns.pdbx_redundancy              8.1 
_reflns.R_free_details               ? 
_reflns.limit_h_max                  ? 
_reflns.limit_h_min                  ? 
_reflns.limit_k_max                  ? 
_reflns.limit_k_min                  ? 
_reflns.limit_l_max                  ? 
_reflns.limit_l_min                  ? 
_reflns.observed_criterion_F_max     ? 
_reflns.observed_criterion_F_min     ? 
_reflns.pdbx_chi_squared             ? 
_reflns.pdbx_scaling_rejects         ? 
_reflns.pdbx_diffrn_id               1,2 
_reflns.pdbx_ordinal                 1 
# 
_reflns_shell.d_res_high             1.95 
_reflns_shell.d_res_low              2.02 
_reflns_shell.percent_possible_all   100.0 
_reflns_shell.Rmerge_I_obs           0.539 
_reflns_shell.pdbx_Rsym_value        0.471 
_reflns_shell.meanI_over_sigI_obs    3.3 
_reflns_shell.pdbx_redundancy        8.6 
_reflns_shell.percent_possible_obs   ? 
_reflns_shell.number_unique_all      1531 
_reflns_shell.number_measured_all    ? 
_reflns_shell.number_measured_obs    ? 
_reflns_shell.number_unique_obs      ? 
_reflns_shell.pdbx_chi_squared       ? 
_reflns_shell.pdbx_diffrn_id         ? 
_reflns_shell.pdbx_ordinal           1 
# 
_refine.entry_id                                 1Z77 
_refine.ls_number_reflns_obs                     13472 
_refine.ls_number_reflns_all                     14438 
_refine.pdbx_ls_sigma_I                          ? 
_refine.pdbx_ls_sigma_F                          0 
_refine.pdbx_data_cutoff_high_absF               ? 
_refine.pdbx_data_cutoff_low_absF                ? 
_refine.pdbx_data_cutoff_high_rms_absF           ? 
_refine.ls_d_res_low                             50.0 
_refine.ls_d_res_high                            2.00 
_refine.ls_percent_reflns_obs                    98.26 
_refine.ls_R_factor_obs                          0.23129 
_refine.ls_R_factor_all                          0.23129 
_refine.ls_R_factor_R_work                       0.22944 
_refine.ls_R_factor_R_free                       0.26671 
_refine.ls_R_factor_R_free_error                 ? 
_refine.ls_R_factor_R_free_error_details         ? 
_refine.ls_percent_reflns_R_free                 5.0 
_refine.ls_number_reflns_R_free                  715 
_refine.ls_number_parameters                     ? 
_refine.ls_number_restraints                     ? 
_refine.occupancy_min                            ? 
_refine.occupancy_max                            ? 
_refine.correlation_coeff_Fo_to_Fc               0.931 
_refine.correlation_coeff_Fo_to_Fc_free          0.918 
_refine.B_iso_mean                               37.765 
_refine.aniso_B[1][1]                            -2.29 
_refine.aniso_B[2][2]                            1.53 
_refine.aniso_B[3][3]                            0.75 
_refine.aniso_B[1][2]                            0.00 
_refine.aniso_B[1][3]                            0.00 
_refine.aniso_B[2][3]                            0.00 
_refine.solvent_model_details                    MASK 
_refine.solvent_model_param_ksol                 ? 
_refine.solvent_model_param_bsol                 ? 
_refine.pdbx_solvent_vdw_probe_radii             1.20 
_refine.pdbx_solvent_ion_probe_radii             0.80 
_refine.pdbx_solvent_shrinkage_radii             0.80 
_refine.pdbx_ls_cross_valid_method               THROUGHOUT 
_refine.details                                  'HYDROGENS HAVE BEEN ADDED IN THE RIDING POSITIONS' 
_refine.pdbx_starting_model                      ? 
_refine.pdbx_method_to_determine_struct          SAD/SAD 
_refine.pdbx_isotropic_thermal_model             ? 
_refine.pdbx_stereochemistry_target_values       'MAXIMUM LIKELIHOOD' 
_refine.pdbx_stereochem_target_val_spec_case     ? 
_refine.pdbx_R_Free_selection_details            RANDOM 
_refine.pdbx_overall_ESU_R_Free                  0.190 
_refine.ls_redundancy_reflns_obs                 ? 
_refine.B_iso_min                                ? 
_refine.B_iso_max                                ? 
_refine.overall_SU_R_Cruickshank_DPI             ? 
_refine.overall_SU_R_free                        ? 
_refine.overall_SU_ML                            ? 
_refine.overall_SU_B                             ? 
_refine.pdbx_overall_ESU_R                       ? 
_refine.ls_wR_factor_R_free                      ? 
_refine.ls_wR_factor_R_work                      ? 
_refine.overall_FOM_free_R_set                   ? 
_refine.overall_FOM_work_R_set                   ? 
_refine.pdbx_refine_id                           'X-RAY DIFFRACTION' 
_refine.pdbx_diffrn_id                           1 
_refine.pdbx_TLS_residual_ADP_flag               ? 
_refine.pdbx_overall_phase_error                 ? 
_refine.pdbx_overall_SU_R_free_Cruickshank_DPI   ? 
_refine.pdbx_overall_SU_R_Blow_DPI               ? 
_refine.pdbx_overall_SU_R_free_Blow_DPI          ? 
# 
_refine_hist.pdbx_refine_id                   'X-RAY DIFFRACTION' 
_refine_hist.cycle_id                         LAST 
_refine_hist.pdbx_number_atoms_protein        1596 
_refine_hist.pdbx_number_atoms_nucleic_acid   0 
_refine_hist.pdbx_number_atoms_ligand         8 
_refine_hist.number_atoms_solvent             36 
_refine_hist.number_atoms_total               1640 
_refine_hist.d_res_high                       2.00 
_refine_hist.d_res_low                        50.0 
# 
loop_
_refine_ls_restr.type 
_refine_ls_restr.dev_ideal 
_refine_ls_restr.dev_ideal_target 
_refine_ls_restr.weight 
_refine_ls_restr.number 
_refine_ls_restr.pdbx_refine_id 
_refine_ls_restr.pdbx_restraint_function 
r_bond_refined_d         0.022  0.022  ? 1632 'X-RAY DIFFRACTION' ? 
r_angle_refined_deg      1.667  1.970  ? 2192 'X-RAY DIFFRACTION' ? 
r_dihedral_angle_1_deg   5.153  5.000  ? 199  'X-RAY DIFFRACTION' ? 
r_dihedral_angle_2_deg   33.921 24.533 ? 75   'X-RAY DIFFRACTION' ? 
r_dihedral_angle_3_deg   13.892 15.000 ? 298  'X-RAY DIFFRACTION' ? 
r_dihedral_angle_4_deg   16.246 15.000 ? 7    'X-RAY DIFFRACTION' ? 
r_chiral_restr           0.112  0.200  ? 244  'X-RAY DIFFRACTION' ? 
r_gen_planes_refined     0.007  0.020  ? 1204 'X-RAY DIFFRACTION' ? 
r_nbd_refined            0.219  0.200  ? 786  'X-RAY DIFFRACTION' ? 
r_nbtor_refined          0.310  0.200  ? 1179 'X-RAY DIFFRACTION' ? 
r_xyhbond_nbd_refined    0.162  0.200  ? 65   'X-RAY DIFFRACTION' ? 
r_symmetry_vdw_refined   0.194  0.200  ? 58   'X-RAY DIFFRACTION' ? 
r_symmetry_hbond_refined 0.176  0.200  ? 10   'X-RAY DIFFRACTION' ? 
r_mcbond_it              1.454  1.500  ? 1045 'X-RAY DIFFRACTION' ? 
r_mcangle_it             1.888  2.000  ? 1584 'X-RAY DIFFRACTION' ? 
r_scbond_it              3.631  3.000  ? 703  'X-RAY DIFFRACTION' ? 
r_scangle_it             4.916  4.500  ? 608  'X-RAY DIFFRACTION' ? 
# 
_refine_ls_shell.pdbx_total_number_of_bins_used   20 
_refine_ls_shell.d_res_high                       2.000 
_refine_ls_shell.d_res_low                        2.052 
_refine_ls_shell.number_reflns_R_work             996 
_refine_ls_shell.R_factor_R_work                  0.23 
_refine_ls_shell.percent_reflns_obs               100.00 
_refine_ls_shell.R_factor_R_free                  0.291 
_refine_ls_shell.R_factor_R_free_error            ? 
_refine_ls_shell.percent_reflns_R_free            ? 
_refine_ls_shell.number_reflns_R_free             61 
_refine_ls_shell.number_reflns_obs                ? 
_refine_ls_shell.redundancy_reflns_obs            ? 
_refine_ls_shell.number_reflns_all                ? 
_refine_ls_shell.R_factor_all                     ? 
_refine_ls_shell.pdbx_refine_id                   'X-RAY DIFFRACTION' 
# 
_struct.entry_id                  1Z77 
_struct.title                     'Crystal structure of transcriptional regulator protein from Thermotoga maritima.' 
_struct.pdbx_model_details        ? 
_struct.pdbx_CASP_flag            ? 
_struct.pdbx_model_type_details   ? 
# 
_struct_keywords.entry_id        1Z77 
_struct_keywords.pdbx_keywords   TRANSCRIPTION 
_struct_keywords.text            
;transcriptional regulator, TetR family, structural genomics, PSI, Protein Structure Initiative, Midwest Center for Structural Genomics, MCSG, TRANSCRIPTION
;
# 
loop_
_struct_asym.id 
_struct_asym.pdbx_blank_PDB_chainid_flag 
_struct_asym.pdbx_modified 
_struct_asym.entity_id 
_struct_asym.details 
A N N 1 ? 
B N N 2 ? 
C N N 2 ? 
D N N 3 ? 
# 
_struct_ref.id                         1 
_struct_ref.db_name                    UNP 
_struct_ref.db_code                    Q9X0C0_THEMA 
_struct_ref.pdbx_db_accession          Q9X0C0 
_struct_ref.entity_id                  1 
_struct_ref.pdbx_seq_one_letter_code   
;MLSKRDAILKAAVEVFGKKGYDRATTDEIAEKAGVAKGLIFHYFKNKEELYYQAYMSVTEKLQKEFENFLMKNRNRDIFD
FMERWIEKKLEYSASHPEEADFLITLVSVDEGLRKRILLDLEKSQRVFFDFVREKLKDLDLAEDVTEEIALKFLMWFFSG
FEEVYLRTYQGKPELLKRDMNTLVEEVKVMLRILKKGMTK
;
_struct_ref.pdbx_align_begin           1 
_struct_ref.pdbx_db_isoform            ? 
# 
_struct_ref_seq.align_id                      1 
_struct_ref_seq.ref_id                        1 
_struct_ref_seq.pdbx_PDB_id_code              1Z77 
_struct_ref_seq.pdbx_strand_id                A 
_struct_ref_seq.seq_align_beg                 1 
_struct_ref_seq.pdbx_seq_align_beg_ins_code   ? 
_struct_ref_seq.seq_align_end                 200 
_struct_ref_seq.pdbx_seq_align_end_ins_code   ? 
_struct_ref_seq.pdbx_db_accession             Q9X0C0 
_struct_ref_seq.db_align_beg                  1 
_struct_ref_seq.pdbx_db_align_beg_ins_code    ? 
_struct_ref_seq.db_align_end                  200 
_struct_ref_seq.pdbx_db_align_end_ins_code    ? 
_struct_ref_seq.pdbx_auth_seq_align_beg       1 
_struct_ref_seq.pdbx_auth_seq_align_end       200 
# 
loop_
_struct_ref_seq_dif.align_id 
_struct_ref_seq_dif.pdbx_pdb_id_code 
_struct_ref_seq_dif.mon_id 
_struct_ref_seq_dif.pdbx_pdb_strand_id 
_struct_ref_seq_dif.seq_num 
_struct_ref_seq_dif.pdbx_pdb_ins_code 
_struct_ref_seq_dif.pdbx_seq_db_name 
_struct_ref_seq_dif.pdbx_seq_db_accession_code 
_struct_ref_seq_dif.db_mon_id 
_struct_ref_seq_dif.pdbx_seq_db_seq_num 
_struct_ref_seq_dif.details 
_struct_ref_seq_dif.pdbx_auth_seq_num 
_struct_ref_seq_dif.pdbx_ordinal 
1 1Z77 MSE A 1   ? UNP Q9X0C0 MET 1   'modified residue' 1   1 
1 1Z77 MSE A 56  ? UNP Q9X0C0 MET 56  'modified residue' 56  2 
1 1Z77 MSE A 71  ? UNP Q9X0C0 MET 71  'modified residue' 71  3 
1 1Z77 MSE A 82  ? UNP Q9X0C0 MET 82  'modified residue' 82  4 
1 1Z77 MSE A 155 ? UNP Q9X0C0 MET 155 'modified residue' 155 5 
1 1Z77 MSE A 180 ? UNP Q9X0C0 MET 180 'modified residue' 180 6 
1 1Z77 MSE A 190 ? UNP Q9X0C0 MET 190 'modified residue' 190 7 
1 1Z77 MSE A 198 ? UNP Q9X0C0 MET 198 'modified residue' 198 8 
# 
_pdbx_struct_assembly.id                   1 
_pdbx_struct_assembly.details              software_defined_assembly 
_pdbx_struct_assembly.method_details       PISA 
_pdbx_struct_assembly.oligomeric_details   dimeric 
_pdbx_struct_assembly.oligomeric_count     2 
# 
loop_
_pdbx_struct_assembly_prop.biol_id 
_pdbx_struct_assembly_prop.type 
_pdbx_struct_assembly_prop.value 
_pdbx_struct_assembly_prop.details 
1 'ABSA (A^2)' 3110  ? 
1 MORE         -5    ? 
1 'SSA (A^2)'  20030 ? 
# 
_pdbx_struct_assembly_gen.assembly_id       1 
_pdbx_struct_assembly_gen.oper_expression   1,2 
_pdbx_struct_assembly_gen.asym_id_list      A,B,C,D 
# 
loop_
_pdbx_struct_oper_list.id 
_pdbx_struct_oper_list.type 
_pdbx_struct_oper_list.name 
_pdbx_struct_oper_list.symmetry_operation 
_pdbx_struct_oper_list.matrix[1][1] 
_pdbx_struct_oper_list.matrix[1][2] 
_pdbx_struct_oper_list.matrix[1][3] 
_pdbx_struct_oper_list.vector[1] 
_pdbx_struct_oper_list.matrix[2][1] 
_pdbx_struct_oper_list.matrix[2][2] 
_pdbx_struct_oper_list.matrix[2][3] 
_pdbx_struct_oper_list.vector[2] 
_pdbx_struct_oper_list.matrix[3][1] 
_pdbx_struct_oper_list.matrix[3][2] 
_pdbx_struct_oper_list.matrix[3][3] 
_pdbx_struct_oper_list.vector[3] 
1 'identity operation'         1_555 x,y,z     1.0000000000  0.0000000000 0.0000000000  0.0000000000  0.0000000000 1.0000000000  0.0000000000  0.0000000000   0.0000000000  0.0000000000  1.0000000000 0.0000000000  
2 'crystal symmetry operation' 2_565 -x,-y+1,z -0.8631146237 0.2996640520 -0.4064905932 18.7780290891 0.2996640520 -0.3439873092 -0.8898731298 -15.4675369016 -0.4064905932 -0.8898731298 0.2071019329 -5.0791512484 
# 
loop_
_struct_conf.conf_type_id 
_struct_conf.id 
_struct_conf.pdbx_PDB_helix_id 
_struct_conf.beg_label_comp_id 
_struct_conf.beg_label_asym_id 
_struct_conf.beg_label_seq_id 
_struct_conf.pdbx_beg_PDB_ins_code 
_struct_conf.end_label_comp_id 
_struct_conf.end_label_asym_id 
_struct_conf.end_label_seq_id 
_struct_conf.pdbx_end_PDB_ins_code 
_struct_conf.beg_auth_comp_id 
_struct_conf.beg_auth_asym_id 
_struct_conf.beg_auth_seq_id 
_struct_conf.end_auth_comp_id 
_struct_conf.end_auth_asym_id 
_struct_conf.end_auth_seq_id 
_struct_conf.pdbx_PDB_helix_class 
_struct_conf.details 
_struct_conf.pdbx_PDB_helix_length 
HELX_P HELX_P1  1  SER A 3   ? GLY A 20  ? SER A 3   GLY A 20  1 ? 18 
HELX_P HELX_P2  2  THR A 25  ? GLY A 34  ? THR A 25  GLY A 34  1 ? 10 
HELX_P HELX_P3  3  ALA A 36  ? LYS A 45  ? ALA A 36  LYS A 45  1 ? 10 
HELX_P HELX_P4  4  ASN A 46  ? ARG A 74  ? ASN A 46  ARG A 74  1 ? 29 
HELX_P HELX_P5  5  ASP A 77  ? HIS A 96  ? ASP A 77  HIS A 96  1 ? 20 
HELX_P HELX_P6  6  HIS A 96  ? ILE A 104 ? HIS A 96  ILE A 104 1 ? 9  
HELX_P HELX_P7  7  THR A 105 ? VAL A 107 ? THR A 105 VAL A 107 5 ? 3  
HELX_P HELX_P8  8  ASP A 110 ? LYS A 137 ? ASP A 110 LYS A 137 1 ? 28 
HELX_P HELX_P9  9  THR A 146 ? TYR A 169 ? THR A 146 TYR A 169 1 ? 24 
HELX_P HELX_P10 10 LYS A 172 ? THR A 199 ? LYS A 172 THR A 199 1 ? 28 
# 
_struct_conf_type.id          HELX_P 
_struct_conf_type.criteria    ? 
_struct_conf_type.reference   ? 
# 
loop_
_struct_conn.id 
_struct_conn.conn_type_id 
_struct_conn.pdbx_leaving_atom_flag 
_struct_conn.pdbx_PDB_id 
_struct_conn.ptnr1_label_asym_id 
_struct_conn.ptnr1_label_comp_id 
_struct_conn.ptnr1_label_seq_id 
_struct_conn.ptnr1_label_atom_id 
_struct_conn.pdbx_ptnr1_label_alt_id 
_struct_conn.pdbx_ptnr1_PDB_ins_code 
_struct_conn.pdbx_ptnr1_standard_comp_id 
_struct_conn.ptnr1_symmetry 
_struct_conn.ptnr2_label_asym_id 
_struct_conn.ptnr2_label_comp_id 
_struct_conn.ptnr2_label_seq_id 
_struct_conn.ptnr2_label_atom_id 
_struct_conn.pdbx_ptnr2_label_alt_id 
_struct_conn.pdbx_ptnr2_PDB_ins_code 
_struct_conn.ptnr1_auth_asym_id 
_struct_conn.ptnr1_auth_comp_id 
_struct_conn.ptnr1_auth_seq_id 
_struct_conn.ptnr2_auth_asym_id 
_struct_conn.ptnr2_auth_comp_id 
_struct_conn.ptnr2_auth_seq_id 
_struct_conn.ptnr2_symmetry 
_struct_conn.pdbx_ptnr3_label_atom_id 
_struct_conn.pdbx_ptnr3_label_seq_id 
_struct_conn.pdbx_ptnr3_label_comp_id 
_struct_conn.pdbx_ptnr3_label_asym_id 
_struct_conn.pdbx_ptnr3_label_alt_id 
_struct_conn.pdbx_ptnr3_PDB_ins_code 
_struct_conn.details 
_struct_conn.pdbx_dist_value 
_struct_conn.pdbx_value_order 
_struct_conn.pdbx_role 
covale1  covale both ? A MSE 1   C ? ? ? 1_555 A LEU 2   N ? ? A MSE 1   A LEU 2   1_555 ? ? ? ? ? ? ? 1.330 ? ? 
covale2  covale both ? A TYR 55  C ? ? ? 1_555 A MSE 56  N ? ? A TYR 55  A MSE 56  1_555 ? ? ? ? ? ? ? 1.355 ? ? 
covale3  covale both ? A MSE 56  C ? ? ? 1_555 A SER 57  N ? ? A MSE 56  A SER 57  1_555 ? ? ? ? ? ? ? 1.318 ? ? 
covale4  covale both ? A LEU 70  C ? ? ? 1_555 A MSE 71  N ? ? A LEU 70  A MSE 71  1_555 ? ? ? ? ? ? ? 1.338 ? ? 
covale5  covale both ? A MSE 71  C ? ? ? 1_555 A LYS 72  N ? ? A MSE 71  A LYS 72  1_555 ? ? ? ? ? ? ? 1.326 ? ? 
covale6  covale both ? A PHE 81  C ? ? ? 1_555 A MSE 82  N ? ? A PHE 81  A MSE 82  1_555 ? ? ? ? ? ? ? 1.327 ? ? 
covale7  covale both ? A MSE 82  C ? ? ? 1_555 A GLU 83  N ? ? A MSE 82  A GLU 83  1_555 ? ? ? ? ? ? ? 1.341 ? ? 
covale8  covale both ? A LEU 154 C ? ? ? 1_555 A MSE 155 N ? ? A LEU 154 A MSE 155 1_555 ? ? ? ? ? ? ? 1.347 ? ? 
covale9  covale both ? A MSE 155 C ? ? ? 1_555 A TRP 156 N ? ? A MSE 155 A TRP 156 1_555 ? ? ? ? ? ? ? 1.333 ? ? 
covale10 covale both ? A ASP 179 C ? ? ? 1_555 A MSE 180 N ? ? A ASP 179 A MSE 180 1_555 ? ? ? ? ? ? ? 1.330 ? ? 
covale11 covale both ? A MSE 180 C ? ? ? 1_555 A ASN 181 N ? ? A MSE 180 A ASN 181 1_555 ? ? ? ? ? ? ? 1.329 ? ? 
covale12 covale both ? A VAL 189 C ? ? ? 1_555 A MSE 190 N ? ? A VAL 189 A MSE 190 1_555 ? ? ? ? ? ? ? 1.338 ? ? 
covale13 covale both ? A MSE 190 C ? ? ? 1_555 A LEU 191 N ? ? A MSE 190 A LEU 191 1_555 ? ? ? ? ? ? ? 1.337 ? ? 
covale14 covale both ? A GLY 197 C ? ? ? 1_555 A MSE 198 N ? ? A GLY 197 A MSE 198 1_555 ? ? ? ? ? ? ? 1.327 ? ? 
covale15 covale both ? A MSE 198 C ? ? ? 1_555 A THR 199 N ? ? A MSE 198 A THR 199 1_555 ? ? ? ? ? ? ? 1.329 ? ? 
# 
_struct_conn_type.id          covale 
_struct_conn_type.criteria    ? 
_struct_conn_type.reference   ? 
# 
loop_
_pdbx_modification_feature.ordinal 
_pdbx_modification_feature.label_comp_id 
_pdbx_modification_feature.label_asym_id 
_pdbx_modification_feature.label_seq_id 
_pdbx_modification_feature.label_alt_id 
_pdbx_modification_feature.modified_residue_label_comp_id 
_pdbx_modification_feature.modified_residue_label_asym_id 
_pdbx_modification_feature.modified_residue_label_seq_id 
_pdbx_modification_feature.modified_residue_label_alt_id 
_pdbx_modification_feature.auth_comp_id 
_pdbx_modification_feature.auth_asym_id 
_pdbx_modification_feature.auth_seq_id 
_pdbx_modification_feature.PDB_ins_code 
_pdbx_modification_feature.symmetry 
_pdbx_modification_feature.modified_residue_auth_comp_id 
_pdbx_modification_feature.modified_residue_auth_asym_id 
_pdbx_modification_feature.modified_residue_auth_seq_id 
_pdbx_modification_feature.modified_residue_PDB_ins_code 
_pdbx_modification_feature.modified_residue_symmetry 
_pdbx_modification_feature.comp_id_linking_atom 
_pdbx_modification_feature.modified_residue_id_linking_atom 
_pdbx_modification_feature.modified_residue_id 
_pdbx_modification_feature.ref_pcm_id 
_pdbx_modification_feature.ref_comp_id 
_pdbx_modification_feature.type 
_pdbx_modification_feature.category 
1 MSE A 1   ? . . . . MSE A 1   ? 1_555 . . . . . . . MET 1 MSE Selenomethionine 'Named protein modification' 
2 MSE A 56  ? . . . . MSE A 56  ? 1_555 . . . . . . . MET 1 MSE Selenomethionine 'Named protein modification' 
3 MSE A 71  ? . . . . MSE A 71  ? 1_555 . . . . . . . MET 1 MSE Selenomethionine 'Named protein modification' 
4 MSE A 82  ? . . . . MSE A 82  ? 1_555 . . . . . . . MET 1 MSE Selenomethionine 'Named protein modification' 
5 MSE A 155 ? . . . . MSE A 155 ? 1_555 . . . . . . . MET 1 MSE Selenomethionine 'Named protein modification' 
6 MSE A 180 ? . . . . MSE A 180 ? 1_555 . . . . . . . MET 1 MSE Selenomethionine 'Named protein modification' 
7 MSE A 190 ? . . . . MSE A 190 ? 1_555 . . . . . . . MET 1 MSE Selenomethionine 'Named protein modification' 
8 MSE A 198 ? . . . . MSE A 198 ? 1_555 . . . . . . . MET 1 MSE Selenomethionine 'Named protein modification' 
# 
loop_
_struct_site.id 
_struct_site.pdbx_evidence_code 
_struct_site.pdbx_auth_asym_id 
_struct_site.pdbx_auth_comp_id 
_struct_site.pdbx_auth_seq_id 
_struct_site.pdbx_auth_ins_code 
_struct_site.pdbx_num_residues 
_struct_site.details 
AC1 Software A EDO 2201 ? 5 'BINDING SITE FOR RESIDUE EDO A 2201' 
AC2 Software A EDO 2202 ? 8 'BINDING SITE FOR RESIDUE EDO A 2202' 
# 
loop_
_struct_site_gen.id 
_struct_site_gen.site_id 
_struct_site_gen.pdbx_num_res 
_struct_site_gen.label_comp_id 
_struct_site_gen.label_asym_id 
_struct_site_gen.label_seq_id 
_struct_site_gen.pdbx_auth_ins_code 
_struct_site_gen.auth_comp_id 
_struct_site_gen.auth_asym_id 
_struct_site_gen.auth_seq_id 
_struct_site_gen.label_atom_id 
_struct_site_gen.label_alt_id 
_struct_site_gen.symmetry 
_struct_site_gen.details 
1  AC1 5 ALA A 36  ? ALA A 36   . ? 4_556 ? 
2  AC1 5 LYS A 37  ? LYS A 37   . ? 4_556 ? 
3  AC1 5 ARG A 76  ? ARG A 76   . ? 4_557 ? 
4  AC1 5 ASP A 77  ? ASP A 77   . ? 4_557 ? 
5  AC1 5 ASP A 80  ? ASP A 80   . ? 4_557 ? 
6  AC2 8 SER A 93  ? SER A 93   . ? 4_557 ? 
7  AC2 8 PRO A 97  ? PRO A 97   . ? 4_557 ? 
8  AC2 8 ALA A 100 ? ALA A 100  . ? 4_557 ? 
9  AC2 8 TYR A 169 ? TYR A 169  . ? 4_557 ? 
10 AC2 8 GLY A 171 ? GLY A 171  . ? 4_557 ? 
11 AC2 8 LYS A 172 ? LYS A 172  . ? 4_557 ? 
12 AC2 8 PRO A 173 ? PRO A 173  . ? 4_557 ? 
13 AC2 8 HOH D .   ? HOH A 2204 . ? 4_557 ? 
# 
_pdbx_entry_details.entry_id                   1Z77 
_pdbx_entry_details.compound_details           ? 
_pdbx_entry_details.source_details             ? 
_pdbx_entry_details.nonpolymer_details         ? 
_pdbx_entry_details.sequence_details           ? 
_pdbx_entry_details.has_ligand_of_interest     ? 
_pdbx_entry_details.has_protein_modification   Y 
# 
_pdbx_validate_rmsd_angle.id                         1 
_pdbx_validate_rmsd_angle.PDB_model_num              1 
_pdbx_validate_rmsd_angle.auth_atom_id_1             CG 
_pdbx_validate_rmsd_angle.auth_asym_id_1             A 
_pdbx_validate_rmsd_angle.auth_comp_id_1             MSE 
_pdbx_validate_rmsd_angle.auth_seq_id_1              180 
_pdbx_validate_rmsd_angle.PDB_ins_code_1             ? 
_pdbx_validate_rmsd_angle.label_alt_id_1             ? 
_pdbx_validate_rmsd_angle.auth_atom_id_2             SE 
_pdbx_validate_rmsd_angle.auth_asym_id_2             A 
_pdbx_validate_rmsd_angle.auth_comp_id_2             MSE 
_pdbx_validate_rmsd_angle.auth_seq_id_2              180 
_pdbx_validate_rmsd_angle.PDB_ins_code_2             ? 
_pdbx_validate_rmsd_angle.label_alt_id_2             ? 
_pdbx_validate_rmsd_angle.auth_atom_id_3             CE 
_pdbx_validate_rmsd_angle.auth_asym_id_3             A 
_pdbx_validate_rmsd_angle.auth_comp_id_3             MSE 
_pdbx_validate_rmsd_angle.auth_seq_id_3              180 
_pdbx_validate_rmsd_angle.PDB_ins_code_3             ? 
_pdbx_validate_rmsd_angle.label_alt_id_3             ? 
_pdbx_validate_rmsd_angle.angle_value                82.26 
_pdbx_validate_rmsd_angle.angle_target_value         98.90 
_pdbx_validate_rmsd_angle.angle_deviation            -16.64 
_pdbx_validate_rmsd_angle.angle_standard_deviation   2.20 
_pdbx_validate_rmsd_angle.linker_flag                N 
# 
loop_
_pdbx_validate_torsion.id 
_pdbx_validate_torsion.PDB_model_num 
_pdbx_validate_torsion.auth_comp_id 
_pdbx_validate_torsion.auth_asym_id 
_pdbx_validate_torsion.auth_seq_id 
_pdbx_validate_torsion.PDB_ins_code 
_pdbx_validate_torsion.label_alt_id 
_pdbx_validate_torsion.phi 
_pdbx_validate_torsion.psi 
1 1 LYS A 45  ? ? 82.87   -63.86 
2 1 SER A 108 ? ? -171.75 -28.11 
# 
_pdbx_SG_project.id                    1 
_pdbx_SG_project.project_name          'PSI, Protein Structure Initiative' 
_pdbx_SG_project.full_name_of_center   'Midwest Center for Structural Genomics' 
_pdbx_SG_project.initial_of_center     MCSG 
# 
loop_
_pdbx_struct_mod_residue.id 
_pdbx_struct_mod_residue.label_asym_id 
_pdbx_struct_mod_residue.label_comp_id 
_pdbx_struct_mod_residue.label_seq_id 
_pdbx_struct_mod_residue.auth_asym_id 
_pdbx_struct_mod_residue.auth_comp_id 
_pdbx_struct_mod_residue.auth_seq_id 
_pdbx_struct_mod_residue.PDB_ins_code 
_pdbx_struct_mod_residue.parent_comp_id 
_pdbx_struct_mod_residue.details 
1 A MSE 1   A MSE 1   ? MET SELENOMETHIONINE 
2 A MSE 56  A MSE 56  ? MET SELENOMETHIONINE 
3 A MSE 71  A MSE 71  ? MET SELENOMETHIONINE 
4 A MSE 82  A MSE 82  ? MET SELENOMETHIONINE 
5 A MSE 155 A MSE 155 ? MET SELENOMETHIONINE 
6 A MSE 180 A MSE 180 ? MET SELENOMETHIONINE 
7 A MSE 190 A MSE 190 ? MET SELENOMETHIONINE 
8 A MSE 198 A MSE 198 ? MET SELENOMETHIONINE 
# 
_pdbx_database_remark.id     300 
_pdbx_database_remark.text   
;BIOMOLECULE: 1
THIS ENTRY CONTAINS THE CRYSTALLOGRAPHIC ASYMMETRIC UNIT
WHICH CONSISTS OF 1 CHAIN(S). THE BIOLOGICAL MOLECULE 
IS UNKNOWN.
;
# 
loop_
_chem_comp_atom.comp_id 
_chem_comp_atom.atom_id 
_chem_comp_atom.type_symbol 
_chem_comp_atom.pdbx_aromatic_flag 
_chem_comp_atom.pdbx_stereo_config 
_chem_comp_atom.pdbx_ordinal 
ALA N    N  N N 1   
ALA CA   C  N S 2   
ALA C    C  N N 3   
ALA O    O  N N 4   
ALA CB   C  N N 5   
ALA OXT  O  N N 6   
ALA H    H  N N 7   
ALA H2   H  N N 8   
ALA HA   H  N N 9   
ALA HB1  H  N N 10  
ALA HB2  H  N N 11  
ALA HB3  H  N N 12  
ALA HXT  H  N N 13  
ARG N    N  N N 14  
ARG CA   C  N S 15  
ARG C    C  N N 16  
ARG O    O  N N 17  
ARG CB   C  N N 18  
ARG CG   C  N N 19  
ARG CD   C  N N 20  
ARG NE   N  N N 21  
ARG CZ   C  N N 22  
ARG NH1  N  N N 23  
ARG NH2  N  N N 24  
ARG OXT  O  N N 25  
ARG H    H  N N 26  
ARG H2   H  N N 27  
ARG HA   H  N N 28  
ARG HB2  H  N N 29  
ARG HB3  H  N N 30  
ARG HG2  H  N N 31  
ARG HG3  H  N N 32  
ARG HD2  H  N N 33  
ARG HD3  H  N N 34  
ARG HE   H  N N 35  
ARG HH11 H  N N 36  
ARG HH12 H  N N 37  
ARG HH21 H  N N 38  
ARG HH22 H  N N 39  
ARG HXT  H  N N 40  
ASN N    N  N N 41  
ASN CA   C  N S 42  
ASN C    C  N N 43  
ASN O    O  N N 44  
ASN CB   C  N N 45  
ASN CG   C  N N 46  
ASN OD1  O  N N 47  
ASN ND2  N  N N 48  
ASN OXT  O  N N 49  
ASN H    H  N N 50  
ASN H2   H  N N 51  
ASN HA   H  N N 52  
ASN HB2  H  N N 53  
ASN HB3  H  N N 54  
ASN HD21 H  N N 55  
ASN HD22 H  N N 56  
ASN HXT  H  N N 57  
ASP N    N  N N 58  
ASP CA   C  N S 59  
ASP C    C  N N 60  
ASP O    O  N N 61  
ASP CB   C  N N 62  
ASP CG   C  N N 63  
ASP OD1  O  N N 64  
ASP OD2  O  N N 65  
ASP OXT  O  N N 66  
ASP H    H  N N 67  
ASP H2   H  N N 68  
ASP HA   H  N N 69  
ASP HB2  H  N N 70  
ASP HB3  H  N N 71  
ASP HD2  H  N N 72  
ASP HXT  H  N N 73  
EDO C1   C  N N 74  
EDO O1   O  N N 75  
EDO C2   C  N N 76  
EDO O2   O  N N 77  
EDO H11  H  N N 78  
EDO H12  H  N N 79  
EDO HO1  H  N N 80  
EDO H21  H  N N 81  
EDO H22  H  N N 82  
EDO HO2  H  N N 83  
GLN N    N  N N 84  
GLN CA   C  N S 85  
GLN C    C  N N 86  
GLN O    O  N N 87  
GLN CB   C  N N 88  
GLN CG   C  N N 89  
GLN CD   C  N N 90  
GLN OE1  O  N N 91  
GLN NE2  N  N N 92  
GLN OXT  O  N N 93  
GLN H    H  N N 94  
GLN H2   H  N N 95  
GLN HA   H  N N 96  
GLN HB2  H  N N 97  
GLN HB3  H  N N 98  
GLN HG2  H  N N 99  
GLN HG3  H  N N 100 
GLN HE21 H  N N 101 
GLN HE22 H  N N 102 
GLN HXT  H  N N 103 
GLU N    N  N N 104 
GLU CA   C  N S 105 
GLU C    C  N N 106 
GLU O    O  N N 107 
GLU CB   C  N N 108 
GLU CG   C  N N 109 
GLU CD   C  N N 110 
GLU OE1  O  N N 111 
GLU OE2  O  N N 112 
GLU OXT  O  N N 113 
GLU H    H  N N 114 
GLU H2   H  N N 115 
GLU HA   H  N N 116 
GLU HB2  H  N N 117 
GLU HB3  H  N N 118 
GLU HG2  H  N N 119 
GLU HG3  H  N N 120 
GLU HE2  H  N N 121 
GLU HXT  H  N N 122 
GLY N    N  N N 123 
GLY CA   C  N N 124 
GLY C    C  N N 125 
GLY O    O  N N 126 
GLY OXT  O  N N 127 
GLY H    H  N N 128 
GLY H2   H  N N 129 
GLY HA2  H  N N 130 
GLY HA3  H  N N 131 
GLY HXT  H  N N 132 
HIS N    N  N N 133 
HIS CA   C  N S 134 
HIS C    C  N N 135 
HIS O    O  N N 136 
HIS CB   C  N N 137 
HIS CG   C  Y N 138 
HIS ND1  N  Y N 139 
HIS CD2  C  Y N 140 
HIS CE1  C  Y N 141 
HIS NE2  N  Y N 142 
HIS OXT  O  N N 143 
HIS H    H  N N 144 
HIS H2   H  N N 145 
HIS HA   H  N N 146 
HIS HB2  H  N N 147 
HIS HB3  H  N N 148 
HIS HD1  H  N N 149 
HIS HD2  H  N N 150 
HIS HE1  H  N N 151 
HIS HE2  H  N N 152 
HIS HXT  H  N N 153 
HOH O    O  N N 154 
HOH H1   H  N N 155 
HOH H2   H  N N 156 
ILE N    N  N N 157 
ILE CA   C  N S 158 
ILE C    C  N N 159 
ILE O    O  N N 160 
ILE CB   C  N S 161 
ILE CG1  C  N N 162 
ILE CG2  C  N N 163 
ILE CD1  C  N N 164 
ILE OXT  O  N N 165 
ILE H    H  N N 166 
ILE H2   H  N N 167 
ILE HA   H  N N 168 
ILE HB   H  N N 169 
ILE HG12 H  N N 170 
ILE HG13 H  N N 171 
ILE HG21 H  N N 172 
ILE HG22 H  N N 173 
ILE HG23 H  N N 174 
ILE HD11 H  N N 175 
ILE HD12 H  N N 176 
ILE HD13 H  N N 177 
ILE HXT  H  N N 178 
LEU N    N  N N 179 
LEU CA   C  N S 180 
LEU C    C  N N 181 
LEU O    O  N N 182 
LEU CB   C  N N 183 
LEU CG   C  N N 184 
LEU CD1  C  N N 185 
LEU CD2  C  N N 186 
LEU OXT  O  N N 187 
LEU H    H  N N 188 
LEU H2   H  N N 189 
LEU HA   H  N N 190 
LEU HB2  H  N N 191 
LEU HB3  H  N N 192 
LEU HG   H  N N 193 
LEU HD11 H  N N 194 
LEU HD12 H  N N 195 
LEU HD13 H  N N 196 
LEU HD21 H  N N 197 
LEU HD22 H  N N 198 
LEU HD23 H  N N 199 
LEU HXT  H  N N 200 
LYS N    N  N N 201 
LYS CA   C  N S 202 
LYS C    C  N N 203 
LYS O    O  N N 204 
LYS CB   C  N N 205 
LYS CG   C  N N 206 
LYS CD   C  N N 207 
LYS CE   C  N N 208 
LYS NZ   N  N N 209 
LYS OXT  O  N N 210 
LYS H    H  N N 211 
LYS H2   H  N N 212 
LYS HA   H  N N 213 
LYS HB2  H  N N 214 
LYS HB3  H  N N 215 
LYS HG2  H  N N 216 
LYS HG3  H  N N 217 
LYS HD2  H  N N 218 
LYS HD3  H  N N 219 
LYS HE2  H  N N 220 
LYS HE3  H  N N 221 
LYS HZ1  H  N N 222 
LYS HZ2  H  N N 223 
LYS HZ3  H  N N 224 
LYS HXT  H  N N 225 
MET N    N  N N 226 
MET CA   C  N S 227 
MET C    C  N N 228 
MET O    O  N N 229 
MET CB   C  N N 230 
MET CG   C  N N 231 
MET SD   S  N N 232 
MET CE   C  N N 233 
MET OXT  O  N N 234 
MET H    H  N N 235 
MET H2   H  N N 236 
MET HA   H  N N 237 
MET HB2  H  N N 238 
MET HB3  H  N N 239 
MET HG2  H  N N 240 
MET HG3  H  N N 241 
MET HE1  H  N N 242 
MET HE2  H  N N 243 
MET HE3  H  N N 244 
MET HXT  H  N N 245 
MSE N    N  N N 246 
MSE CA   C  N S 247 
MSE C    C  N N 248 
MSE O    O  N N 249 
MSE OXT  O  N N 250 
MSE CB   C  N N 251 
MSE CG   C  N N 252 
MSE SE   SE N N 253 
MSE CE   C  N N 254 
MSE H    H  N N 255 
MSE H2   H  N N 256 
MSE HA   H  N N 257 
MSE HXT  H  N N 258 
MSE HB2  H  N N 259 
MSE HB3  H  N N 260 
MSE HG2  H  N N 261 
MSE HG3  H  N N 262 
MSE HE1  H  N N 263 
MSE HE2  H  N N 264 
MSE HE3  H  N N 265 
PHE N    N  N N 266 
PHE CA   C  N S 267 
PHE C    C  N N 268 
PHE O    O  N N 269 
PHE CB   C  N N 270 
PHE CG   C  Y N 271 
PHE CD1  C  Y N 272 
PHE CD2  C  Y N 273 
PHE CE1  C  Y N 274 
PHE CE2  C  Y N 275 
PHE CZ   C  Y N 276 
PHE OXT  O  N N 277 
PHE H    H  N N 278 
PHE H2   H  N N 279 
PHE HA   H  N N 280 
PHE HB2  H  N N 281 
PHE HB3  H  N N 282 
PHE HD1  H  N N 283 
PHE HD2  H  N N 284 
PHE HE1  H  N N 285 
PHE HE2  H  N N 286 
PHE HZ   H  N N 287 
PHE HXT  H  N N 288 
PRO N    N  N N 289 
PRO CA   C  N S 290 
PRO C    C  N N 291 
PRO O    O  N N 292 
PRO CB   C  N N 293 
PRO CG   C  N N 294 
PRO CD   C  N N 295 
PRO OXT  O  N N 296 
PRO H    H  N N 297 
PRO HA   H  N N 298 
PRO HB2  H  N N 299 
PRO HB3  H  N N 300 
PRO HG2  H  N N 301 
PRO HG3  H  N N 302 
PRO HD2  H  N N 303 
PRO HD3  H  N N 304 
PRO HXT  H  N N 305 
SER N    N  N N 306 
SER CA   C  N S 307 
SER C    C  N N 308 
SER O    O  N N 309 
SER CB   C  N N 310 
SER OG   O  N N 311 
SER OXT  O  N N 312 
SER H    H  N N 313 
SER H2   H  N N 314 
SER HA   H  N N 315 
SER HB2  H  N N 316 
SER HB3  H  N N 317 
SER HG   H  N N 318 
SER HXT  H  N N 319 
THR N    N  N N 320 
THR CA   C  N S 321 
THR C    C  N N 322 
THR O    O  N N 323 
THR CB   C  N R 324 
THR OG1  O  N N 325 
THR CG2  C  N N 326 
THR OXT  O  N N 327 
THR H    H  N N 328 
THR H2   H  N N 329 
THR HA   H  N N 330 
THR HB   H  N N 331 
THR HG1  H  N N 332 
THR HG21 H  N N 333 
THR HG22 H  N N 334 
THR HG23 H  N N 335 
THR HXT  H  N N 336 
TRP N    N  N N 337 
TRP CA   C  N S 338 
TRP C    C  N N 339 
TRP O    O  N N 340 
TRP CB   C  N N 341 
TRP CG   C  Y N 342 
TRP CD1  C  Y N 343 
TRP CD2  C  Y N 344 
TRP NE1  N  Y N 345 
TRP CE2  C  Y N 346 
TRP CE3  C  Y N 347 
TRP CZ2  C  Y N 348 
TRP CZ3  C  Y N 349 
TRP CH2  C  Y N 350 
TRP OXT  O  N N 351 
TRP H    H  N N 352 
TRP H2   H  N N 353 
TRP HA   H  N N 354 
TRP HB2  H  N N 355 
TRP HB3  H  N N 356 
TRP HD1  H  N N 357 
TRP HE1  H  N N 358 
TRP HE3  H  N N 359 
TRP HZ2  H  N N 360 
TRP HZ3  H  N N 361 
TRP HH2  H  N N 362 
TRP HXT  H  N N 363 
TYR N    N  N N 364 
TYR CA   C  N S 365 
TYR C    C  N N 366 
TYR O    O  N N 367 
TYR CB   C  N N 368 
TYR CG   C  Y N 369 
TYR CD1  C  Y N 370 
TYR CD2  C  Y N 371 
TYR CE1  C  Y N 372 
TYR CE2  C  Y N 373 
TYR CZ   C  Y N 374 
TYR OH   O  N N 375 
TYR OXT  O  N N 376 
TYR H    H  N N 377 
TYR H2   H  N N 378 
TYR HA   H  N N 379 
TYR HB2  H  N N 380 
TYR HB3  H  N N 381 
TYR HD1  H  N N 382 
TYR HD2  H  N N 383 
TYR HE1  H  N N 384 
TYR HE2  H  N N 385 
TYR HH   H  N N 386 
TYR HXT  H  N N 387 
VAL N    N  N N 388 
VAL CA   C  N S 389 
VAL C    C  N N 390 
VAL O    O  N N 391 
VAL CB   C  N N 392 
VAL CG1  C  N N 393 
VAL CG2  C  N N 394 
VAL OXT  O  N N 395 
VAL H    H  N N 396 
VAL H2   H  N N 397 
VAL HA   H  N N 398 
VAL HB   H  N N 399 
VAL HG11 H  N N 400 
VAL HG12 H  N N 401 
VAL HG13 H  N N 402 
VAL HG21 H  N N 403 
VAL HG22 H  N N 404 
VAL HG23 H  N N 405 
VAL HXT  H  N N 406 
# 
loop_
_chem_comp_bond.comp_id 
_chem_comp_bond.atom_id_1 
_chem_comp_bond.atom_id_2 
_chem_comp_bond.value_order 
_chem_comp_bond.pdbx_aromatic_flag 
_chem_comp_bond.pdbx_stereo_config 
_chem_comp_bond.pdbx_ordinal 
ALA N   CA   sing N N 1   
ALA N   H    sing N N 2   
ALA N   H2   sing N N 3   
ALA CA  C    sing N N 4   
ALA CA  CB   sing N N 5   
ALA CA  HA   sing N N 6   
ALA C   O    doub N N 7   
ALA C   OXT  sing N N 8   
ALA CB  HB1  sing N N 9   
ALA CB  HB2  sing N N 10  
ALA CB  HB3  sing N N 11  
ALA OXT HXT  sing N N 12  
ARG N   CA   sing N N 13  
ARG N   H    sing N N 14  
ARG N   H2   sing N N 15  
ARG CA  C    sing N N 16  
ARG CA  CB   sing N N 17  
ARG CA  HA   sing N N 18  
ARG C   O    doub N N 19  
ARG C   OXT  sing N N 20  
ARG CB  CG   sing N N 21  
ARG CB  HB2  sing N N 22  
ARG CB  HB3  sing N N 23  
ARG CG  CD   sing N N 24  
ARG CG  HG2  sing N N 25  
ARG CG  HG3  sing N N 26  
ARG CD  NE   sing N N 27  
ARG CD  HD2  sing N N 28  
ARG CD  HD3  sing N N 29  
ARG NE  CZ   sing N N 30  
ARG NE  HE   sing N N 31  
ARG CZ  NH1  sing N N 32  
ARG CZ  NH2  doub N N 33  
ARG NH1 HH11 sing N N 34  
ARG NH1 HH12 sing N N 35  
ARG NH2 HH21 sing N N 36  
ARG NH2 HH22 sing N N 37  
ARG OXT HXT  sing N N 38  
ASN N   CA   sing N N 39  
ASN N   H    sing N N 40  
ASN N   H2   sing N N 41  
ASN CA  C    sing N N 42  
ASN CA  CB   sing N N 43  
ASN CA  HA   sing N N 44  
ASN C   O    doub N N 45  
ASN C   OXT  sing N N 46  
ASN CB  CG   sing N N 47  
ASN CB  HB2  sing N N 48  
ASN CB  HB3  sing N N 49  
ASN CG  OD1  doub N N 50  
ASN CG  ND2  sing N N 51  
ASN ND2 HD21 sing N N 52  
ASN ND2 HD22 sing N N 53  
ASN OXT HXT  sing N N 54  
ASP N   CA   sing N N 55  
ASP N   H    sing N N 56  
ASP N   H2   sing N N 57  
ASP CA  C    sing N N 58  
ASP CA  CB   sing N N 59  
ASP CA  HA   sing N N 60  
ASP C   O    doub N N 61  
ASP C   OXT  sing N N 62  
ASP CB  CG   sing N N 63  
ASP CB  HB2  sing N N 64  
ASP CB  HB3  sing N N 65  
ASP CG  OD1  doub N N 66  
ASP CG  OD2  sing N N 67  
ASP OD2 HD2  sing N N 68  
ASP OXT HXT  sing N N 69  
EDO C1  O1   sing N N 70  
EDO C1  C2   sing N N 71  
EDO C1  H11  sing N N 72  
EDO C1  H12  sing N N 73  
EDO O1  HO1  sing N N 74  
EDO C2  O2   sing N N 75  
EDO C2  H21  sing N N 76  
EDO C2  H22  sing N N 77  
EDO O2  HO2  sing N N 78  
GLN N   CA   sing N N 79  
GLN N   H    sing N N 80  
GLN N   H2   sing N N 81  
GLN CA  C    sing N N 82  
GLN CA  CB   sing N N 83  
GLN CA  HA   sing N N 84  
GLN C   O    doub N N 85  
GLN C   OXT  sing N N 86  
GLN CB  CG   sing N N 87  
GLN CB  HB2  sing N N 88  
GLN CB  HB3  sing N N 89  
GLN CG  CD   sing N N 90  
GLN CG  HG2  sing N N 91  
GLN CG  HG3  sing N N 92  
GLN CD  OE1  doub N N 93  
GLN CD  NE2  sing N N 94  
GLN NE2 HE21 sing N N 95  
GLN NE2 HE22 sing N N 96  
GLN OXT HXT  sing N N 97  
GLU N   CA   sing N N 98  
GLU N   H    sing N N 99  
GLU N   H2   sing N N 100 
GLU CA  C    sing N N 101 
GLU CA  CB   sing N N 102 
GLU CA  HA   sing N N 103 
GLU C   O    doub N N 104 
GLU C   OXT  sing N N 105 
GLU CB  CG   sing N N 106 
GLU CB  HB2  sing N N 107 
GLU CB  HB3  sing N N 108 
GLU CG  CD   sing N N 109 
GLU CG  HG2  sing N N 110 
GLU CG  HG3  sing N N 111 
GLU CD  OE1  doub N N 112 
GLU CD  OE2  sing N N 113 
GLU OE2 HE2  sing N N 114 
GLU OXT HXT  sing N N 115 
GLY N   CA   sing N N 116 
GLY N   H    sing N N 117 
GLY N   H2   sing N N 118 
GLY CA  C    sing N N 119 
GLY CA  HA2  sing N N 120 
GLY CA  HA3  sing N N 121 
GLY C   O    doub N N 122 
GLY C   OXT  sing N N 123 
GLY OXT HXT  sing N N 124 
HIS N   CA   sing N N 125 
HIS N   H    sing N N 126 
HIS N   H2   sing N N 127 
HIS CA  C    sing N N 128 
HIS CA  CB   sing N N 129 
HIS CA  HA   sing N N 130 
HIS C   O    doub N N 131 
HIS C   OXT  sing N N 132 
HIS CB  CG   sing N N 133 
HIS CB  HB2  sing N N 134 
HIS CB  HB3  sing N N 135 
HIS CG  ND1  sing Y N 136 
HIS CG  CD2  doub Y N 137 
HIS ND1 CE1  doub Y N 138 
HIS ND1 HD1  sing N N 139 
HIS CD2 NE2  sing Y N 140 
HIS CD2 HD2  sing N N 141 
HIS CE1 NE2  sing Y N 142 
HIS CE1 HE1  sing N N 143 
HIS NE2 HE2  sing N N 144 
HIS OXT HXT  sing N N 145 
HOH O   H1   sing N N 146 
HOH O   H2   sing N N 147 
ILE N   CA   sing N N 148 
ILE N   H    sing N N 149 
ILE N   H2   sing N N 150 
ILE CA  C    sing N N 151 
ILE CA  CB   sing N N 152 
ILE CA  HA   sing N N 153 
ILE C   O    doub N N 154 
ILE C   OXT  sing N N 155 
ILE CB  CG1  sing N N 156 
ILE CB  CG2  sing N N 157 
ILE CB  HB   sing N N 158 
ILE CG1 CD1  sing N N 159 
ILE CG1 HG12 sing N N 160 
ILE CG1 HG13 sing N N 161 
ILE CG2 HG21 sing N N 162 
ILE CG2 HG22 sing N N 163 
ILE CG2 HG23 sing N N 164 
ILE CD1 HD11 sing N N 165 
ILE CD1 HD12 sing N N 166 
ILE CD1 HD13 sing N N 167 
ILE OXT HXT  sing N N 168 
LEU N   CA   sing N N 169 
LEU N   H    sing N N 170 
LEU N   H2   sing N N 171 
LEU CA  C    sing N N 172 
LEU CA  CB   sing N N 173 
LEU CA  HA   sing N N 174 
LEU C   O    doub N N 175 
LEU C   OXT  sing N N 176 
LEU CB  CG   sing N N 177 
LEU CB  HB2  sing N N 178 
LEU CB  HB3  sing N N 179 
LEU CG  CD1  sing N N 180 
LEU CG  CD2  sing N N 181 
LEU CG  HG   sing N N 182 
LEU CD1 HD11 sing N N 183 
LEU CD1 HD12 sing N N 184 
LEU CD1 HD13 sing N N 185 
LEU CD2 HD21 sing N N 186 
LEU CD2 HD22 sing N N 187 
LEU CD2 HD23 sing N N 188 
LEU OXT HXT  sing N N 189 
LYS N   CA   sing N N 190 
LYS N   H    sing N N 191 
LYS N   H2   sing N N 192 
LYS CA  C    sing N N 193 
LYS CA  CB   sing N N 194 
LYS CA  HA   sing N N 195 
LYS C   O    doub N N 196 
LYS C   OXT  sing N N 197 
LYS CB  CG   sing N N 198 
LYS CB  HB2  sing N N 199 
LYS CB  HB3  sing N N 200 
LYS CG  CD   sing N N 201 
LYS CG  HG2  sing N N 202 
LYS CG  HG3  sing N N 203 
LYS CD  CE   sing N N 204 
LYS CD  HD2  sing N N 205 
LYS CD  HD3  sing N N 206 
LYS CE  NZ   sing N N 207 
LYS CE  HE2  sing N N 208 
LYS CE  HE3  sing N N 209 
LYS NZ  HZ1  sing N N 210 
LYS NZ  HZ2  sing N N 211 
LYS NZ  HZ3  sing N N 212 
LYS OXT HXT  sing N N 213 
MET N   CA   sing N N 214 
MET N   H    sing N N 215 
MET N   H2   sing N N 216 
MET CA  C    sing N N 217 
MET CA  CB   sing N N 218 
MET CA  HA   sing N N 219 
MET C   O    doub N N 220 
MET C   OXT  sing N N 221 
MET CB  CG   sing N N 222 
MET CB  HB2  sing N N 223 
MET CB  HB3  sing N N 224 
MET CG  SD   sing N N 225 
MET CG  HG2  sing N N 226 
MET CG  HG3  sing N N 227 
MET SD  CE   sing N N 228 
MET CE  HE1  sing N N 229 
MET CE  HE2  sing N N 230 
MET CE  HE3  sing N N 231 
MET OXT HXT  sing N N 232 
MSE N   CA   sing N N 233 
MSE N   H    sing N N 234 
MSE N   H2   sing N N 235 
MSE CA  C    sing N N 236 
MSE CA  CB   sing N N 237 
MSE CA  HA   sing N N 238 
MSE C   O    doub N N 239 
MSE C   OXT  sing N N 240 
MSE OXT HXT  sing N N 241 
MSE CB  CG   sing N N 242 
MSE CB  HB2  sing N N 243 
MSE CB  HB3  sing N N 244 
MSE CG  SE   sing N N 245 
MSE CG  HG2  sing N N 246 
MSE CG  HG3  sing N N 247 
MSE SE  CE   sing N N 248 
MSE CE  HE1  sing N N 249 
MSE CE  HE2  sing N N 250 
MSE CE  HE3  sing N N 251 
PHE N   CA   sing N N 252 
PHE N   H    sing N N 253 
PHE N   H2   sing N N 254 
PHE CA  C    sing N N 255 
PHE CA  CB   sing N N 256 
PHE CA  HA   sing N N 257 
PHE C   O    doub N N 258 
PHE C   OXT  sing N N 259 
PHE CB  CG   sing N N 260 
PHE CB  HB2  sing N N 261 
PHE CB  HB3  sing N N 262 
PHE CG  CD1  doub Y N 263 
PHE CG  CD2  sing Y N 264 
PHE CD1 CE1  sing Y N 265 
PHE CD1 HD1  sing N N 266 
PHE CD2 CE2  doub Y N 267 
PHE CD2 HD2  sing N N 268 
PHE CE1 CZ   doub Y N 269 
PHE CE1 HE1  sing N N 270 
PHE CE2 CZ   sing Y N 271 
PHE CE2 HE2  sing N N 272 
PHE CZ  HZ   sing N N 273 
PHE OXT HXT  sing N N 274 
PRO N   CA   sing N N 275 
PRO N   CD   sing N N 276 
PRO N   H    sing N N 277 
PRO CA  C    sing N N 278 
PRO CA  CB   sing N N 279 
PRO CA  HA   sing N N 280 
PRO C   O    doub N N 281 
PRO C   OXT  sing N N 282 
PRO CB  CG   sing N N 283 
PRO CB  HB2  sing N N 284 
PRO CB  HB3  sing N N 285 
PRO CG  CD   sing N N 286 
PRO CG  HG2  sing N N 287 
PRO CG  HG3  sing N N 288 
PRO CD  HD2  sing N N 289 
PRO CD  HD3  sing N N 290 
PRO OXT HXT  sing N N 291 
SER N   CA   sing N N 292 
SER N   H    sing N N 293 
SER N   H2   sing N N 294 
SER CA  C    sing N N 295 
SER CA  CB   sing N N 296 
SER CA  HA   sing N N 297 
SER C   O    doub N N 298 
SER C   OXT  sing N N 299 
SER CB  OG   sing N N 300 
SER CB  HB2  sing N N 301 
SER CB  HB3  sing N N 302 
SER OG  HG   sing N N 303 
SER OXT HXT  sing N N 304 
THR N   CA   sing N N 305 
THR N   H    sing N N 306 
THR N   H2   sing N N 307 
THR CA  C    sing N N 308 
THR CA  CB   sing N N 309 
THR CA  HA   sing N N 310 
THR C   O    doub N N 311 
THR C   OXT  sing N N 312 
THR CB  OG1  sing N N 313 
THR CB  CG2  sing N N 314 
THR CB  HB   sing N N 315 
THR OG1 HG1  sing N N 316 
THR CG2 HG21 sing N N 317 
THR CG2 HG22 sing N N 318 
THR CG2 HG23 sing N N 319 
THR OXT HXT  sing N N 320 
TRP N   CA   sing N N 321 
TRP N   H    sing N N 322 
TRP N   H2   sing N N 323 
TRP CA  C    sing N N 324 
TRP CA  CB   sing N N 325 
TRP CA  HA   sing N N 326 
TRP C   O    doub N N 327 
TRP C   OXT  sing N N 328 
TRP CB  CG   sing N N 329 
TRP CB  HB2  sing N N 330 
TRP CB  HB3  sing N N 331 
TRP CG  CD1  doub Y N 332 
TRP CG  CD2  sing Y N 333 
TRP CD1 NE1  sing Y N 334 
TRP CD1 HD1  sing N N 335 
TRP CD2 CE2  doub Y N 336 
TRP CD2 CE3  sing Y N 337 
TRP NE1 CE2  sing Y N 338 
TRP NE1 HE1  sing N N 339 
TRP CE2 CZ2  sing Y N 340 
TRP CE3 CZ3  doub Y N 341 
TRP CE3 HE3  sing N N 342 
TRP CZ2 CH2  doub Y N 343 
TRP CZ2 HZ2  sing N N 344 
TRP CZ3 CH2  sing Y N 345 
TRP CZ3 HZ3  sing N N 346 
TRP CH2 HH2  sing N N 347 
TRP OXT HXT  sing N N 348 
TYR N   CA   sing N N 349 
TYR N   H    sing N N 350 
TYR N   H2   sing N N 351 
TYR CA  C    sing N N 352 
TYR CA  CB   sing N N 353 
TYR CA  HA   sing N N 354 
TYR C   O    doub N N 355 
TYR C   OXT  sing N N 356 
TYR CB  CG   sing N N 357 
TYR CB  HB2  sing N N 358 
TYR CB  HB3  sing N N 359 
TYR CG  CD1  doub Y N 360 
TYR CG  CD2  sing Y N 361 
TYR CD1 CE1  sing Y N 362 
TYR CD1 HD1  sing N N 363 
TYR CD2 CE2  doub Y N 364 
TYR CD2 HD2  sing N N 365 
TYR CE1 CZ   doub Y N 366 
TYR CE1 HE1  sing N N 367 
TYR CE2 CZ   sing Y N 368 
TYR CE2 HE2  sing N N 369 
TYR CZ  OH   sing N N 370 
TYR OH  HH   sing N N 371 
TYR OXT HXT  sing N N 372 
VAL N   CA   sing N N 373 
VAL N   H    sing N N 374 
VAL N   H2   sing N N 375 
VAL CA  C    sing N N 376 
VAL CA  CB   sing N N 377 
VAL CA  HA   sing N N 378 
VAL C   O    doub N N 379 
VAL C   OXT  sing N N 380 
VAL CB  CG1  sing N N 381 
VAL CB  CG2  sing N N 382 
VAL CB  HB   sing N N 383 
VAL CG1 HG11 sing N N 384 
VAL CG1 HG12 sing N N 385 
VAL CG1 HG13 sing N N 386 
VAL CG2 HG21 sing N N 387 
VAL CG2 HG22 sing N N 388 
VAL CG2 HG23 sing N N 389 
VAL OXT HXT  sing N N 390 
# 
_atom_sites.entry_id                    1Z77 
_atom_sites.fract_transf_matrix[1][1]   0.00175330 
_atom_sites.fract_transf_matrix[1][2]   0.01400554 
_atom_sites.fract_transf_matrix[1][3]   0.01091528 
_atom_sites.fract_transf_matrix[2][1]   0.01461743 
_atom_sites.fract_transf_matrix[2][2]   -0.00359864 
_atom_sites.fract_transf_matrix[2][3]   0.00226950 
_atom_sites.fract_transf_matrix[3][1]   0.00469731 
_atom_sites.fract_transf_matrix[3][2]   0.01028316 
_atom_sites.fract_transf_matrix[3][3]   -0.01394898 
_atom_sites.fract_transf_vector[1]      0.119574 
_atom_sites.fract_transf_vector[2]      0.340676 
_atom_sites.fract_transf_vector[3]      1.153382 
# 
loop_
_atom_type.symbol 
C  
N  
O  
SE 
# 
loop_
_atom_site.group_PDB 
_atom_site.id 
_atom_site.type_symbol 
_atom_site.label_atom_id 
_atom_site.label_alt_id 
_atom_site.label_comp_id 
_atom_site.label_asym_id 
_atom_site.label_entity_id 
_atom_site.label_seq_id 
_atom_site.pdbx_PDB_ins_code 
_atom_site.Cartn_x 
_atom_site.Cartn_y 
_atom_site.Cartn_z 
_atom_site.occupancy 
_atom_site.B_iso_or_equiv 
_atom_site.pdbx_formal_charge 
_atom_site.auth_seq_id 
_atom_site.auth_comp_id 
_atom_site.auth_asym_id 
_atom_site.auth_atom_id 
_atom_site.pdbx_PDB_model_num 
HETATM 1    N  N   . MSE A 1 1   ? -14.758 6.921   23.544  1.00 47.91 ? 1    MSE A N   1 
HETATM 2    C  CA  . MSE A 1 1   ? -13.784 5.802   23.253  1.00 50.13 ? 1    MSE A CA  1 
HETATM 3    C  C   . MSE A 1 1   ? -14.097 5.032   21.936  1.00 47.85 ? 1    MSE A C   1 
HETATM 4    O  O   . MSE A 1 1   ? -15.207 5.088   21.426  1.00 48.75 ? 1    MSE A O   1 
HETATM 5    C  CB  . MSE A 1 1   ? -13.795 4.839   24.443  1.00 50.80 ? 1    MSE A CB  1 
HETATM 6    C  CG  . MSE A 1 1   ? -12.445 4.297   24.933  1.00 52.59 ? 1    MSE A CG  1 
HETATM 7    SE SE  . MSE A 1 1   ? -12.617 3.797   26.878  1.00 56.70 ? 1    MSE A SE  1 
HETATM 8    C  CE  . MSE A 1 1   ? -13.132 5.552   27.620  1.00 57.90 ? 1    MSE A CE  1 
ATOM   9    N  N   . LEU A 1 2   ? -13.123 4.322   21.373  1.00 45.87 ? 2    LEU A N   1 
ATOM   10   C  CA  . LEU A 1 2   ? -13.377 3.523   20.178  1.00 43.02 ? 2    LEU A CA  1 
ATOM   11   C  C   . LEU A 1 2   ? -14.502 2.467   20.373  1.00 43.26 ? 2    LEU A C   1 
ATOM   12   O  O   . LEU A 1 2   ? -14.635 1.887   21.461  1.00 42.35 ? 2    LEU A O   1 
ATOM   13   C  CB  . LEU A 1 2   ? -12.098 2.811   19.796  1.00 43.22 ? 2    LEU A CB  1 
ATOM   14   C  CG  . LEU A 1 2   ? -10.881 3.597   19.309  1.00 40.68 ? 2    LEU A CG  1 
ATOM   15   C  CD1 . LEU A 1 2   ? -9.685  2.635   19.068  1.00 39.35 ? 2    LEU A CD1 1 
ATOM   16   C  CD2 . LEU A 1 2   ? -11.241 4.340   18.033  1.00 41.15 ? 2    LEU A CD2 1 
ATOM   17   N  N   . SER A 1 3   ? -15.295 2.191   19.332  1.00 41.62 ? 3    SER A N   1 
ATOM   18   C  CA  . SER A 1 3   ? -16.173 0.990   19.360  1.00 39.70 ? 3    SER A CA  1 
ATOM   19   C  C   . SER A 1 3   ? -15.298 -0.252  19.605  1.00 37.98 ? 3    SER A C   1 
ATOM   20   O  O   . SER A 1 3   ? -14.073 -0.203  19.454  1.00 36.84 ? 3    SER A O   1 
ATOM   21   C  CB  . SER A 1 3   ? -16.933 0.821   18.037  1.00 39.52 ? 3    SER A CB  1 
ATOM   22   O  OG  . SER A 1 3   ? -16.074 0.259   17.043  1.00 38.73 ? 3    SER A OG  1 
ATOM   23   N  N   . LYS A 1 4   ? -15.920 -1.364  19.965  1.00 35.61 ? 4    LYS A N   1 
ATOM   24   C  CA  . LYS A 1 4   ? -15.161 -2.577  20.250  1.00 35.08 ? 4    LYS A CA  1 
ATOM   25   C  C   . LYS A 1 4   ? -14.476 -3.127  19.017  1.00 33.40 ? 4    LYS A C   1 
ATOM   26   O  O   . LYS A 1 4   ? -13.305 -3.504  19.051  1.00 32.40 ? 4    LYS A O   1 
ATOM   27   C  CB  . LYS A 1 4   ? -16.030 -3.666  20.891  1.00 35.02 ? 4    LYS A CB  1 
ATOM   28   C  CG  . LYS A 1 4   ? -16.739 -3.243  22.160  1.00 38.31 ? 4    LYS A CG  1 
ATOM   29   C  CD  . LYS A 1 4   ? -15.747 -2.645  23.172  1.00 43.34 ? 4    LYS A CD  1 
ATOM   30   N  N   . ARG A 1 5   ? -15.225 -3.196  17.935  1.00 32.83 ? 5    ARG A N   1 
ATOM   31   C  CA  . ARG A 1 5   ? -14.702 -3.660  16.694  1.00 33.24 ? 5    ARG A CA  1 
ATOM   32   C  C   . ARG A 1 5   ? -13.525 -2.777  16.243  1.00 33.83 ? 5    ARG A C   1 
ATOM   33   O  O   . ARG A 1 5   ? -12.511 -3.272  15.723  1.00 31.59 ? 5    ARG A O   1 
ATOM   34   C  CB  . ARG A 1 5   ? -15.855 -3.767  15.669  1.00 33.06 ? 5    ARG A CB  1 
ATOM   35   C  CG  . ARG A 1 5   ? -15.464 -4.400  14.361  1.00 34.99 ? 5    ARG A CG  1 
ATOM   36   C  CD  . ARG A 1 5   ? -16.600 -4.665  13.389  1.00 35.29 ? 5    ARG A CD  1 
ATOM   37   N  NE  . ARG A 1 5   ? -16.062 -5.301  12.157  1.00 39.61 ? 5    ARG A NE  1 
ATOM   38   C  CZ  . ARG A 1 5   ? -15.543 -4.627  11.122  1.00 42.67 ? 5    ARG A CZ  1 
ATOM   39   N  NH1 . ARG A 1 5   ? -15.481 -3.287  11.119  1.00 43.34 ? 5    ARG A NH1 1 
ATOM   40   N  NH2 . ARG A 1 5   ? -15.079 -5.282  10.085  1.00 44.15 ? 5    ARG A NH2 1 
ATOM   41   N  N   . ASP A 1 6   ? -13.619 -1.467  16.455  1.00 33.50 ? 6    ASP A N   1 
ATOM   42   C  CA  . ASP A 1 6   ? -12.512 -0.587  16.041  1.00 33.87 ? 6    ASP A CA  1 
ATOM   43   C  C   . ASP A 1 6   ? -11.293 -0.727  16.931  1.00 33.49 ? 6    ASP A C   1 
ATOM   44   O  O   . ASP A 1 6   ? -10.166 -0.628  16.433  1.00 31.34 ? 6    ASP A O   1 
ATOM   45   C  CB  . ASP A 1 6   ? -12.971 0.882   15.967  1.00 34.39 ? 6    ASP A CB  1 
ATOM   46   C  CG  . ASP A 1 6   ? -13.739 1.188   14.672  1.00 35.35 ? 6    ASP A CG  1 
ATOM   47   O  OD1 . ASP A 1 6   ? -13.785 0.335   13.763  1.00 36.47 ? 6    ASP A OD1 1 
ATOM   48   O  OD2 . ASP A 1 6   ? -14.308 2.280   14.571  1.00 37.43 ? 6    ASP A OD2 1 
ATOM   49   N  N   . ALA A 1 7   ? -11.517 -0.922  18.235  1.00 30.78 ? 7    ALA A N   1 
ATOM   50   C  CA  . ALA A 1 7   ? -10.449 -1.204  19.207  1.00 32.17 ? 7    ALA A CA  1 
ATOM   51   C  C   . ALA A 1 7   ? -9.638  -2.465  18.856  1.00 32.72 ? 7    ALA A C   1 
ATOM   52   O  O   . ALA A 1 7   ? -8.397  -2.445  18.942  1.00 31.38 ? 7    ALA A O   1 
ATOM   53   C  CB  . ALA A 1 7   ? -11.000 -1.305  20.641  1.00 32.40 ? 7    ALA A CB  1 
ATOM   54   N  N   . ILE A 1 8   ? -10.358 -3.541  18.508  1.00 31.49 ? 8    ILE A N   1 
ATOM   55   C  CA  . ILE A 1 8   ? -9.781  -4.804  18.035  1.00 30.65 ? 8    ILE A CA  1 
ATOM   56   C  C   . ILE A 1 8   ? -8.999  -4.587  16.728  1.00 30.52 ? 8    ILE A C   1 
ATOM   57   O  O   . ILE A 1 8   ? -7.863  -5.049  16.617  1.00 28.43 ? 8    ILE A O   1 
ATOM   58   C  CB  . ILE A 1 8   ? -10.853 -5.888  17.784  1.00 30.18 ? 8    ILE A CB  1 
ATOM   59   C  CG1 . ILE A 1 8   ? -11.567 -6.250  19.116  1.00 29.62 ? 8    ILE A CG1 1 
ATOM   60   C  CG2 . ILE A 1 8   ? -10.209 -7.166  17.191  1.00 31.33 ? 8    ILE A CG2 1 
ATOM   61   C  CD1 . ILE A 1 8   ? -12.897 -7.081  18.870  1.00 31.89 ? 8    ILE A CD1 1 
ATOM   62   N  N   . LEU A 1 9   ? -9.632  -3.971  15.725  1.00 30.52 ? 9    LEU A N   1 
ATOM   63   C  CA  . LEU A 1 9   ? -8.898  -3.633  14.484  1.00 32.65 ? 9    LEU A CA  1 
ATOM   64   C  C   . LEU A 1 9   ? -7.596  -2.819  14.687  1.00 32.33 ? 9    LEU A C   1 
ATOM   65   O  O   . LEU A 1 9   ? -6.586  -3.105  14.065  1.00 32.97 ? 9    LEU A O   1 
ATOM   66   C  CB  . LEU A 1 9   ? -9.808  -2.950  13.471  1.00 32.89 ? 9    LEU A CB  1 
ATOM   67   C  CG  . LEU A 1 9   ? -10.878 -3.854  12.857  1.00 34.40 ? 9    LEU A CG  1 
ATOM   68   C  CD1 . LEU A 1 9   ? -11.724 -2.991  11.927  1.00 36.06 ? 9    LEU A CD1 1 
ATOM   69   C  CD2 . LEU A 1 9   ? -10.326 -5.055  12.074  1.00 33.77 ? 9    LEU A CD2 1 
ATOM   70   N  N   . LYS A 1 10  ? -7.628  -1.779  15.515  1.00 33.12 ? 10   LYS A N   1 
ATOM   71   C  CA  . LYS A 1 10  ? -6.379  -1.027  15.852  1.00 33.42 ? 10   LYS A CA  1 
ATOM   72   C  C   . LYS A 1 10  ? -5.293  -1.899  16.502  1.00 33.53 ? 10   LYS A C   1 
ATOM   73   O  O   . LYS A 1 10  ? -4.103  -1.811  16.158  1.00 31.37 ? 10   LYS A O   1 
ATOM   74   C  CB  . LYS A 1 10  ? -6.707  0.139   16.804  1.00 34.08 ? 10   LYS A CB  1 
ATOM   75   C  CG  . LYS A 1 10  ? -5.466  0.886   17.435  1.00 34.42 ? 10   LYS A CG  1 
ATOM   76   C  CD  . LYS A 1 10  ? -5.924  1.756   18.612  1.00 35.69 ? 10   LYS A CD  1 
ATOM   77   C  CE  . LYS A 1 10  ? -4.755  2.237   19.508  1.00 40.03 ? 10   LYS A CE  1 
ATOM   78   N  NZ  . LYS A 1 10  ? -3.904  3.233   18.872  1.00 42.60 ? 10   LYS A NZ  1 
ATOM   79   N  N   . ALA A 1 11  ? -5.700  -2.686  17.501  1.00 31.01 ? 11   ALA A N   1 
ATOM   80   C  CA  . ALA A 1 11  ? -4.805  -3.612  18.154  1.00 31.11 ? 11   ALA A CA  1 
ATOM   81   C  C   . ALA A 1 11  ? -4.256  -4.600  17.183  1.00 30.94 ? 11   ALA A C   1 
ATOM   82   O  O   . ALA A 1 11  ? -3.083  -4.950  17.265  1.00 30.69 ? 11   ALA A O   1 
ATOM   83   C  CB  . ALA A 1 11  ? -5.537  -4.374  19.313  1.00 30.12 ? 11   ALA A CB  1 
ATOM   84   N  N   . ALA A 1 12  ? -5.108  -5.100  16.284  1.00 29.68 ? 12   ALA A N   1 
ATOM   85   C  CA  . ALA A 1 12  ? -4.675  -6.029  15.253  1.00 28.49 ? 12   ALA A CA  1 
ATOM   86   C  C   . ALA A 1 12  ? -3.579  -5.448  14.329  1.00 30.63 ? 12   ALA A C   1 
ATOM   87   O  O   . ALA A 1 12  ? -2.530  -6.099  14.112  1.00 31.12 ? 12   ALA A O   1 
ATOM   88   C  CB  . ALA A 1 12  ? -5.896  -6.542  14.434  1.00 28.49 ? 12   ALA A CB  1 
ATOM   89   N  N   . VAL A 1 13  ? -3.783  -4.228  13.859  1.00 30.31 ? 13   VAL A N   1 
ATOM   90   C  CA  . VAL A 1 13  ? -2.830  -3.512  12.996  1.00 31.60 ? 13   VAL A CA  1 
ATOM   91   C  C   . VAL A 1 13  ? -1.484  -3.445  13.752  1.00 32.64 ? 13   VAL A C   1 
ATOM   92   O  O   . VAL A 1 13  ? -0.429  -3.760  13.197  1.00 32.63 ? 13   VAL A O   1 
ATOM   93   C  CB  . VAL A 1 13  ? -3.361  -2.073  12.691  1.00 31.21 ? 13   VAL A CB  1 
ATOM   94   C  CG1 . VAL A 1 13  ? -2.269  -1.158  12.048  1.00 33.00 ? 13   VAL A CG1 1 
ATOM   95   C  CG2 . VAL A 1 13  ? -4.586  -2.193  11.717  1.00 31.32 ? 13   VAL A CG2 1 
ATOM   96   N  N   . GLU A 1 14  ? -1.549  -3.085  15.035  1.00 33.60 ? 14   GLU A N   1 
ATOM   97   C  CA  . GLU A 1 14  ? -0.324  -2.890  15.815  1.00 34.54 ? 14   GLU A CA  1 
ATOM   98   C  C   . GLU A 1 14  ? 0.421   -4.183  16.072  1.00 35.05 ? 14   GLU A C   1 
ATOM   99   O  O   . GLU A 1 14  ? 1.637   -4.252  15.846  1.00 32.65 ? 14   GLU A O   1 
ATOM   100  C  CB  . GLU A 1 14  ? -0.642  -2.159  17.109  1.00 34.61 ? 14   GLU A CB  1 
ATOM   101  C  CG  . GLU A 1 14  ? -1.226  -0.784  16.807  1.00 37.54 ? 14   GLU A CG  1 
ATOM   102  C  CD  . GLU A 1 14  ? -1.774  -0.073  18.029  1.00 44.82 ? 14   GLU A CD  1 
ATOM   103  O  OE1 . GLU A 1 14  ? -2.288  -0.733  18.962  1.00 48.50 ? 14   GLU A OE1 1 
ATOM   104  O  OE2 . GLU A 1 14  ? -1.687  1.169   18.078  1.00 48.54 ? 14   GLU A OE2 1 
ATOM   105  N  N   . VAL A 1 15  ? -0.300  -5.185  16.610  1.00 33.91 ? 15   VAL A N   1 
ATOM   106  C  CA  . VAL A 1 15  ? 0.256   -6.528  16.846  1.00 33.12 ? 15   VAL A CA  1 
ATOM   107  C  C   . VAL A 1 15  ? 0.722   -7.229  15.593  1.00 33.82 ? 15   VAL A C   1 
ATOM   108  O  O   . VAL A 1 15  ? 1.913   -7.710  15.529  1.00 33.53 ? 15   VAL A O   1 
ATOM   109  C  CB  . VAL A 1 15  ? -0.730  -7.453  17.615  1.00 32.59 ? 15   VAL A CB  1 
ATOM   110  C  CG1 . VAL A 1 15  ? -0.150  -8.898  17.750  1.00 36.10 ? 15   VAL A CG1 1 
ATOM   111  C  CG2 . VAL A 1 15  ? -0.940  -6.915  18.999  1.00 31.60 ? 15   VAL A CG2 1 
ATOM   112  N  N   . PHE A 1 16  ? -0.138  -7.302  14.573  1.00 32.94 ? 16   PHE A N   1 
ATOM   113  C  CA  . PHE A 1 16  ? 0.310   -7.907  13.329  1.00 35.09 ? 16   PHE A CA  1 
ATOM   114  C  C   . PHE A 1 16  ? 1.539   -7.216  12.730  1.00 35.25 ? 16   PHE A C   1 
ATOM   115  O  O   . PHE A 1 16  ? 2.368   -7.879  12.115  1.00 33.67 ? 16   PHE A O   1 
ATOM   116  C  CB  . PHE A 1 16  ? -0.780  -7.952  12.226  1.00 34.18 ? 16   PHE A CB  1 
ATOM   117  C  CG  . PHE A 1 16  ? -1.877  -8.986  12.455  1.00 36.64 ? 16   PHE A CG  1 
ATOM   118  C  CD1 . PHE A 1 16  ? -1.577  -10.307 12.747  1.00 37.51 ? 16   PHE A CD1 1 
ATOM   119  C  CD2 . PHE A 1 16  ? -3.228  -8.636  12.302  1.00 33.07 ? 16   PHE A CD2 1 
ATOM   120  C  CE1 . PHE A 1 16  ? -2.608  -11.249 12.902  1.00 34.87 ? 16   PHE A CE1 1 
ATOM   121  C  CE2 . PHE A 1 16  ? -4.250  -9.572  12.476  1.00 32.70 ? 16   PHE A CE2 1 
ATOM   122  C  CZ  . PHE A 1 16  ? -3.942  -10.877 12.755  1.00 33.50 ? 16   PHE A CZ  1 
ATOM   123  N  N   . GLY A 1 17  ? 1.618   -5.898  12.838  1.00 34.48 ? 17   GLY A N   1 
ATOM   124  C  CA  . GLY A 1 17  ? 2.682   -5.223  12.193  1.00 36.32 ? 17   GLY A CA  1 
ATOM   125  C  C   . GLY A 1 17  ? 3.966   -5.422  12.980  1.00 38.91 ? 17   GLY A C   1 
ATOM   126  O  O   . GLY A 1 17  ? 5.054   -5.376  12.415  1.00 37.47 ? 17   GLY A O   1 
ATOM   127  N  N   . LYS A 1 18  ? 3.816   -5.642  14.287  1.00 38.23 ? 18   LYS A N   1 
ATOM   128  C  CA  . LYS A 1 18  ? 4.972   -5.791  15.147  1.00 40.83 ? 18   LYS A CA  1 
ATOM   129  C  C   . LYS A 1 18  ? 5.532   -7.200  15.050  1.00 41.95 ? 18   LYS A C   1 
ATOM   130  O  O   . LYS A 1 18  ? 6.736   -7.360  15.044  1.00 41.52 ? 18   LYS A O   1 
ATOM   131  C  CB  . LYS A 1 18  ? 4.669   -5.379  16.589  1.00 39.22 ? 18   LYS A CB  1 
ATOM   132  N  N   . LYS A 1 19  ? 4.661   -8.202  14.906  1.00 43.01 ? 19   LYS A N   1 
ATOM   133  C  CA  . LYS A 1 19  ? 5.081   -9.595  15.014  1.00 44.46 ? 19   LYS A CA  1 
ATOM   134  C  C   . LYS A 1 19  ? 4.927   -10.427 13.734  1.00 45.02 ? 19   LYS A C   1 
ATOM   135  O  O   . LYS A 1 19  ? 5.524   -11.517 13.601  1.00 45.29 ? 19   LYS A O   1 
ATOM   136  C  CB  . LYS A 1 19  ? 4.351   -10.254 16.191  1.00 44.66 ? 19   LYS A CB  1 
ATOM   137  C  CG  . LYS A 1 19  ? 4.755   -9.646  17.512  1.00 46.53 ? 19   LYS A CG  1 
ATOM   138  C  CD  . LYS A 1 19  ? 3.993   -10.193 18.663  1.00 46.40 ? 19   LYS A CD  1 
ATOM   139  C  CE  . LYS A 1 19  ? 4.723   -9.916  19.982  1.00 49.69 ? 19   LYS A CE  1 
ATOM   140  N  NZ  . LYS A 1 19  ? 4.158   -10.798 21.100  1.00 47.02 ? 19   LYS A NZ  1 
ATOM   141  N  N   . GLY A 1 20  ? 4.096   -9.953  12.806  1.00 43.42 ? 20   GLY A N   1 
ATOM   142  C  CA  . GLY A 1 20  ? 3.859   -10.722 11.597  1.00 42.15 ? 20   GLY A CA  1 
ATOM   143  C  C   . GLY A 1 20  ? 2.636   -11.549 11.864  1.00 41.48 ? 20   GLY A C   1 
ATOM   144  O  O   . GLY A 1 20  ? 2.220   -11.659 13.002  1.00 41.37 ? 20   GLY A O   1 
ATOM   145  N  N   . TYR A 1 21  ? 2.044   -12.125 10.829  1.00 41.32 ? 21   TYR A N   1 
ATOM   146  C  CA  . TYR A 1 21  ? 0.763   -12.830 11.003  1.00 42.74 ? 21   TYR A CA  1 
ATOM   147  C  C   . TYR A 1 21  ? 0.866   -14.143 11.794  1.00 42.90 ? 21   TYR A C   1 
ATOM   148  O  O   . TYR A 1 21  ? 0.082   -14.395 12.671  1.00 41.20 ? 21   TYR A O   1 
ATOM   149  C  CB  . TYR A 1 21  ? 0.165   -13.083 9.637   1.00 42.43 ? 21   TYR A CB  1 
ATOM   150  C  CG  . TYR A 1 21  ? -1.005  -13.973 9.616   1.00 41.23 ? 21   TYR A CG  1 
ATOM   151  C  CD1 . TYR A 1 21  ? -2.250  -13.520 10.048  1.00 42.06 ? 21   TYR A CD1 1 
ATOM   152  C  CD2 . TYR A 1 21  ? -0.896  -15.269 9.148   1.00 43.78 ? 21   TYR A CD2 1 
ATOM   153  C  CE1 . TYR A 1 21  ? -3.335  -14.333 10.013  1.00 42.36 ? 21   TYR A CE1 1 
ATOM   154  C  CE2 . TYR A 1 21  ? -1.983  -16.082 9.112   1.00 44.43 ? 21   TYR A CE2 1 
ATOM   155  C  CZ  . TYR A 1 21  ? -3.212  -15.592 9.538   1.00 41.33 ? 21   TYR A CZ  1 
ATOM   156  O  OH  . TYR A 1 21  ? -4.331  -16.386 9.491   1.00 44.09 ? 21   TYR A OH  1 
ATOM   157  N  N   . ASP A 1 22  ? 1.847   -14.989 11.460  1.00 43.89 ? 22   ASP A N   1 
ATOM   158  C  CA  . ASP A 1 22  ? 1.920   -16.310 12.062  1.00 45.43 ? 22   ASP A CA  1 
ATOM   159  C  C   . ASP A 1 22  ? 2.196   -16.244 13.546  1.00 44.69 ? 22   ASP A C   1 
ATOM   160  O  O   . ASP A 1 22  ? 1.619   -17.017 14.321  1.00 45.59 ? 22   ASP A O   1 
ATOM   161  C  CB  . ASP A 1 22  ? 3.019   -17.176 11.374  1.00 46.42 ? 22   ASP A CB  1 
ATOM   162  C  CG  . ASP A 1 22  ? 2.799   -17.342 9.868   1.00 49.84 ? 22   ASP A CG  1 
ATOM   163  O  OD1 . ASP A 1 22  ? 1.709   -17.793 9.437   1.00 51.43 ? 22   ASP A OD1 1 
ATOM   164  O  OD2 . ASP A 1 22  ? 3.766   -17.075 9.112   1.00 58.03 ? 22   ASP A OD2 1 
ATOM   165  N  N   . ARG A 1 23  ? 3.079   -15.327 13.942  1.00 44.97 ? 23   ARG A N   1 
ATOM   166  C  CA  . ARG A 1 23  ? 3.505   -15.214 15.348  1.00 45.03 ? 23   ARG A CA  1 
ATOM   167  C  C   . ARG A 1 23  ? 2.423   -14.606 16.254  1.00 44.80 ? 23   ARG A C   1 
ATOM   168  O  O   . ARG A 1 23  ? 2.185   -15.061 17.396  1.00 44.21 ? 23   ARG A O   1 
ATOM   169  C  CB  . ARG A 1 23  ? 4.769   -14.357 15.425  1.00 45.35 ? 23   ARG A CB  1 
ATOM   170  N  N   . ALA A 1 24  ? 1.780   -13.553 15.763  1.00 43.73 ? 24   ALA A N   1 
ATOM   171  C  CA  . ALA A 1 24  ? 0.640   -12.941 16.487  1.00 42.24 ? 24   ALA A CA  1 
ATOM   172  C  C   . ALA A 1 24  ? -0.448  -13.932 16.923  1.00 42.14 ? 24   ALA A C   1 
ATOM   173  O  O   . ALA A 1 24  ? -0.777  -14.889 16.221  1.00 42.64 ? 24   ALA A O   1 
ATOM   174  C  CB  . ALA A 1 24  ? 0.021   -11.802 15.627  1.00 42.23 ? 24   ALA A CB  1 
ATOM   175  N  N   . THR A 1 25  ? -1.042  -13.686 18.086  1.00 41.00 ? 25   THR A N   1 
ATOM   176  C  CA  . THR A 1 25  ? -2.123  -14.508 18.538  1.00 41.03 ? 25   THR A CA  1 
ATOM   177  C  C   . THR A 1 25  ? -3.270  -13.556 18.737  1.00 40.96 ? 25   THR A C   1 
ATOM   178  O  O   . THR A 1 25  ? -3.029  -12.362 19.000  1.00 39.82 ? 25   THR A O   1 
ATOM   179  C  CB  . THR A 1 25  ? -1.786  -15.136 19.902  1.00 41.56 ? 25   THR A CB  1 
ATOM   180  O  OG1 . THR A 1 25  ? -1.671  -14.088 20.876  1.00 42.79 ? 25   THR A OG1 1 
ATOM   181  C  CG2 . THR A 1 25  ? -0.430  -15.927 19.829  1.00 42.69 ? 25   THR A CG2 1 
ATOM   182  N  N   . THR A 1 26  ? -4.508  -14.073 18.608  1.00 41.27 ? 26   THR A N   1 
ATOM   183  C  CA  . THR A 1 26  ? -5.723  -13.299 18.919  1.00 40.87 ? 26   THR A CA  1 
ATOM   184  C  C   . THR A 1 26  ? -5.831  -12.890 20.401  1.00 41.27 ? 26   THR A C   1 
ATOM   185  O  O   . THR A 1 26  ? -6.381  -11.795 20.733  1.00 38.56 ? 26   THR A O   1 
ATOM   186  C  CB  . THR A 1 26  ? -7.030  -14.008 18.434  1.00 42.15 ? 26   THR A CB  1 
ATOM   187  O  OG1 . THR A 1 26  ? -7.157  -15.330 19.015  1.00 40.61 ? 26   THR A OG1 1 
ATOM   188  C  CG2 . THR A 1 26  ? -7.031  -14.092 16.863  1.00 39.12 ? 26   THR A CG2 1 
ATOM   189  N  N   . ASP A 1 27  ? -5.296  -13.742 21.287  1.00 40.98 ? 27   ASP A N   1 
ATOM   190  C  CA  . ASP A 1 27  ? -5.387  -13.480 22.750  1.00 41.90 ? 27   ASP A CA  1 
ATOM   191  C  C   . ASP A 1 27  ? -4.674  -12.163 23.026  1.00 40.66 ? 27   ASP A C   1 
ATOM   192  O  O   . ASP A 1 27  ? -5.180  -11.358 23.780  1.00 40.25 ? 27   ASP A O   1 
ATOM   193  C  CB  . ASP A 1 27  ? -4.710  -14.570 23.636  1.00 42.53 ? 27   ASP A CB  1 
ATOM   194  C  CG  . ASP A 1 27  ? -5.393  -15.939 23.578  1.00 45.54 ? 27   ASP A CG  1 
ATOM   195  O  OD1 . ASP A 1 27  ? -5.978  -16.319 22.547  1.00 50.73 ? 27   ASP A OD1 1 
ATOM   196  O  OD2 . ASP A 1 27  ? -5.276  -16.683 24.572  1.00 49.81 ? 27   ASP A OD2 1 
ATOM   197  N  N   . GLU A 1 28  ? -3.497  -11.962 22.419  1.00 40.42 ? 28   GLU A N   1 
ATOM   198  C  CA  . GLU A 1 28  ? -2.716  -10.736 22.665  1.00 40.88 ? 28   GLU A CA  1 
ATOM   199  C  C   . GLU A 1 28  ? -3.279  -9.503  21.958  1.00 38.69 ? 28   GLU A C   1 
ATOM   200  O  O   . GLU A 1 28  ? -3.132  -8.393  22.449  1.00 37.22 ? 28   GLU A O   1 
ATOM   201  C  CB  . GLU A 1 28  ? -1.226  -10.893 22.316  1.00 41.72 ? 28   GLU A CB  1 
ATOM   202  C  CG  . GLU A 1 28  ? -0.914  -10.963 20.843  1.00 43.46 ? 28   GLU A CG  1 
ATOM   203  C  CD  . GLU A 1 28  ? 0.572   -11.184 20.532  1.00 43.74 ? 28   GLU A CD  1 
ATOM   204  O  OE1 . GLU A 1 28  ? 1.450   -10.459 21.082  1.00 46.07 ? 28   GLU A OE1 1 
ATOM   205  O  OE2 . GLU A 1 28  ? 0.848   -12.045 19.678  1.00 46.52 ? 28   GLU A OE2 1 
ATOM   206  N  N   . ILE A 1 29  ? -3.907  -9.696  20.797  1.00 37.78 ? 29   ILE A N   1 
ATOM   207  C  CA  . ILE A 1 29  ? -4.709  -8.607  20.196  1.00 36.33 ? 29   ILE A CA  1 
ATOM   208  C  C   . ILE A 1 29  ? -5.851  -8.196  21.135  1.00 36.46 ? 29   ILE A C   1 
ATOM   209  O  O   . ILE A 1 29  ? -6.027  -7.011  21.434  1.00 36.21 ? 29   ILE A O   1 
ATOM   210  C  CB  . ILE A 1 29  ? -5.182  -8.978  18.768  1.00 36.14 ? 29   ILE A CB  1 
ATOM   211  C  CG1 . ILE A 1 29  ? -3.966  -9.050  17.843  1.00 35.19 ? 29   ILE A CG1 1 
ATOM   212  C  CG2 . ILE A 1 29  ? -6.185  -7.930  18.234  1.00 35.77 ? 29   ILE A CG2 1 
ATOM   213  C  CD1 . ILE A 1 29  ? -4.171  -9.941  16.627  1.00 35.95 ? 29   ILE A CD1 1 
ATOM   214  N  N   . ALA A 1 30  ? -6.623  -9.170  21.637  1.00 36.25 ? 30   ALA A N   1 
ATOM   215  C  CA  . ALA A 1 30  ? -7.701  -8.854  22.609  1.00 35.65 ? 30   ALA A CA  1 
ATOM   216  C  C   . ALA A 1 30  ? -7.147  -8.156  23.856  1.00 35.12 ? 30   ALA A C   1 
ATOM   217  O  O   . ALA A 1 30  ? -7.687  -7.145  24.313  1.00 34.70 ? 30   ALA A O   1 
ATOM   218  C  CB  . ALA A 1 30  ? -8.479  -10.128 22.988  1.00 37.23 ? 30   ALA A CB  1 
ATOM   219  N  N   . GLU A 1 31  ? -6.051  -8.674  24.385  1.00 34.73 ? 31   GLU A N   1 
ATOM   220  C  CA  . GLU A 1 31  ? -5.407  -8.057  25.541  1.00 36.21 ? 31   GLU A CA  1 
ATOM   221  C  C   . GLU A 1 31  ? -4.934  -6.626  25.221  1.00 36.53 ? 31   GLU A C   1 
ATOM   222  O  O   . GLU A 1 31  ? -5.136  -5.720  26.034  1.00 35.33 ? 31   GLU A O   1 
ATOM   223  C  CB  . GLU A 1 31  ? -4.229  -8.906  26.039  1.00 35.96 ? 31   GLU A CB  1 
ATOM   224  N  N   . LYS A 1 32  ? -4.314  -6.449  24.042  1.00 36.27 ? 32   LYS A N   1 
ATOM   225  C  CA  . LYS A 1 32  ? -3.899  -5.130  23.558  1.00 36.52 ? 32   LYS A CA  1 
ATOM   226  C  C   . LYS A 1 32  ? -5.072  -4.202  23.448  1.00 35.89 ? 32   LYS A C   1 
ATOM   227  O  O   . LYS A 1 32  ? -4.998  -3.058  23.915  1.00 35.12 ? 32   LYS A O   1 
ATOM   228  C  CB  . LYS A 1 32  ? -3.193  -5.227  22.206  1.00 38.03 ? 32   LYS A CB  1 
ATOM   229  C  CG  . LYS A 1 32  ? -2.502  -3.942  21.727  1.00 41.15 ? 32   LYS A CG  1 
ATOM   230  C  CD  . LYS A 1 32  ? -1.006  -3.980  21.974  1.00 44.14 ? 32   LYS A CD  1 
ATOM   231  N  N   . ALA A 1 33  ? -6.148  -4.688  22.835  1.00 34.94 ? 33   ALA A N   1 
ATOM   232  C  CA  . ALA A 1 33  ? -7.382  -3.921  22.704  1.00 34.92 ? 33   ALA A CA  1 
ATOM   233  C  C   . ALA A 1 33  ? -8.210  -3.840  24.008  1.00 35.83 ? 33   ALA A C   1 
ATOM   234  O  O   . ALA A 1 33  ? -9.176  -3.076  24.073  1.00 36.99 ? 33   ALA A O   1 
ATOM   235  C  CB  . ALA A 1 33  ? -8.222  -4.503  21.586  1.00 35.18 ? 33   ALA A CB  1 
ATOM   236  N  N   . GLY A 1 34  ? -7.842  -4.615  25.039  1.00 36.03 ? 34   GLY A N   1 
ATOM   237  C  CA  . GLY A 1 34  ? -8.511  -4.569  26.350  1.00 37.22 ? 34   GLY A CA  1 
ATOM   238  C  C   . GLY A 1 34  ? -9.964  -5.007  26.196  1.00 38.61 ? 34   GLY A C   1 
ATOM   239  O  O   . GLY A 1 34  ? -10.861 -4.409  26.749  1.00 37.85 ? 34   GLY A O   1 
ATOM   240  N  N   . VAL A 1 35  ? -10.181 -6.040  25.391  1.00 40.23 ? 35   VAL A N   1 
ATOM   241  C  CA  . VAL A 1 35  ? -11.514 -6.502  25.067  1.00 41.95 ? 35   VAL A CA  1 
ATOM   242  C  C   . VAL A 1 35  ? -11.579 -8.000  25.398  1.00 42.78 ? 35   VAL A C   1 
ATOM   243  O  O   . VAL A 1 35  ? -10.533 -8.677  25.479  1.00 42.86 ? 35   VAL A O   1 
ATOM   244  C  CB  . VAL A 1 35  ? -11.831 -6.286  23.552  1.00 42.66 ? 35   VAL A CB  1 
ATOM   245  C  CG1 . VAL A 1 35  ? -13.228 -6.722  23.285  1.00 44.69 ? 35   VAL A CG1 1 
ATOM   246  C  CG2 . VAL A 1 35  ? -11.732 -4.851  23.169  1.00 40.71 ? 35   VAL A CG2 1 
ATOM   247  N  N   . ALA A 1 36  ? -12.798 -8.501  25.625  1.00 42.59 ? 36   ALA A N   1 
ATOM   248  C  CA  . ALA A 1 36  ? -13.015 -9.915  25.885  1.00 43.35 ? 36   ALA A CA  1 
ATOM   249  C  C   . ALA A 1 36  ? -12.612 -10.705 24.648  1.00 43.53 ? 36   ALA A C   1 
ATOM   250  O  O   . ALA A 1 36  ? -12.953 -10.312 23.537  1.00 44.12 ? 36   ALA A O   1 
ATOM   251  C  CB  . ALA A 1 36  ? -14.514 -10.190 26.267  1.00 42.55 ? 36   ALA A CB  1 
ATOM   252  N  N   . LYS A 1 37  ? -11.892 -11.805 24.833  1.00 43.82 ? 37   LYS A N   1 
ATOM   253  C  CA  . LYS A 1 37  ? -11.450 -12.640 23.693  1.00 45.29 ? 37   LYS A CA  1 
ATOM   254  C  C   . LYS A 1 37  ? -12.558 -13.181 22.818  1.00 45.31 ? 37   LYS A C   1 
ATOM   255  O  O   . LYS A 1 37  ? -12.363 -13.342 21.612  1.00 44.63 ? 37   LYS A O   1 
ATOM   256  C  CB  . LYS A 1 37  ? -10.636 -13.841 24.164  1.00 45.35 ? 37   LYS A CB  1 
ATOM   257  C  CG  . LYS A 1 37  ? -9.434  -13.503 24.997  1.00 46.95 ? 37   LYS A CG  1 
ATOM   258  C  CD  . LYS A 1 37  ? -8.935  -14.722 25.730  1.00 46.77 ? 37   LYS A CD  1 
ATOM   259  C  CE  . LYS A 1 37  ? -7.540  -14.476 26.241  1.00 50.50 ? 37   LYS A CE  1 
ATOM   260  N  NZ  . LYS A 1 37  ? -7.508  -14.620 27.714  1.00 55.65 ? 37   LYS A NZ  1 
ATOM   261  N  N   . GLY A 1 38  ? -13.693 -13.528 23.422  1.00 45.28 ? 38   GLY A N   1 
ATOM   262  C  CA  . GLY A 1 38  ? -14.786 -14.059 22.635  1.00 46.09 ? 38   GLY A CA  1 
ATOM   263  C  C   . GLY A 1 38  ? -15.383 -12.983 21.766  1.00 46.88 ? 38   GLY A C   1 
ATOM   264  O  O   . GLY A 1 38  ? -16.193 -13.262 20.880  1.00 47.58 ? 38   GLY A O   1 
ATOM   265  N  N   . LEU A 1 39  ? -15.000 -11.731 22.020  1.00 47.09 ? 39   LEU A N   1 
ATOM   266  C  CA  . LEU A 1 39  ? -15.474 -10.645 21.171  1.00 47.15 ? 39   LEU A CA  1 
ATOM   267  C  C   . LEU A 1 39  ? -14.744 -10.688 19.843  1.00 46.85 ? 39   LEU A C   1 
ATOM   268  O  O   . LEU A 1 39  ? -15.314 -10.386 18.798  1.00 47.72 ? 39   LEU A O   1 
ATOM   269  C  CB  . LEU A 1 39  ? -15.345 -9.289  21.868  1.00 47.74 ? 39   LEU A CB  1 
ATOM   270  C  CG  . LEU A 1 39  ? -16.401 -8.252  21.500  1.00 47.25 ? 39   LEU A CG  1 
ATOM   271  C  CD1 . LEU A 1 39  ? -17.821 -8.770  21.822  1.00 41.09 ? 39   LEU A CD1 1 
ATOM   272  C  CD2 . LEU A 1 39  ? -16.095 -6.939  22.203  1.00 45.59 ? 39   LEU A CD2 1 
ATOM   273  N  N   . ILE A 1 40  ? -13.492 -11.139 19.862  1.00 45.69 ? 40   ILE A N   1 
ATOM   274  C  CA  . ILE A 1 40  ? -12.818 -11.340 18.609  1.00 45.04 ? 40   ILE A CA  1 
ATOM   275  C  C   . ILE A 1 40  ? -13.543 -12.419 17.806  1.00 43.46 ? 40   ILE A C   1 
ATOM   276  O  O   . ILE A 1 40  ? -13.898 -12.209 16.665  1.00 42.75 ? 40   ILE A O   1 
ATOM   277  C  CB  . ILE A 1 40  ? -11.321 -11.656 18.797  1.00 46.28 ? 40   ILE A CB  1 
ATOM   278  C  CG1 . ILE A 1 40  ? -10.676 -10.493 19.585  1.00 46.96 ? 40   ILE A CG1 1 
ATOM   279  C  CG2 . ILE A 1 40  ? -10.648 -11.950 17.414  1.00 43.78 ? 40   ILE A CG2 1 
ATOM   280  C  CD1 . ILE A 1 40  ? -9.203  -10.439 19.539  1.00 42.85 ? 40   ILE A CD1 1 
ATOM   281  N  N   . PHE A 1 41  ? -13.791 -13.562 18.427  1.00 42.99 ? 41   PHE A N   1 
ATOM   282  C  CA  . PHE A 1 41  ? -14.609 -14.578 17.767  1.00 41.74 ? 41   PHE A CA  1 
ATOM   283  C  C   . PHE A 1 41  ? -15.985 -13.984 17.286  1.00 41.01 ? 41   PHE A C   1 
ATOM   284  O  O   . PHE A 1 41  ? -16.345 -14.169 16.120  1.00 39.66 ? 41   PHE A O   1 
ATOM   285  C  CB  . PHE A 1 41  ? -14.772 -15.812 18.676  1.00 41.64 ? 41   PHE A CB  1 
ATOM   286  C  CG  . PHE A 1 41  ? -15.739 -16.832 18.142  1.00 41.86 ? 41   PHE A CG  1 
ATOM   287  C  CD1 . PHE A 1 41  ? -15.338 -17.759 17.178  1.00 40.30 ? 41   PHE A CD1 1 
ATOM   288  C  CD2 . PHE A 1 41  ? -17.059 -16.824 18.555  1.00 40.72 ? 41   PHE A CD2 1 
ATOM   289  C  CE1 . PHE A 1 41  ? -16.243 -18.680 16.652  1.00 41.25 ? 41   PHE A CE1 1 
ATOM   290  C  CE2 . PHE A 1 41  ? -17.980 -17.745 18.037  1.00 40.64 ? 41   PHE A CE2 1 
ATOM   291  C  CZ  . PHE A 1 41  ? -17.577 -18.667 17.080  1.00 40.76 ? 41   PHE A CZ  1 
ATOM   292  N  N   . HIS A 1 42  ? -16.729 -13.282 18.164  1.00 40.91 ? 42   HIS A N   1 
ATOM   293  C  CA  . HIS A 1 42  ? -18.019 -12.635 17.753  1.00 40.11 ? 42   HIS A CA  1 
ATOM   294  C  C   . HIS A 1 42  ? -17.874 -11.851 16.483  1.00 39.41 ? 42   HIS A C   1 
ATOM   295  O  O   . HIS A 1 42  ? -18.705 -11.987 15.579  1.00 38.35 ? 42   HIS A O   1 
ATOM   296  C  CB  . HIS A 1 42  ? -18.620 -11.705 18.820  1.00 40.79 ? 42   HIS A CB  1 
ATOM   297  C  CG  . HIS A 1 42  ? -19.819 -10.916 18.341  1.00 41.87 ? 42   HIS A CG  1 
ATOM   298  N  ND1 . HIS A 1 42  ? -21.108 -11.407 18.398  1.00 39.20 ? 42   HIS A ND1 1 
ATOM   299  C  CD2 . HIS A 1 42  ? -19.918 -9.678  17.784  1.00 39.17 ? 42   HIS A CD2 1 
ATOM   300  C  CE1 . HIS A 1 42  ? -21.944 -10.500 17.915  1.00 42.56 ? 42   HIS A CE1 1 
ATOM   301  N  NE2 . HIS A 1 42  ? -21.244 -9.451  17.521  1.00 39.51 ? 42   HIS A NE2 1 
ATOM   302  N  N   . TYR A 1 43  ? -16.838 -11.007 16.410  1.00 37.56 ? 43   TYR A N   1 
ATOM   303  C  CA  . TYR A 1 43  ? -16.736 -10.128 15.249  1.00 37.69 ? 43   TYR A CA  1 
ATOM   304  C  C   . TYR A 1 43  ? -16.000 -10.706 14.101  1.00 38.51 ? 43   TYR A C   1 
ATOM   305  O  O   . TYR A 1 43  ? -16.312 -10.369 12.968  1.00 39.12 ? 43   TYR A O   1 
ATOM   306  C  CB  . TYR A 1 43  ? -16.140 -8.761  15.599  1.00 37.98 ? 43   TYR A CB  1 
ATOM   307  C  CG  . TYR A 1 43  ? -17.116 -7.809  16.293  1.00 34.35 ? 43   TYR A CG  1 
ATOM   308  C  CD1 . TYR A 1 43  ? -16.843 -7.353  17.570  1.00 32.10 ? 43   TYR A CD1 1 
ATOM   309  C  CD2 . TYR A 1 43  ? -18.302 -7.382  15.683  1.00 39.32 ? 43   TYR A CD2 1 
ATOM   310  C  CE1 . TYR A 1 43  ? -17.683 -6.486  18.256  1.00 34.96 ? 43   TYR A CE1 1 
ATOM   311  C  CE2 . TYR A 1 43  ? -19.211 -6.485  16.387  1.00 36.30 ? 43   TYR A CE2 1 
ATOM   312  C  CZ  . TYR A 1 43  ? -18.866 -6.057  17.682  1.00 35.44 ? 43   TYR A CZ  1 
ATOM   313  O  OH  . TYR A 1 43  ? -19.609 -5.191  18.445  1.00 36.29 ? 43   TYR A OH  1 
ATOM   314  N  N   . PHE A 1 44  ? -15.022 -11.593 14.386  1.00 37.77 ? 44   PHE A N   1 
ATOM   315  C  CA  . PHE A 1 44  ? -14.048 -11.952 13.346  1.00 37.38 ? 44   PHE A CA  1 
ATOM   316  C  C   . PHE A 1 44  ? -13.807 -13.434 13.133  1.00 38.54 ? 44   PHE A C   1 
ATOM   317  O  O   . PHE A 1 44  ? -13.068 -13.787 12.214  1.00 40.11 ? 44   PHE A O   1 
ATOM   318  C  CB  . PHE A 1 44  ? -12.713 -11.234 13.590  1.00 36.41 ? 44   PHE A CB  1 
ATOM   319  C  CG  . PHE A 1 44  ? -12.821 -9.739  13.541  1.00 33.36 ? 44   PHE A CG  1 
ATOM   320  C  CD1 . PHE A 1 44  ? -12.819 -9.002  14.708  1.00 31.39 ? 44   PHE A CD1 1 
ATOM   321  C  CD2 . PHE A 1 44  ? -12.950 -9.076  12.331  1.00 31.71 ? 44   PHE A CD2 1 
ATOM   322  C  CE1 . PHE A 1 44  ? -12.894 -7.642  14.703  1.00 31.95 ? 44   PHE A CE1 1 
ATOM   323  C  CE2 . PHE A 1 44  ? -13.036 -7.671  12.314  1.00 30.73 ? 44   PHE A CE2 1 
ATOM   324  C  CZ  . PHE A 1 44  ? -13.000 -6.967  13.471  1.00 32.76 ? 44   PHE A CZ  1 
ATOM   325  N  N   . LYS A 1 45  ? -14.333 -14.290 14.004  1.00 38.54 ? 45   LYS A N   1 
ATOM   326  C  CA  . LYS A 1 45  ? -14.344 -15.730 13.755  1.00 40.56 ? 45   LYS A CA  1 
ATOM   327  C  C   . LYS A 1 45  ? -13.026 -16.332 14.147  1.00 40.23 ? 45   LYS A C   1 
ATOM   328  O  O   . LYS A 1 45  ? -12.973 -17.141 15.071  1.00 40.13 ? 45   LYS A O   1 
ATOM   329  C  CB  . LYS A 1 45  ? -14.639 -16.069 12.286  1.00 41.48 ? 45   LYS A CB  1 
ATOM   330  C  CG  . LYS A 1 45  ? -15.134 -17.510 12.024  1.00 45.48 ? 45   LYS A CG  1 
ATOM   331  C  CD  . LYS A 1 45  ? -14.779 -17.929 10.569  1.00 47.62 ? 45   LYS A CD  1 
ATOM   332  N  N   . ASN A 1 46  ? -11.965 -15.931 13.462  1.00 39.55 ? 46   ASN A N   1 
ATOM   333  C  CA  . ASN A 1 46  ? -10.654 -16.483 13.710  1.00 40.93 ? 46   ASN A CA  1 
ATOM   334  C  C   . ASN A 1 46  ? -9.579  -15.487 13.286  1.00 41.22 ? 46   ASN A C   1 
ATOM   335  O  O   . ASN A 1 46  ? -9.886  -14.412 12.712  1.00 41.21 ? 46   ASN A O   1 
ATOM   336  C  CB  . ASN A 1 46  ? -10.499 -17.822 12.957  1.00 41.26 ? 46   ASN A CB  1 
ATOM   337  C  CG  . ASN A 1 46  ? -10.833 -17.695 11.461  1.00 42.69 ? 46   ASN A CG  1 
ATOM   338  O  OD1 . ASN A 1 46  ? -10.394 -16.759 10.800  1.00 42.46 ? 46   ASN A OD1 1 
ATOM   339  N  ND2 . ASN A 1 46  ? -11.617 -18.636 10.938  1.00 39.32 ? 46   ASN A ND2 1 
ATOM   340  N  N   . LYS A 1 47  ? -8.319  -15.833 13.539  1.00 39.58 ? 47   LYS A N   1 
ATOM   341  C  CA  . LYS A 1 47  ? -7.220  -14.953 13.157  1.00 38.90 ? 47   LYS A CA  1 
ATOM   342  C  C   . LYS A 1 47  ? -7.192  -14.564 11.670  1.00 38.33 ? 47   LYS A C   1 
ATOM   343  O  O   . LYS A 1 47  ? -6.851  -13.426 11.318  1.00 36.53 ? 47   LYS A O   1 
ATOM   344  C  CB  . LYS A 1 47  ? -5.872  -15.558 13.550  1.00 39.90 ? 47   LYS A CB  1 
ATOM   345  C  CG  . LYS A 1 47  ? -4.708  -14.570 13.382  1.00 40.95 ? 47   LYS A CG  1 
ATOM   346  C  CD  . LYS A 1 47  ? -3.508  -15.023 14.164  1.00 41.98 ? 47   LYS A CD  1 
ATOM   347  C  CE  . LYS A 1 47  ? -2.678  -16.051 13.407  1.00 43.89 ? 47   LYS A CE  1 
ATOM   348  N  NZ  . LYS A 1 47  ? -1.436  -16.304 14.165  1.00 42.31 ? 47   LYS A NZ  1 
ATOM   349  N  N   . GLU A 1 48  ? -7.509  -15.496 10.783  1.00 38.58 ? 48   GLU A N   1 
ATOM   350  C  CA  . GLU A 1 48  ? -7.366  -15.187 9.372   1.00 40.35 ? 48   GLU A CA  1 
ATOM   351  C  C   . GLU A 1 48  ? -8.395  -14.098 8.954   1.00 38.21 ? 48   GLU A C   1 
ATOM   352  O  O   . GLU A 1 48  ? -8.078  -13.163 8.206   1.00 35.90 ? 48   GLU A O   1 
ATOM   353  C  CB  . GLU A 1 48  ? -7.523  -16.449 8.502   1.00 40.53 ? 48   GLU A CB  1 
ATOM   354  C  CG  . GLU A 1 48  ? -7.825  -16.111 7.044   1.00 43.69 ? 48   GLU A CG  1 
ATOM   355  C  CD  . GLU A 1 48  ? -7.796  -17.323 6.124   1.00 46.98 ? 48   GLU A CD  1 
ATOM   356  O  OE1 . GLU A 1 48  ? -7.217  -18.367 6.514   1.00 52.75 ? 48   GLU A OE1 1 
ATOM   357  O  OE2 . GLU A 1 48  ? -8.336  -17.213 4.989   1.00 54.73 ? 48   GLU A OE2 1 
ATOM   358  N  N   . GLU A 1 49  ? -9.627  -14.263 9.402   1.00 36.17 ? 49   GLU A N   1 
ATOM   359  C  CA  . GLU A 1 49  ? -10.640 -13.218 9.167   1.00 37.79 ? 49   GLU A CA  1 
ATOM   360  C  C   . GLU A 1 49  ? -10.252 -11.868 9.794   1.00 35.60 ? 49   GLU A C   1 
ATOM   361  O  O   . GLU A 1 49  ? -10.470 -10.819 9.196   1.00 36.12 ? 49   GLU A O   1 
ATOM   362  C  CB  . GLU A 1 49  ? -12.014 -13.693 9.726   1.00 37.51 ? 49   GLU A CB  1 
ATOM   363  C  CG  . GLU A 1 49  ? -13.179 -12.772 9.390   1.00 42.76 ? 49   GLU A CG  1 
ATOM   364  C  CD  . GLU A 1 49  ? -13.343 -12.608 7.862   1.00 47.89 ? 49   GLU A CD  1 
ATOM   365  O  OE1 . GLU A 1 49  ? -12.855 -13.517 7.132   1.00 47.20 ? 49   GLU A OE1 1 
ATOM   366  O  OE2 . GLU A 1 49  ? -13.953 -11.603 7.413   1.00 44.86 ? 49   GLU A OE2 1 
ATOM   367  N  N   . LEU A 1 50  ? -9.770  -11.873 11.039  1.00 34.29 ? 50   LEU A N   1 
ATOM   368  C  CA  . LEU A 1 50  ? -9.285  -10.605 11.633  1.00 33.17 ? 50   LEU A CA  1 
ATOM   369  C  C   . LEU A 1 50  ? -8.251  -9.873  10.747  1.00 33.18 ? 50   LEU A C   1 
ATOM   370  O  O   . LEU A 1 50  ? -8.383  -8.671  10.450  1.00 31.60 ? 50   LEU A O   1 
ATOM   371  C  CB  . LEU A 1 50  ? -8.731  -10.835 13.044  1.00 33.24 ? 50   LEU A CB  1 
ATOM   372  C  CG  . LEU A 1 50  ? -8.023  -9.668  13.767  1.00 34.21 ? 50   LEU A CG  1 
ATOM   373  C  CD1 . LEU A 1 50  ? -8.985  -8.403  13.938  1.00 30.64 ? 50   LEU A CD1 1 
ATOM   374  C  CD2 . LEU A 1 50  ? -7.570  -10.157 15.152  1.00 33.67 ? 50   LEU A CD2 1 
ATOM   375  N  N   . TYR A 1 51  ? -7.192  -10.589 10.355  1.00 32.18 ? 51   TYR A N   1 
ATOM   376  C  CA  . TYR A 1 51  ? -6.174  -10.035 9.452   1.00 30.73 ? 51   TYR A CA  1 
ATOM   377  C  C   . TYR A 1 51  ? -6.780  -9.454  8.155   1.00 31.95 ? 51   TYR A C   1 
ATOM   378  O  O   . TYR A 1 51  ? -6.515  -8.313  7.777   1.00 33.23 ? 51   TYR A O   1 
ATOM   379  C  CB  . TYR A 1 51  ? -5.075  -11.116 9.151   1.00 30.24 ? 51   TYR A CB  1 
ATOM   380  C  CG  . TYR A 1 51  ? -3.897  -10.553 8.343   1.00 31.71 ? 51   TYR A CG  1 
ATOM   381  C  CD1 . TYR A 1 51  ? -2.740  -10.098 8.971   1.00 31.58 ? 51   TYR A CD1 1 
ATOM   382  C  CD2 . TYR A 1 51  ? -3.977  -10.446 6.968   1.00 30.50 ? 51   TYR A CD2 1 
ATOM   383  C  CE1 . TYR A 1 51  ? -1.673  -9.547  8.220   1.00 30.95 ? 51   TYR A CE1 1 
ATOM   384  C  CE2 . TYR A 1 51  ? -2.967  -9.898  6.223   1.00 33.34 ? 51   TYR A CE2 1 
ATOM   385  C  CZ  . TYR A 1 51  ? -1.784  -9.460  6.856   1.00 31.96 ? 51   TYR A CZ  1 
ATOM   386  O  OH  . TYR A 1 51  ? -0.755  -8.944  6.071   1.00 34.18 ? 51   TYR A OH  1 
ATOM   387  N  N   . TYR A 1 52  ? -7.609  -10.239 7.477   1.00 33.05 ? 52   TYR A N   1 
ATOM   388  C  CA  . TYR A 1 52  ? -8.214  -9.839  6.233   1.00 32.85 ? 52   TYR A CA  1 
ATOM   389  C  C   . TYR A 1 52  ? -9.052  -8.562  6.427   1.00 32.58 ? 52   TYR A C   1 
ATOM   390  O  O   . TYR A 1 52  ? -8.911  -7.624  5.667   1.00 33.05 ? 52   TYR A O   1 
ATOM   391  C  CB  . TYR A 1 52  ? -9.096  -10.979 5.780   1.00 35.71 ? 52   TYR A CB  1 
ATOM   392  C  CG  . TYR A 1 52  ? -9.991  -10.595 4.649   1.00 36.25 ? 52   TYR A CG  1 
ATOM   393  C  CD1 . TYR A 1 52  ? -9.531  -10.658 3.322   1.00 37.30 ? 52   TYR A CD1 1 
ATOM   394  C  CD2 . TYR A 1 52  ? -11.306 -10.129 4.910   1.00 36.85 ? 52   TYR A CD2 1 
ATOM   395  C  CE1 . TYR A 1 52  ? -10.371 -10.265 2.258   1.00 41.03 ? 52   TYR A CE1 1 
ATOM   396  C  CE2 . TYR A 1 52  ? -12.152 -9.766  3.883   1.00 39.75 ? 52   TYR A CE2 1 
ATOM   397  C  CZ  . TYR A 1 52  ? -11.694 -9.823  2.570   1.00 40.99 ? 52   TYR A CZ  1 
ATOM   398  O  OH  . TYR A 1 52  ? -12.558 -9.449  1.565   1.00 41.49 ? 52   TYR A OH  1 
ATOM   399  N  N   . GLN A 1 53  ? -9.879  -8.531  7.479   1.00 32.57 ? 53   GLN A N   1 
ATOM   400  C  CA  . GLN A 1 53  ? -10.705 -7.346  7.796   1.00 33.18 ? 53   GLN A CA  1 
ATOM   401  C  C   . GLN A 1 53  ? -9.862  -6.112  8.140   1.00 32.35 ? 53   GLN A C   1 
ATOM   402  O  O   . GLN A 1 53  ? -10.161 -4.988  7.711   1.00 32.24 ? 53   GLN A O   1 
ATOM   403  C  CB  . GLN A 1 53  ? -11.719 -7.632  8.903   1.00 31.98 ? 53   GLN A CB  1 
ATOM   404  C  CG  . GLN A 1 53  ? -12.786 -8.709  8.610   1.00 37.19 ? 53   GLN A CG  1 
ATOM   405  C  CD  . GLN A 1 53  ? -13.710 -8.332  7.486   1.00 44.23 ? 53   GLN A CD  1 
ATOM   406  O  OE1 . GLN A 1 53  ? -13.835 -7.145  7.150   1.00 49.76 ? 53   GLN A OE1 1 
ATOM   407  N  NE2 . GLN A 1 53  ? -14.341 -9.336  6.859   1.00 43.62 ? 53   GLN A NE2 1 
ATOM   408  N  N   . ALA A 1 54  ? -8.809  -6.308  8.922   1.00 31.55 ? 54   ALA A N   1 
ATOM   409  C  CA  . ALA A 1 54  ? -7.867  -5.223  9.187   1.00 31.39 ? 54   ALA A CA  1 
ATOM   410  C  C   . ALA A 1 54  ? -7.201  -4.728  7.914   1.00 30.80 ? 54   ALA A C   1 
ATOM   411  O  O   . ALA A 1 54  ? -7.045  -3.534  7.724   1.00 32.20 ? 54   ALA A O   1 
ATOM   412  C  CB  . ALA A 1 54  ? -6.816  -5.641  10.191  1.00 30.30 ? 54   ALA A CB  1 
ATOM   413  N  N   . TYR A 1 55  ? -6.791  -5.657  7.075   1.00 32.23 ? 55   TYR A N   1 
ATOM   414  C  CA  . TYR A 1 55  ? -6.215  -5.323  5.796   1.00 33.39 ? 55   TYR A CA  1 
ATOM   415  C  C   . TYR A 1 55  ? -7.193  -4.589  4.884   1.00 34.76 ? 55   TYR A C   1 
ATOM   416  O  O   . TYR A 1 55  ? -6.844  -3.591  4.261   1.00 34.29 ? 55   TYR A O   1 
ATOM   417  C  CB  . TYR A 1 55  ? -5.669  -6.568  5.100   1.00 33.75 ? 55   TYR A CB  1 
ATOM   418  C  CG  . TYR A 1 55  ? -4.403  -6.192  4.326   1.00 34.29 ? 55   TYR A CG  1 
ATOM   419  C  CD1 . TYR A 1 55  ? -3.141  -6.389  4.890   1.00 32.63 ? 55   TYR A CD1 1 
ATOM   420  C  CD2 . TYR A 1 55  ? -4.478  -5.548  3.060   1.00 35.00 ? 55   TYR A CD2 1 
ATOM   421  C  CE1 . TYR A 1 55  ? -2.011  -6.018  4.214   1.00 33.57 ? 55   TYR A CE1 1 
ATOM   422  C  CE2 . TYR A 1 55  ? -3.294  -5.166  2.348   1.00 36.85 ? 55   TYR A CE2 1 
ATOM   423  C  CZ  . TYR A 1 55  ? -2.074  -5.410  2.966   1.00 35.38 ? 55   TYR A CZ  1 
ATOM   424  O  OH  . TYR A 1 55  ? -0.883  -5.074  2.391   1.00 37.18 ? 55   TYR A OH  1 
HETATM 425  N  N   . MSE A 1 56  ? -8.473  -5.034  4.847   1.00 38.28 ? 56   MSE A N   1 
HETATM 426  C  CA  . MSE A 1 56  ? -9.431  -4.358  3.962   1.00 38.54 ? 56   MSE A CA  1 
HETATM 427  C  C   . MSE A 1 56  ? -9.707  -2.992  4.524   1.00 39.44 ? 56   MSE A C   1 
HETATM 428  O  O   . MSE A 1 56  ? -9.972  -2.043  3.785   1.00 40.53 ? 56   MSE A O   1 
HETATM 429  C  CB  . MSE A 1 56  ? -10.716 -5.152  3.819   1.00 40.14 ? 56   MSE A CB  1 
HETATM 430  C  CG  . MSE A 1 56  ? -10.510 -6.531  3.235   1.00 44.24 ? 56   MSE A CG  1 
HETATM 431  SE SE  . MSE A 1 56  ? -9.775  -6.451  1.374   1.00 60.21 ? 56   MSE A SE  1 
HETATM 432  C  CE  . MSE A 1 56  ? -8.136  -6.631  1.542   1.00 50.23 ? 56   MSE A CE  1 
ATOM   433  N  N   . SER A 1 57  ? -9.639  -2.878  5.835   1.00 39.28 ? 57   SER A N   1 
ATOM   434  C  CA  . SER A 1 57  ? -9.961  -1.617  6.489   1.00 39.78 ? 57   SER A CA  1 
ATOM   435  C  C   . SER A 1 57  ? -8.938  -0.509  6.203   1.00 39.19 ? 57   SER A C   1 
ATOM   436  O  O   . SER A 1 57  ? -9.316  0.645   5.889   1.00 38.61 ? 57   SER A O   1 
ATOM   437  C  CB  . SER A 1 57  ? -10.106 -1.828  7.998   1.00 39.96 ? 57   SER A CB  1 
ATOM   438  O  OG  . SER A 1 57  ? -10.514 -0.625  8.601   1.00 46.53 ? 57   SER A OG  1 
ATOM   439  N  N   . VAL A 1 58  ? -7.656  -0.838  6.336   1.00 37.32 ? 58   VAL A N   1 
ATOM   440  C  CA  . VAL A 1 58  ? -6.593  0.122   6.069   1.00 37.83 ? 58   VAL A CA  1 
ATOM   441  C  C   . VAL A 1 58  ? -6.585  0.493   4.547   1.00 38.18 ? 58   VAL A C   1 
ATOM   442  O  O   . VAL A 1 58  ? -6.484  1.661   4.209   1.00 38.34 ? 58   VAL A O   1 
ATOM   443  C  CB  . VAL A 1 58  ? -5.178  -0.381  6.548   1.00 37.49 ? 58   VAL A CB  1 
ATOM   444  C  CG1 . VAL A 1 58  ? -4.073  0.607   6.108   1.00 38.78 ? 58   VAL A CG1 1 
ATOM   445  C  CG2 . VAL A 1 58  ? -5.109  -0.560  8.138   1.00 34.13 ? 58   VAL A CG2 1 
ATOM   446  N  N   . THR A 1 59  ? -6.714  -0.502  3.662   1.00 38.82 ? 59   THR A N   1 
ATOM   447  C  CA  . THR A 1 59  ? -6.680  -0.285  2.188   1.00 38.50 ? 59   THR A CA  1 
ATOM   448  C  C   . THR A 1 59  ? -7.873  0.527   1.701   1.00 39.86 ? 59   THR A C   1 
ATOM   449  O  O   . THR A 1 59  ? -7.752  1.404   0.851   1.00 39.13 ? 59   THR A O   1 
ATOM   450  C  CB  . THR A 1 59  ? -6.530  -1.603  1.399   1.00 38.08 ? 59   THR A CB  1 
ATOM   451  O  OG1 . THR A 1 59  ? -7.586  -2.514  1.697   1.00 39.85 ? 59   THR A OG1 1 
ATOM   452  C  CG2 . THR A 1 59  ? -5.213  -2.299  1.780   1.00 38.89 ? 59   THR A CG2 1 
ATOM   453  N  N   . GLU A 1 60  ? -9.036  0.283   2.311   1.00 40.79 ? 60   GLU A N   1 
ATOM   454  C  CA  . GLU A 1 60  ? -10.206 1.067   2.009   1.00 40.98 ? 60   GLU A CA  1 
ATOM   455  C  C   . GLU A 1 60  ? -9.966  2.557   2.235   1.00 41.96 ? 60   GLU A C   1 
ATOM   456  O  O   . GLU A 1 60  ? -10.352 3.386   1.369   1.00 41.21 ? 60   GLU A O   1 
ATOM   457  C  CB  . GLU A 1 60  ? -11.441 0.575   2.783   1.00 40.44 ? 60   GLU A CB  1 
ATOM   458  N  N   . LYS A 1 61  ? -9.353  2.928   3.364   1.00 42.70 ? 61   LYS A N   1 
ATOM   459  C  CA  . LYS A 1 61  ? -9.118  4.374   3.586   1.00 44.14 ? 61   LYS A CA  1 
ATOM   460  C  C   . LYS A 1 61  ? -8.070  4.966   2.613   1.00 43.97 ? 61   LYS A C   1 
ATOM   461  O  O   . LYS A 1 61  ? -8.191  6.125   2.158   1.00 44.08 ? 61   LYS A O   1 
ATOM   462  C  CB  . LYS A 1 61  ? -8.819  4.727   5.046   1.00 44.62 ? 61   LYS A CB  1 
ATOM   463  C  CG  . LYS A 1 61  ? -7.500  4.219   5.600   1.00 47.33 ? 61   LYS A CG  1 
ATOM   464  N  N   . LEU A 1 62  ? -7.099  4.148   2.242   1.00 42.10 ? 62   LEU A N   1 
ATOM   465  C  CA  . LEU A 1 62  ? -6.144  4.588   1.233   1.00 42.88 ? 62   LEU A CA  1 
ATOM   466  C  C   . LEU A 1 62  ? -6.775  4.701   -0.172  1.00 42.12 ? 62   LEU A C   1 
ATOM   467  O  O   . LEU A 1 62  ? -6.394  5.570   -0.957  1.00 42.12 ? 62   LEU A O   1 
ATOM   468  C  CB  . LEU A 1 62  ? -4.954  3.644   1.182   1.00 43.61 ? 62   LEU A CB  1 
ATOM   469  C  CG  . LEU A 1 62  ? -4.182  3.570   2.505   1.00 46.85 ? 62   LEU A CG  1 
ATOM   470  C  CD1 . LEU A 1 62  ? -3.092  2.520   2.407   1.00 48.89 ? 62   LEU A CD1 1 
ATOM   471  C  CD2 . LEU A 1 62  ? -3.620  4.942   2.828   1.00 49.83 ? 62   LEU A CD2 1 
ATOM   472  N  N   . GLN A 1 63  ? -7.660  3.759   -0.510  1.00 39.56 ? 63   GLN A N   1 
ATOM   473  C  CA  . GLN A 1 63  ? -8.250  3.749   -1.821  1.00 40.39 ? 63   GLN A CA  1 
ATOM   474  C  C   . GLN A 1 63  ? -9.024  5.095   -1.984  1.00 40.53 ? 63   GLN A C   1 
ATOM   475  O  O   . GLN A 1 63  ? -8.980  5.753   -3.025  1.00 40.28 ? 63   GLN A O   1 
ATOM   476  C  CB  . GLN A 1 63  ? -9.127  2.520   -1.969  1.00 41.34 ? 63   GLN A CB  1 
ATOM   477  C  CG  . GLN A 1 63  ? -9.905  2.450   -3.307  1.00 45.23 ? 63   GLN A CG  1 
ATOM   478  C  CD  . GLN A 1 63  ? -8.944  2.096   -4.415  1.00 48.38 ? 63   GLN A CD  1 
ATOM   479  O  OE1 . GLN A 1 63  ? -7.884  1.523   -4.137  1.00 49.53 ? 63   GLN A OE1 1 
ATOM   480  N  NE2 . GLN A 1 63  ? -9.268  2.462   -5.664  1.00 48.29 ? 63   GLN A NE2 1 
ATOM   481  N  N   . LYS A 1 64  ? -9.707  5.519   -0.930  1.00 41.67 ? 64   LYS A N   1 
ATOM   482  C  CA  . LYS A 1 64  ? -10.445 6.773   -0.927  1.00 42.41 ? 64   LYS A CA  1 
ATOM   483  C  C   . LYS A 1 64  ? -9.573  8.011   -1.128  1.00 42.01 ? 64   LYS A C   1 
ATOM   484  O  O   . LYS A 1 64  ? -9.915  8.912   -1.910  1.00 40.97 ? 64   LYS A O   1 
ATOM   485  C  CB  . LYS A 1 64  ? -11.275 6.865   0.365   1.00 42.86 ? 64   LYS A CB  1 
ATOM   486  C  CG  . LYS A 1 64  ? -12.275 5.704   0.511   1.00 46.07 ? 64   LYS A CG  1 
ATOM   487  C  CD  . LYS A 1 64  ? -13.472 5.870   -0.445  1.00 51.29 ? 64   LYS A CD  1 
ATOM   488  N  N   . GLU A 1 65  ? -8.455  8.069   -0.409  1.00 43.10 ? 65   GLU A N   1 
ATOM   489  C  CA  . GLU A 1 65  ? -7.460  9.111   -0.647  1.00 44.30 ? 65   GLU A CA  1 
ATOM   490  C  C   . GLU A 1 65  ? -6.936  9.065   -2.090  1.00 42.68 ? 65   GLU A C   1 
ATOM   491  O  O   . GLU A 1 65  ? -6.888  10.093  -2.754  1.00 41.60 ? 65   GLU A O   1 
ATOM   492  C  CB  . GLU A 1 65  ? -6.363  9.110   0.407   1.00 45.40 ? 65   GLU A CB  1 
ATOM   493  C  CG  . GLU A 1 65  ? -6.859  9.837   1.674   1.00 51.68 ? 65   GLU A CG  1 
ATOM   494  C  CD  . GLU A 1 65  ? -6.019  9.542   2.899   1.00 58.73 ? 65   GLU A CD  1 
ATOM   495  O  OE1 . GLU A 1 65  ? -4.796  9.872   2.864   1.00 60.81 ? 65   GLU A OE1 1 
ATOM   496  O  OE2 . GLU A 1 65  ? -6.586  8.999   3.890   1.00 60.51 ? 65   GLU A OE2 1 
ATOM   497  N  N   . PHE A 1 66  ? -6.665  7.856   -2.587  1.00 42.00 ? 66   PHE A N   1 
ATOM   498  C  CA  . PHE A 1 66  ? -6.335  7.711   -4.003  1.00 39.20 ? 66   PHE A CA  1 
ATOM   499  C  C   . PHE A 1 66  ? -7.422  8.239   -4.903  1.00 39.08 ? 66   PHE A C   1 
ATOM   500  O  O   . PHE A 1 66  ? -7.124  8.939   -5.847  1.00 36.92 ? 66   PHE A O   1 
ATOM   501  C  CB  . PHE A 1 66  ? -6.018  6.294   -4.440  1.00 39.91 ? 66   PHE A CB  1 
ATOM   502  C  CG  . PHE A 1 66  ? -5.531  6.242   -5.872  1.00 41.89 ? 66   PHE A CG  1 
ATOM   503  C  CD1 . PHE A 1 66  ? -4.323  6.861   -6.234  1.00 43.40 ? 66   PHE A CD1 1 
ATOM   504  C  CD2 . PHE A 1 66  ? -6.326  5.688   -6.875  1.00 45.15 ? 66   PHE A CD2 1 
ATOM   505  C  CE1 . PHE A 1 66  ? -3.887  6.887   -7.586  1.00 42.91 ? 66   PHE A CE1 1 
ATOM   506  C  CE2 . PHE A 1 66  ? -5.892  5.694   -8.233  1.00 44.90 ? 66   PHE A CE2 1 
ATOM   507  C  CZ  . PHE A 1 66  ? -4.691  6.293   -8.580  1.00 42.02 ? 66   PHE A CZ  1 
ATOM   508  N  N   . GLU A 1 67  ? -8.686  7.892   -4.637  1.00 38.79 ? 67   GLU A N   1 
ATOM   509  C  CA  . GLU A 1 67  ? -9.747  8.317   -5.565  1.00 40.48 ? 67   GLU A CA  1 
ATOM   510  C  C   . GLU A 1 67  ? -9.824  9.820   -5.670  1.00 39.46 ? 67   GLU A C   1 
ATOM   511  O  O   . GLU A 1 67  ? -9.982  10.331  -6.775  1.00 40.87 ? 67   GLU A O   1 
ATOM   512  C  CB  . GLU A 1 67  ? -11.113 7.704   -5.233  1.00 40.27 ? 67   GLU A CB  1 
ATOM   513  C  CG  . GLU A 1 67  ? -11.124 6.187   -5.385  1.00 45.26 ? 67   GLU A CG  1 
ATOM   514  C  CD  . GLU A 1 67  ? -12.455 5.560   -4.925  1.00 44.77 ? 67   GLU A CD  1 
ATOM   515  O  OE1 . GLU A 1 67  ? -13.281 6.254   -4.272  1.00 50.96 ? 67   GLU A OE1 1 
ATOM   516  O  OE2 . GLU A 1 67  ? -12.643 4.360   -5.210  1.00 52.41 ? 67   GLU A OE2 1 
ATOM   517  N  N   . ASN A 1 68  ? -9.682  10.547  -4.561  1.00 40.40 ? 68   ASN A N   1 
ATOM   518  C  CA  . ASN A 1 68  ? -9.671  12.016  -4.671  1.00 40.22 ? 68   ASN A CA  1 
ATOM   519  C  C   . ASN A 1 68  ? -8.453  12.525  -5.384  1.00 39.19 ? 68   ASN A C   1 
ATOM   520  O  O   . ASN A 1 68  ? -8.545  13.501  -6.154  1.00 38.36 ? 68   ASN A O   1 
ATOM   521  C  CB  . ASN A 1 68  ? -9.786  12.799  -3.340  1.00 42.02 ? 68   ASN A CB  1 
ATOM   522  C  CG  . ASN A 1 68  ? -9.622  14.384  -3.560  1.00 43.98 ? 68   ASN A CG  1 
ATOM   523  O  OD1 . ASN A 1 68  ? -10.486 15.070  -4.169  1.00 47.50 ? 68   ASN A OD1 1 
ATOM   524  N  ND2 . ASN A 1 68  ? -8.484  14.927  -3.100  1.00 46.10 ? 68   ASN A ND2 1 
ATOM   525  N  N   . PHE A 1 69  ? -7.292  11.901  -5.120  1.00 37.32 ? 69   PHE A N   1 
ATOM   526  C  CA  . PHE A 1 69  ? -6.082  12.345  -5.771  1.00 35.88 ? 69   PHE A CA  1 
ATOM   527  C  C   . PHE A 1 69  ? -6.250  12.227  -7.287  1.00 35.81 ? 69   PHE A C   1 
ATOM   528  O  O   . PHE A 1 69  ? -5.902  13.136  -8.035  1.00 35.23 ? 69   PHE A O   1 
ATOM   529  C  CB  . PHE A 1 69  ? -4.856  11.540  -5.274  1.00 34.50 ? 69   PHE A CB  1 
ATOM   530  C  CG  . PHE A 1 69  ? -3.576  11.904  -5.967  1.00 34.09 ? 69   PHE A CG  1 
ATOM   531  C  CD1 . PHE A 1 69  ? -2.717  12.855  -5.422  1.00 33.01 ? 69   PHE A CD1 1 
ATOM   532  C  CD2 . PHE A 1 69  ? -3.231  11.314  -7.172  1.00 30.48 ? 69   PHE A CD2 1 
ATOM   533  C  CE1 . PHE A 1 69  ? -1.525  13.206  -6.075  1.00 35.62 ? 69   PHE A CE1 1 
ATOM   534  C  CE2 . PHE A 1 69  ? -2.013  11.679  -7.836  1.00 30.09 ? 69   PHE A CE2 1 
ATOM   535  C  CZ  . PHE A 1 69  ? -1.193  12.598  -7.272  1.00 34.34 ? 69   PHE A CZ  1 
ATOM   536  N  N   . LEU A 1 70  ? -6.767  11.094  -7.726  1.00 37.01 ? 70   LEU A N   1 
ATOM   537  C  CA  . LEU A 1 70  ? -6.951  10.808  -9.135  1.00 39.76 ? 70   LEU A CA  1 
ATOM   538  C  C   . LEU A 1 70  ? -7.863  11.868  -9.794  1.00 40.68 ? 70   LEU A C   1 
ATOM   539  O  O   . LEU A 1 70  ? -7.504  12.427  -10.837 1.00 37.51 ? 70   LEU A O   1 
ATOM   540  C  CB  . LEU A 1 70  ? -7.510  9.378   -9.321  1.00 39.75 ? 70   LEU A CB  1 
ATOM   541  C  CG  . LEU A 1 70  ? -7.891  9.023   -10.774 1.00 41.86 ? 70   LEU A CG  1 
ATOM   542  C  CD1 . LEU A 1 70  ? -6.668  8.989   -11.732 1.00 38.63 ? 70   LEU A CD1 1 
ATOM   543  C  CD2 . LEU A 1 70  ? -8.670  7.675   -10.765 1.00 42.98 ? 70   LEU A CD2 1 
HETATM 544  N  N   . MSE A 1 71  ? -9.000  12.163  -9.153  1.00 43.23 ? 71   MSE A N   1 
HETATM 545  C  CA  . MSE A 1 71  ? -9.968  13.190  -9.632  1.00 46.52 ? 71   MSE A CA  1 
HETATM 546  C  C   . MSE A 1 71  ? -9.289  14.533  -9.921  1.00 43.86 ? 71   MSE A C   1 
HETATM 547  O  O   . MSE A 1 71  ? -9.514  15.136  -10.974 1.00 44.46 ? 71   MSE A O   1 
HETATM 548  C  CB  . MSE A 1 71  ? -11.135 13.393  -8.630  1.00 45.21 ? 71   MSE A CB  1 
HETATM 549  C  CG  . MSE A 1 71  ? -12.044 14.648  -8.935  1.00 47.61 ? 71   MSE A CG  1 
HETATM 550  SE SE  . MSE A 1 71  ? -13.182 15.316  -7.421  1.00 60.70 ? 71   MSE A SE  1 
HETATM 551  C  CE  . MSE A 1 71  ? -13.437 13.504  -6.455  1.00 51.79 ? 71   MSE A CE  1 
ATOM   552  N  N   . LYS A 1 72  ? -8.461  14.987  -8.991  1.00 41.83 ? 72   LYS A N   1 
ATOM   553  C  CA  . LYS A 1 72  ? -7.843  16.295  -9.059  1.00 40.87 ? 72   LYS A CA  1 
ATOM   554  C  C   . LYS A 1 72  ? -6.600  16.378  -9.958  1.00 39.54 ? 72   LYS A C   1 
ATOM   555  O  O   . LYS A 1 72  ? -6.183  17.462  -10.378 1.00 39.60 ? 72   LYS A O   1 
ATOM   556  C  CB  . LYS A 1 72  ? -7.454  16.697  -7.651  1.00 41.41 ? 72   LYS A CB  1 
ATOM   557  C  CG  . LYS A 1 72  ? -7.341  18.172  -7.427  1.00 45.12 ? 72   LYS A CG  1 
ATOM   558  C  CD  . LYS A 1 72  ? -6.810  18.485  -6.044  1.00 49.73 ? 72   LYS A CD  1 
ATOM   559  C  CE  . LYS A 1 72  ? -7.951  18.607  -5.046  1.00 50.17 ? 72   LYS A CE  1 
ATOM   560  N  NZ  . LYS A 1 72  ? -7.556  19.622  -4.039  1.00 52.16 ? 72   LYS A NZ  1 
ATOM   561  N  N   . ASN A 1 73  ? -5.990  15.229  -10.235 1.00 37.30 ? 73   ASN A N   1 
ATOM   562  C  CA  . ASN A 1 73  ? -4.704  15.186  -10.886 1.00 35.68 ? 73   ASN A CA  1 
ATOM   563  C  C   . ASN A 1 73  ? -4.814  14.403  -12.182 1.00 35.57 ? 73   ASN A C   1 
ATOM   564  O  O   . ASN A 1 73  ? -3.833  14.172  -12.852 1.00 35.44 ? 73   ASN A O   1 
ATOM   565  C  CB  . ASN A 1 73  ? -3.676  14.517  -9.952  1.00 34.49 ? 73   ASN A CB  1 
ATOM   566  C  CG  . ASN A 1 73  ? -3.247  15.418  -8.818  1.00 33.12 ? 73   ASN A CG  1 
ATOM   567  O  OD1 . ASN A 1 73  ? -2.421  16.300  -8.987  1.00 35.24 ? 73   ASN A OD1 1 
ATOM   568  N  ND2 . ASN A 1 73  ? -3.792  15.190  -7.664  1.00 34.80 ? 73   ASN A ND2 1 
ATOM   569  N  N   . ARG A 1 74  ? -6.030  13.999  -12.507 1.00 35.78 ? 74   ARG A N   1 
ATOM   570  C  CA  . ARG A 1 74  ? -6.347  13.227  -13.722 1.00 37.97 ? 74   ARG A CA  1 
ATOM   571  C  C   . ARG A 1 74  ? -5.718  13.737  -15.026 1.00 37.23 ? 74   ARG A C   1 
ATOM   572  O  O   . ARG A 1 74  ? -5.278  12.936  -15.843 1.00 38.75 ? 74   ARG A O   1 
ATOM   573  C  CB  . ARG A 1 74  ? -7.882  13.104  -13.860 1.00 37.20 ? 74   ARG A CB  1 
ATOM   574  C  CG  . ARG A 1 74  ? -8.454  12.574  -15.180 1.00 40.05 ? 74   ARG A CG  1 
ATOM   575  C  CD  . ARG A 1 74  ? -9.786  11.802  -14.937 1.00 36.97 ? 74   ARG A CD  1 
ATOM   576  N  N   . ASN A 1 75  ? -5.628  15.047  -15.196 1.00 36.94 ? 75   ASN A N   1 
ATOM   577  C  CA  . ASN A 1 75  ? -5.005  15.628  -16.410 1.00 36.26 ? 75   ASN A CA  1 
ATOM   578  C  C   . ASN A 1 75  ? -3.489  15.726  -16.490 1.00 35.53 ? 75   ASN A C   1 
ATOM   579  O  O   . ASN A 1 75  ? -2.946  16.115  -17.515 1.00 33.65 ? 75   ASN A O   1 
ATOM   580  C  CB  . ASN A 1 75  ? -5.584  16.999  -16.644 1.00 38.19 ? 75   ASN A CB  1 
ATOM   581  C  CG  . ASN A 1 75  ? -7.037  16.932  -17.083 1.00 41.17 ? 75   ASN A CG  1 
ATOM   582  O  OD1 . ASN A 1 75  ? -7.387  16.131  -17.954 1.00 44.88 ? 75   ASN A OD1 1 
ATOM   583  N  ND2 . ASN A 1 75  ? -7.889  17.748  -16.466 1.00 44.15 ? 75   ASN A ND2 1 
ATOM   584  N  N   . ARG A 1 76  ? -2.796  15.342  -15.423 1.00 34.99 ? 76   ARG A N   1 
ATOM   585  C  CA  . ARG A 1 76  ? -1.347  15.497  -15.362 1.00 34.32 ? 76   ARG A CA  1 
ATOM   586  C  C   . ARG A 1 76  ? -0.704  14.464  -16.288 1.00 33.24 ? 76   ARG A C   1 
ATOM   587  O  O   . ARG A 1 76  ? -1.330  13.446  -16.628 1.00 31.94 ? 76   ARG A O   1 
ATOM   588  C  CB  . ARG A 1 76  ? -0.885  15.280  -13.910 1.00 35.28 ? 76   ARG A CB  1 
ATOM   589  C  CG  . ARG A 1 76  ? -1.023  16.490  -13.003 1.00 36.52 ? 76   ARG A CG  1 
ATOM   590  C  CD  . ARG A 1 76  ? -0.283  16.240  -11.636 1.00 36.00 ? 76   ARG A CD  1 
ATOM   591  N  NE  . ARG A 1 76  ? -0.677  17.275  -10.669 1.00 37.76 ? 76   ARG A NE  1 
ATOM   592  C  CZ  . ARG A 1 76  ? -0.153  18.510  -10.612 1.00 43.26 ? 76   ARG A CZ  1 
ATOM   593  N  NH1 . ARG A 1 76  ? 0.804   18.881  -11.446 1.00 40.11 ? 76   ARG A NH1 1 
ATOM   594  N  NH2 . ARG A 1 76  ? -0.617  19.420  -9.738  1.00 45.42 ? 76   ARG A NH2 1 
ATOM   595  N  N   . ASP A 1 77  ? 0.498   14.766  -16.768 1.00 32.75 ? 77   ASP A N   1 
ATOM   596  C  CA  . ASP A 1 77  ? 1.393   13.772  -17.315 1.00 33.54 ? 77   ASP A CA  1 
ATOM   597  C  C   . ASP A 1 77  ? 1.469   12.575  -16.344 1.00 32.67 ? 77   ASP A C   1 
ATOM   598  O  O   . ASP A 1 77  ? 1.546   12.770  -15.125 1.00 32.99 ? 77   ASP A O   1 
ATOM   599  C  CB  . ASP A 1 77  ? 2.783   14.392  -17.428 1.00 33.79 ? 77   ASP A CB  1 
ATOM   600  C  CG  . ASP A 1 77  ? 3.812   13.421  -17.853 1.00 33.12 ? 77   ASP A CG  1 
ATOM   601  O  OD1 . ASP A 1 77  ? 3.979   13.162  -19.041 1.00 39.34 ? 77   ASP A OD1 1 
ATOM   602  O  OD2 . ASP A 1 77  ? 4.476   12.915  -16.987 1.00 35.35 ? 77   ASP A OD2 1 
ATOM   603  N  N   . ILE A 1 78  ? 1.435   11.358  -16.878 1.00 32.26 ? 78   ILE A N   1 
ATOM   604  C  CA  . ILE A 1 78  ? 1.450   10.137  -16.023 1.00 34.19 ? 78   ILE A CA  1 
ATOM   605  C  C   . ILE A 1 78  ? 2.714   10.024  -15.156 1.00 33.66 ? 78   ILE A C   1 
ATOM   606  O  O   . ILE A 1 78  ? 2.608   9.576   -14.019 1.00 35.16 ? 78   ILE A O   1 
ATOM   607  C  CB  . ILE A 1 78  ? 1.114   8.837   -16.834 1.00 33.58 ? 78   ILE A CB  1 
ATOM   608  C  CG1 . ILE A 1 78  ? 0.782   7.643   -15.921 1.00 35.66 ? 78   ILE A CG1 1 
ATOM   609  C  CG2 . ILE A 1 78  ? 2.184   8.547   -17.873 1.00 36.90 ? 78   ILE A CG2 1 
ATOM   610  C  CD1 . ILE A 1 78  ? -0.423  7.879   -15.019 1.00 33.39 ? 78   ILE A CD1 1 
ATOM   611  N  N   . PHE A 1 79  ? 3.909   10.442  -15.638 1.00 32.88 ? 79   PHE A N   1 
ATOM   612  C  CA  . PHE A 1 79  ? 5.113   10.388  -14.761 1.00 31.07 ? 79   PHE A CA  1 
ATOM   613  C  C   . PHE A 1 79  ? 5.062   11.397  -13.628 1.00 30.86 ? 79   PHE A C   1 
ATOM   614  O  O   . PHE A 1 79  ? 5.433   11.063  -12.523 1.00 31.91 ? 79   PHE A O   1 
ATOM   615  C  CB  . PHE A 1 79  ? 6.450   10.521  -15.578 1.00 31.63 ? 79   PHE A CB  1 
ATOM   616  C  CG  . PHE A 1 79  ? 6.601   9.429   -16.636 1.00 31.89 ? 79   PHE A CG  1 
ATOM   617  C  CD1 . PHE A 1 79  ? 5.940   9.542   -17.853 1.00 30.89 ? 79   PHE A CD1 1 
ATOM   618  C  CD2 . PHE A 1 79  ? 7.338   8.276   -16.376 1.00 31.40 ? 79   PHE A CD2 1 
ATOM   619  C  CE1 . PHE A 1 79  ? 6.047   8.538   -18.827 1.00 34.02 ? 79   PHE A CE1 1 
ATOM   620  C  CE2 . PHE A 1 79  ? 7.437   7.256   -17.347 1.00 31.74 ? 79   PHE A CE2 1 
ATOM   621  C  CZ  . PHE A 1 79  ? 6.788   7.389   -18.557 1.00 32.27 ? 79   PHE A CZ  1 
ATOM   622  N  N   . ASP A 1 80  ? 4.590   12.630  -13.901 1.00 30.20 ? 80   ASP A N   1 
ATOM   623  C  CA  . ASP A 1 80  ? 4.285   13.605  -12.823 1.00 31.63 ? 80   ASP A CA  1 
ATOM   624  C  C   . ASP A 1 80  ? 3.191   13.114  -11.869 1.00 29.86 ? 80   ASP A C   1 
ATOM   625  O  O   . ASP A 1 80  ? 3.314   13.246  -10.661 1.00 30.45 ? 80   ASP A O   1 
ATOM   626  C  CB  . ASP A 1 80  ? 3.780   14.937  -13.409 1.00 32.07 ? 80   ASP A CB  1 
ATOM   627  C  CG  . ASP A 1 80  ? 4.848   15.692  -14.130 1.00 38.93 ? 80   ASP A CG  1 
ATOM   628  O  OD1 . ASP A 1 80  ? 6.036   15.307  -14.053 1.00 45.86 ? 80   ASP A OD1 1 
ATOM   629  O  OD2 . ASP A 1 80  ? 4.502   16.722  -14.786 1.00 46.07 ? 80   ASP A OD2 1 
ATOM   630  N  N   . PHE A 1 81  ? 2.126   12.544  -12.426 1.00 28.90 ? 81   PHE A N   1 
ATOM   631  C  CA  . PHE A 1 81  ? 1.074   11.892  -11.620 1.00 29.39 ? 81   PHE A CA  1 
ATOM   632  C  C   . PHE A 1 81  ? 1.718   10.883  -10.609 1.00 30.88 ? 81   PHE A C   1 
ATOM   633  O  O   . PHE A 1 81  ? 1.463   10.947  -9.394  1.00 31.53 ? 81   PHE A O   1 
ATOM   634  C  CB  . PHE A 1 81  ? 0.044   11.186  -12.548 1.00 27.69 ? 81   PHE A CB  1 
ATOM   635  C  CG  . PHE A 1 81  ? -1.183  10.688  -11.825 1.00 30.71 ? 81   PHE A CG  1 
ATOM   636  C  CD1 . PHE A 1 81  ? -2.333  11.470  -11.739 1.00 27.60 ? 81   PHE A CD1 1 
ATOM   637  C  CD2 . PHE A 1 81  ? -1.174  9.447   -11.204 1.00 32.68 ? 81   PHE A CD2 1 
ATOM   638  C  CE1 . PHE A 1 81  ? -3.483  10.998  -11.039 1.00 27.31 ? 81   PHE A CE1 1 
ATOM   639  C  CE2 . PHE A 1 81  ? -2.313  8.967   -10.506 1.00 32.62 ? 81   PHE A CE2 1 
ATOM   640  C  CZ  . PHE A 1 81  ? -3.439  9.729   -10.407 1.00 29.02 ? 81   PHE A CZ  1 
HETATM 641  N  N   . MSE A 1 82  ? 2.459   9.910   -11.124 1.00 31.41 ? 82   MSE A N   1 
HETATM 642  C  CA  . MSE A 1 82  ? 3.096   8.872   -10.322 1.00 36.28 ? 82   MSE A CA  1 
HETATM 643  C  C   . MSE A 1 82  ? 4.008   9.435   -9.252  1.00 34.24 ? 82   MSE A C   1 
HETATM 644  O  O   . MSE A 1 82  ? 3.883   9.064   -8.088  1.00 31.99 ? 82   MSE A O   1 
HETATM 645  C  CB  . MSE A 1 82  ? 3.893   7.920   -11.240 1.00 34.71 ? 82   MSE A CB  1 
HETATM 646  C  CG  . MSE A 1 82  ? 2.930   7.089   -12.082 1.00 38.86 ? 82   MSE A CG  1 
HETATM 647  SE SE  . MSE A 1 82  ? 3.774   5.725   -13.139 1.00 52.12 ? 82   MSE A SE  1 
HETATM 648  C  CE  . MSE A 1 82  ? 4.815   4.939   -11.695 1.00 23.58 ? 82   MSE A CE  1 
ATOM   649  N  N   . GLU A 1 83  ? 4.925   10.327  -9.652  1.00 33.70 ? 83   GLU A N   1 
ATOM   650  C  CA  . GLU A 1 83  ? 5.812   11.045  -8.708  1.00 34.38 ? 83   GLU A CA  1 
ATOM   651  C  C   . GLU A 1 83  ? 5.024   11.755  -7.578  1.00 34.78 ? 83   GLU A C   1 
ATOM   652  O  O   . GLU A 1 83  ? 5.363   11.656  -6.377  1.00 34.18 ? 83   GLU A O   1 
ATOM   653  C  CB  . GLU A 1 83  ? 6.725   12.038  -9.510  1.00 34.27 ? 83   GLU A CB  1 
ATOM   654  C  CG  . GLU A 1 83  ? 7.899   12.709  -8.779  1.00 35.11 ? 83   GLU A CG  1 
ATOM   655  C  CD  . GLU A 1 83  ? 7.526   13.715  -7.707  1.00 38.37 ? 83   GLU A CD  1 
ATOM   656  O  OE1 . GLU A 1 83  ? 6.644   14.557  -7.929  1.00 40.48 ? 83   GLU A OE1 1 
ATOM   657  O  OE2 . GLU A 1 83  ? 8.121   13.666  -6.604  1.00 40.11 ? 83   GLU A OE2 1 
ATOM   658  N  N   . ARG A 1 84  ? 3.959   12.461  -7.933  1.00 34.87 ? 84   ARG A N   1 
ATOM   659  C  CA  . ARG A 1 84  ? 3.192   13.186  -6.932  1.00 33.99 ? 84   ARG A CA  1 
ATOM   660  C  C   . ARG A 1 84  ? 2.480   12.250  -5.962  1.00 34.55 ? 84   ARG A C   1 
ATOM   661  O  O   . ARG A 1 84  ? 2.364   12.563  -4.769  1.00 34.79 ? 84   ARG A O   1 
ATOM   662  C  CB  . ARG A 1 84  ? 2.200   14.176  -7.582  1.00 34.93 ? 84   ARG A CB  1 
ATOM   663  C  CG  . ARG A 1 84  ? 2.932   15.381  -8.208  1.00 34.29 ? 84   ARG A CG  1 
ATOM   664  N  N   . TRP A 1 85  ? 1.989   11.127  -6.480  1.00 33.45 ? 85   TRP A N   1 
ATOM   665  C  CA  . TRP A 1 85  ? 1.275   10.196  -5.646  1.00 34.55 ? 85   TRP A CA  1 
ATOM   666  C  C   . TRP A 1 85  ? 2.303   9.461   -4.743  1.00 35.16 ? 85   TRP A C   1 
ATOM   667  O  O   . TRP A 1 85  ? 2.032   9.238   -3.562  1.00 34.83 ? 85   TRP A O   1 
ATOM   668  C  CB  . TRP A 1 85  ? 0.419   9.236   -6.482  1.00 34.86 ? 85   TRP A CB  1 
ATOM   669  C  CG  . TRP A 1 85  ? -0.250  8.199   -5.633  1.00 37.24 ? 85   TRP A CG  1 
ATOM   670  C  CD1 . TRP A 1 85  ? 0.017   6.862   -5.611  1.00 40.95 ? 85   TRP A CD1 1 
ATOM   671  C  CD2 . TRP A 1 85  ? -1.238  8.428   -4.623  1.00 35.45 ? 85   TRP A CD2 1 
ATOM   672  N  NE1 . TRP A 1 85  ? -0.785  6.238   -4.686  1.00 40.86 ? 85   TRP A NE1 1 
ATOM   673  C  CE2 . TRP A 1 85  ? -1.534  7.185   -4.040  1.00 39.25 ? 85   TRP A CE2 1 
ATOM   674  C  CE3 . TRP A 1 85  ? -1.897  9.568   -4.156  1.00 39.67 ? 85   TRP A CE3 1 
ATOM   675  C  CZ2 . TRP A 1 85  ? -2.477  7.046   -3.019  1.00 40.13 ? 85   TRP A CZ2 1 
ATOM   676  C  CZ3 . TRP A 1 85  ? -2.829  9.429   -3.123  1.00 39.80 ? 85   TRP A CZ3 1 
ATOM   677  C  CH2 . TRP A 1 85  ? -3.119  8.176   -2.591  1.00 37.54 ? 85   TRP A CH2 1 
ATOM   678  N  N   . ILE A 1 86  ? 3.459   9.115   -5.303  1.00 33.67 ? 86   ILE A N   1 
ATOM   679  C  CA  . ILE A 1 86  ? 4.551   8.493   -4.478  1.00 34.94 ? 86   ILE A CA  1 
ATOM   680  C  C   . ILE A 1 86  ? 4.912   9.406   -3.292  1.00 35.34 ? 86   ILE A C   1 
ATOM   681  O  O   . ILE A 1 86  ? 5.032   8.942   -2.154  1.00 36.53 ? 86   ILE A O   1 
ATOM   682  C  CB  . ILE A 1 86  ? 5.776   8.105   -5.311  1.00 33.12 ? 86   ILE A CB  1 
ATOM   683  C  CG1 . ILE A 1 86  ? 5.493   6.837   -6.126  1.00 34.57 ? 86   ILE A CG1 1 
ATOM   684  C  CG2 . ILE A 1 86  ? 7.087   7.969   -4.400  1.00 33.88 ? 86   ILE A CG2 1 
ATOM   685  C  CD1 . ILE A 1 86  ? 6.500   6.584   -7.292  1.00 34.23 ? 86   ILE A CD1 1 
ATOM   686  N  N   . GLU A 1 87  ? 5.089   10.695  -3.543  1.00 36.21 ? 87   GLU A N   1 
ATOM   687  C  CA  . GLU A 1 87  ? 5.281   11.688  -2.460  1.00 37.16 ? 87   GLU A CA  1 
ATOM   688  C  C   . GLU A 1 87  ? 4.212   11.599  -1.401  1.00 38.65 ? 87   GLU A C   1 
ATOM   689  O  O   . GLU A 1 87  ? 4.543   11.736  -0.230  1.00 38.41 ? 87   GLU A O   1 
ATOM   690  C  CB  . GLU A 1 87  ? 5.323   13.140  -2.947  1.00 37.71 ? 87   GLU A CB  1 
ATOM   691  C  CG  . GLU A 1 87  ? 6.520   13.499  -3.861  1.00 33.72 ? 87   GLU A CG  1 
ATOM   692  C  CD  . GLU A 1 87  ? 6.722   14.998  -3.974  1.00 37.83 ? 87   GLU A CD  1 
ATOM   693  O  OE1 . GLU A 1 87  ? 6.171   15.748  -3.169  1.00 45.02 ? 87   GLU A OE1 1 
ATOM   694  O  OE2 . GLU A 1 87  ? 7.420   15.470  -4.880  1.00 40.62 ? 87   GLU A OE2 1 
ATOM   695  N  N   . LYS A 1 88  ? 2.949   11.410  -1.813  1.00 38.95 ? 88   LYS A N   1 
ATOM   696  C  CA  . LYS A 1 88  ? 1.838   11.392  -0.851  1.00 40.72 ? 88   LYS A CA  1 
ATOM   697  C  C   . LYS A 1 88  ? 1.901   10.086  -0.073  1.00 39.93 ? 88   LYS A C   1 
ATOM   698  O  O   . LYS A 1 88  ? 1.621   10.098  1.103   1.00 40.87 ? 88   LYS A O   1 
ATOM   699  C  CB  . LYS A 1 88  ? 0.451   11.543  -1.504  1.00 40.78 ? 88   LYS A CB  1 
ATOM   700  C  CG  . LYS A 1 88  ? 0.131   12.959  -2.004  1.00 43.55 ? 88   LYS A CG  1 
ATOM   701  C  CD  . LYS A 1 88  ? -0.007  13.973  -0.864  1.00 46.93 ? 88   LYS A CD  1 
ATOM   702  C  CE  . LYS A 1 88  ? -0.269  15.405  -1.399  1.00 47.68 ? 88   LYS A CE  1 
ATOM   703  N  NZ  . LYS A 1 88  ? -1.472  15.478  -2.263  1.00 54.43 ? 88   LYS A NZ  1 
ATOM   704  N  N   . LYS A 1 89  ? 2.247   8.981   -0.738  1.00 38.85 ? 89   LYS A N   1 
ATOM   705  C  CA  . LYS A 1 89  ? 2.354   7.710   -0.058  1.00 38.28 ? 89   LYS A CA  1 
ATOM   706  C  C   . LYS A 1 89  ? 3.490   7.742   0.988   1.00 37.72 ? 89   LYS A C   1 
ATOM   707  O  O   . LYS A 1 89  ? 3.321   7.236   2.118   1.00 36.83 ? 89   LYS A O   1 
ATOM   708  C  CB  . LYS A 1 89  ? 2.480   6.534   -1.027  1.00 37.34 ? 89   LYS A CB  1 
ATOM   709  C  CG  . LYS A 1 89  ? 1.195   6.229   -1.742  1.00 43.32 ? 89   LYS A CG  1 
ATOM   710  N  N   . LEU A 1 90  ? 4.616   8.333   0.610   1.00 36.67 ? 90   LEU A N   1 
ATOM   711  C  CA  . LEU A 1 90  ? 5.729   8.502   1.511   1.00 37.70 ? 90   LEU A CA  1 
ATOM   712  C  C   . LEU A 1 90  ? 5.337   9.371   2.698   1.00 38.87 ? 90   LEU A C   1 
ATOM   713  O  O   . LEU A 1 90  ? 5.737   9.094   3.820   1.00 39.19 ? 90   LEU A O   1 
ATOM   714  C  CB  . LEU A 1 90  ? 6.923   9.157   0.811   1.00 36.70 ? 90   LEU A CB  1 
ATOM   715  C  CG  . LEU A 1 90  ? 7.671   8.290   -0.194  1.00 35.19 ? 90   LEU A CG  1 
ATOM   716  C  CD1 . LEU A 1 90  ? 8.566   9.235   -1.063  1.00 32.09 ? 90   LEU A CD1 1 
ATOM   717  C  CD2 . LEU A 1 90  ? 8.497   7.357   0.566   1.00 36.74 ? 90   LEU A CD2 1 
ATOM   718  N  N   . GLU A 1 91  ? 4.645   10.471  2.427   1.00 39.29 ? 91   GLU A N   1 
ATOM   719  C  CA  . GLU A 1 91  ? 4.098   11.315  3.511   1.00 40.23 ? 91   GLU A CA  1 
ATOM   720  C  C   . GLU A 1 91  ? 3.194   10.547  4.480   1.00 39.36 ? 91   GLU A C   1 
ATOM   721  O  O   . GLU A 1 91  ? 3.353   10.637  5.708   1.00 39.44 ? 91   GLU A O   1 
ATOM   722  C  CB  . GLU A 1 91  ? 3.369   12.534  2.918   1.00 40.97 ? 91   GLU A CB  1 
ATOM   723  N  N   . TYR A 1 92  ? 2.269   9.768   3.935   1.00 39.86 ? 92   TYR A N   1 
ATOM   724  C  CA  . TYR A 1 92  ? 1.342   8.974   4.730   1.00 40.93 ? 92   TYR A CA  1 
ATOM   725  C  C   . TYR A 1 92  ? 2.003   7.862   5.603   1.00 40.93 ? 92   TYR A C   1 
ATOM   726  O  O   . TYR A 1 92  ? 1.606   7.599   6.779   1.00 39.58 ? 92   TYR A O   1 
ATOM   727  C  CB  . TYR A 1 92  ? 0.345   8.327   3.808   1.00 41.56 ? 92   TYR A CB  1 
ATOM   728  C  CG  . TYR A 1 92  ? -0.800  7.628   4.549   1.00 45.44 ? 92   TYR A CG  1 
ATOM   729  C  CD1 . TYR A 1 92  ? -2.008  8.284   4.736   1.00 49.49 ? 92   TYR A CD1 1 
ATOM   730  C  CD2 . TYR A 1 92  ? -0.686  6.324   5.029   1.00 47.36 ? 92   TYR A CD2 1 
ATOM   731  C  CE1 . TYR A 1 92  ? -3.066  7.679   5.378   1.00 48.71 ? 92   TYR A CE1 1 
ATOM   732  C  CE2 . TYR A 1 92  ? -1.749  5.708   5.711   1.00 47.97 ? 92   TYR A CE2 1 
ATOM   733  C  CZ  . TYR A 1 92  ? -2.938  6.403   5.867   1.00 47.84 ? 92   TYR A CZ  1 
ATOM   734  O  OH  . TYR A 1 92  ? -4.051  5.835   6.510   1.00 50.00 ? 92   TYR A OH  1 
ATOM   735  N  N   . SER A 1 93  ? 2.945   7.140   5.001   1.00 38.18 ? 93   SER A N   1 
ATOM   736  C  CA  . SER A 1 93  ? 3.675   6.132   5.719   1.00 37.60 ? 93   SER A CA  1 
ATOM   737  C  C   . SER A 1 93  ? 4.410   6.698   6.920   1.00 37.92 ? 93   SER A C   1 
ATOM   738  O  O   . SER A 1 93  ? 4.449   6.044   8.000   1.00 37.75 ? 93   SER A O   1 
ATOM   739  C  CB  . SER A 1 93  ? 4.665   5.452   4.777   1.00 35.94 ? 93   SER A CB  1 
ATOM   740  O  OG  . SER A 1 93  ? 3.929   4.812   3.761   1.00 36.28 ? 93   SER A OG  1 
ATOM   741  N  N   . ALA A 1 94  ? 4.996   7.876   6.741   1.00 38.70 ? 94   ALA A N   1 
ATOM   742  C  CA  . ALA A 1 94  ? 5.733   8.529   7.835   1.00 40.75 ? 94   ALA A CA  1 
ATOM   743  C  C   . ALA A 1 94  ? 4.835   8.983   8.983   1.00 41.24 ? 94   ALA A C   1 
ATOM   744  O  O   . ALA A 1 94  ? 5.294   9.038   10.112  1.00 42.33 ? 94   ALA A O   1 
ATOM   745  C  CB  . ALA A 1 94  ? 6.609   9.711   7.331   1.00 41.03 ? 94   ALA A CB  1 
ATOM   746  N  N   . SER A 1 95  ? 3.564   9.250   8.706   1.00 41.46 ? 95   SER A N   1 
ATOM   747  C  CA  . SER A 1 95  ? 2.634   9.793   9.717   1.00 41.62 ? 95   SER A CA  1 
ATOM   748  C  C   . SER A 1 95  ? 1.690   8.702   10.197  1.00 41.83 ? 95   SER A C   1 
ATOM   749  O  O   . SER A 1 95  ? 0.903   8.909   11.134  1.00 43.54 ? 95   SER A O   1 
ATOM   750  C  CB  . SER A 1 95  ? 1.842   10.979  9.130   1.00 41.91 ? 95   SER A CB  1 
ATOM   751  O  OG  . SER A 1 95  ? 1.028   10.575  8.020   1.00 42.92 ? 95   SER A OG  1 
ATOM   752  N  N   . HIS A 1 96  ? 1.729   7.547   9.516   1.00 40.73 ? 96   HIS A N   1 
ATOM   753  C  CA  . HIS A 1 96  ? 0.968   6.380   9.902   1.00 40.09 ? 96   HIS A CA  1 
ATOM   754  C  C   . HIS A 1 96  ? 1.863   5.162   9.919   1.00 38.03 ? 96   HIS A C   1 
ATOM   755  O  O   . HIS A 1 96  ? 1.624   4.263   9.160   1.00 36.90 ? 96   HIS A O   1 
ATOM   756  C  CB  . HIS A 1 96  ? -0.184  6.139   8.925   1.00 41.15 ? 96   HIS A CB  1 
ATOM   757  C  CG  . HIS A 1 96  ? -1.129  7.289   8.831   1.00 42.92 ? 96   HIS A CG  1 
ATOM   758  N  ND1 . HIS A 1 96  ? -0.811  8.459   8.173   1.00 43.97 ? 96   HIS A ND1 1 
ATOM   759  C  CD2 . HIS A 1 96  ? -2.371  7.467   9.342   1.00 44.46 ? 96   HIS A CD2 1 
ATOM   760  C  CE1 . HIS A 1 96  ? -1.822  9.308   8.277   1.00 44.96 ? 96   HIS A CE1 1 
ATOM   761  N  NE2 . HIS A 1 96  ? -2.782  8.726   8.973   1.00 45.49 ? 96   HIS A NE2 1 
ATOM   762  N  N   . PRO A 1 97  ? 2.942   5.164   10.736  1.00 37.35 ? 97   PRO A N   1 
ATOM   763  C  CA  . PRO A 1 97  ? 3.925   4.070   10.673  1.00 35.70 ? 97   PRO A CA  1 
ATOM   764  C  C   . PRO A 1 97  ? 3.379   2.723   11.051  1.00 35.11 ? 97   PRO A C   1 
ATOM   765  O  O   . PRO A 1 97  ? 3.849   1.731   10.535  1.00 33.68 ? 97   PRO A O   1 
ATOM   766  C  CB  . PRO A 1 97  ? 4.985   4.459   11.712  1.00 36.16 ? 97   PRO A CB  1 
ATOM   767  C  CG  . PRO A 1 97  ? 4.493   5.669   12.388  1.00 37.55 ? 97   PRO A CG  1 
ATOM   768  C  CD  . PRO A 1 97  ? 3.318   6.216   11.688  1.00 37.34 ? 97   PRO A CD  1 
ATOM   769  N  N   . GLU A 1 98  ? 2.378   2.676   11.953  1.00 34.92 ? 98   GLU A N   1 
ATOM   770  C  CA  . GLU A 1 98  ? 1.827   1.380   12.353  1.00 34.89 ? 98   GLU A CA  1 
ATOM   771  C  C   . GLU A 1 98  ? 1.070   0.762   11.210  1.00 32.77 ? 98   GLU A C   1 
ATOM   772  O  O   . GLU A 1 98  ? 1.174   -0.466  10.982  1.00 31.84 ? 98   GLU A O   1 
ATOM   773  C  CB  . GLU A 1 98  ? 0.933   1.482   13.608  1.00 37.02 ? 98   GLU A CB  1 
ATOM   774  C  CG  . GLU A 1 98  ? 1.642   2.034   14.829  1.00 40.05 ? 98   GLU A CG  1 
ATOM   775  C  CD  . GLU A 1 98  ? 1.575   3.563   14.910  1.00 46.18 ? 98   GLU A CD  1 
ATOM   776  O  OE1 . GLU A 1 98  ? 1.015   4.213   13.991  1.00 47.72 ? 98   GLU A OE1 1 
ATOM   777  O  OE2 . GLU A 1 98  ? 2.108   4.130   15.896  1.00 51.61 ? 98   GLU A OE2 1 
ATOM   778  N  N   . GLU A 1 99  ? 0.359   1.610   10.445  1.00 32.25 ? 99   GLU A N   1 
ATOM   779  C  CA  . GLU A 1 99  ? -0.363  1.128   9.285   1.00 32.57 ? 99   GLU A CA  1 
ATOM   780  C  C   . GLU A 1 99  ? 0.592   0.644   8.192   1.00 32.66 ? 99   GLU A C   1 
ATOM   781  O  O   . GLU A 1 99  ? 0.387   -0.373  7.569   1.00 32.59 ? 99   GLU A O   1 
ATOM   782  C  CB  . GLU A 1 99  ? -1.217  2.249   8.757   1.00 34.05 ? 99   GLU A CB  1 
ATOM   783  C  CG  . GLU A 1 99  ? -2.480  2.475   9.608   1.00 37.31 ? 99   GLU A CG  1 
ATOM   784  C  CD  . GLU A 1 99  ? -3.375  3.460   8.976   1.00 46.00 ? 99   GLU A CD  1 
ATOM   785  O  OE1 . GLU A 1 99  ? -3.261  3.682   7.738   1.00 52.17 ? 99   GLU A OE1 1 
ATOM   786  O  OE2 . GLU A 1 99  ? -4.189  4.011   9.709   1.00 50.06 ? 99   GLU A OE2 1 
ATOM   787  N  N   . ALA A 1 100 ? 1.613   1.444   7.931   1.00 33.19 ? 100  ALA A N   1 
ATOM   788  C  CA  . ALA A 1 100 ? 2.688   1.063   6.999   1.00 34.03 ? 100  ALA A CA  1 
ATOM   789  C  C   . ALA A 1 100 ? 3.373   -0.233  7.405   1.00 33.20 ? 100  ALA A C   1 
ATOM   790  O  O   . ALA A 1 100 ? 3.505   -1.117  6.575   1.00 33.40 ? 100  ALA A O   1 
ATOM   791  C  CB  . ALA A 1 100 ? 3.678   2.212   6.899   1.00 33.97 ? 100  ALA A CB  1 
ATOM   792  N  N   . ASP A 1 101 ? 3.757   -0.382  8.682   1.00 33.60 ? 101  ASP A N   1 
ATOM   793  C  CA  . ASP A 1 101 ? 4.305   -1.653  9.157   1.00 35.02 ? 101  ASP A CA  1 
ATOM   794  C  C   . ASP A 1 101 ? 3.343   -2.831  8.961   1.00 35.51 ? 101  ASP A C   1 
ATOM   795  O  O   . ASP A 1 101 ? 3.784   -3.947  8.660   1.00 35.97 ? 101  ASP A O   1 
ATOM   796  C  CB  . ASP A 1 101 ? 4.726   -1.574  10.636  1.00 35.37 ? 101  ASP A CB  1 
ATOM   797  C  CG  . ASP A 1 101 ? 5.961   -0.686  10.846  1.00 37.86 ? 101  ASP A CG  1 
ATOM   798  O  OD1 . ASP A 1 101 ? 6.674   -0.350  9.852   1.00 35.95 ? 101  ASP A OD1 1 
ATOM   799  O  OD2 . ASP A 1 101 ? 6.190   -0.283  11.982  1.00 38.36 ? 101  ASP A OD2 1 
ATOM   800  N  N   . PHE A 1 102 ? 2.048   -2.591  9.186   1.00 33.65 ? 102  PHE A N   1 
ATOM   801  C  CA  . PHE A 1 102 ? 1.043   -3.614  9.000   1.00 33.72 ? 102  PHE A CA  1 
ATOM   802  C  C   . PHE A 1 102 ? 0.917   -4.032  7.530   1.00 33.13 ? 102  PHE A C   1 
ATOM   803  O  O   . PHE A 1 102 ? 0.887   -5.214  7.211   1.00 32.81 ? 102  PHE A O   1 
ATOM   804  C  CB  . PHE A 1 102 ? -0.327  -3.151  9.590   1.00 33.92 ? 102  PHE A CB  1 
ATOM   805  C  CG  . PHE A 1 102 ? -1.452  -4.076  9.270   1.00 33.16 ? 102  PHE A CG  1 
ATOM   806  C  CD1 . PHE A 1 102 ? -1.465  -5.390  9.735   1.00 28.95 ? 102  PHE A CD1 1 
ATOM   807  C  CD2 . PHE A 1 102 ? -2.529  -3.618  8.507   1.00 37.54 ? 102  PHE A CD2 1 
ATOM   808  C  CE1 . PHE A 1 102 ? -2.485  -6.276  9.399   1.00 31.85 ? 102  PHE A CE1 1 
ATOM   809  C  CE2 . PHE A 1 102 ? -3.582  -4.462  8.198   1.00 35.06 ? 102  PHE A CE2 1 
ATOM   810  C  CZ  . PHE A 1 102 ? -3.574  -5.801  8.632   1.00 35.00 ? 102  PHE A CZ  1 
ATOM   811  N  N   . LEU A 1 103 ? 0.836   -3.060  6.647   1.00 34.29 ? 103  LEU A N   1 
ATOM   812  C  CA  . LEU A 1 103 ? 0.614   -3.349  5.205   1.00 37.05 ? 103  LEU A CA  1 
ATOM   813  C  C   . LEU A 1 103 ? 1.703   -4.265  4.619   1.00 37.30 ? 103  LEU A C   1 
ATOM   814  O  O   . LEU A 1 103 ? 1.410   -5.201  3.878   1.00 37.12 ? 103  LEU A O   1 
ATOM   815  C  CB  . LEU A 1 103 ? 0.488   -2.046  4.377   1.00 36.15 ? 103  LEU A CB  1 
ATOM   816  C  CG  . LEU A 1 103 ? -0.762  -1.200  4.704   1.00 40.38 ? 103  LEU A CG  1 
ATOM   817  C  CD1 . LEU A 1 103 ? -0.609  0.262   4.218   1.00 40.08 ? 103  LEU A CD1 1 
ATOM   818  C  CD2 . LEU A 1 103 ? -2.076  -1.820  4.149   1.00 40.30 ? 103  LEU A CD2 1 
ATOM   819  N  N   . ILE A 1 104 ? 2.955   -4.066  5.031   1.00 39.28 ? 104  ILE A N   1 
ATOM   820  C  CA  . ILE A 1 104 ? 4.078   -4.863  4.471   1.00 40.00 ? 104  ILE A CA  1 
ATOM   821  C  C   . ILE A 1 104 ? 4.084   -6.327  4.947   1.00 40.91 ? 104  ILE A C   1 
ATOM   822  O  O   . ILE A 1 104 ? 4.735   -7.218  4.359   1.00 42.68 ? 104  ILE A O   1 
ATOM   823  C  CB  . ILE A 1 104 ? 5.424   -4.098  4.735   1.00 40.99 ? 104  ILE A CB  1 
ATOM   824  C  CG1 . ILE A 1 104 ? 6.430   -4.403  3.612   1.00 42.70 ? 104  ILE A CG1 1 
ATOM   825  C  CG2 . ILE A 1 104 ? 5.924   -4.407  6.164   1.00 39.25 ? 104  ILE A CG2 1 
ATOM   826  N  N   . THR A 1 105 ? 3.329   -6.625  6.002   1.00 38.88 ? 105  THR A N   1 
ATOM   827  C  CA  . THR A 1 105 ? 3.284   -7.982  6.453   1.00 39.11 ? 105  THR A CA  1 
ATOM   828  C  C   . THR A 1 105 ? 2.564   -8.891  5.459   1.00 39.17 ? 105  THR A C   1 
ATOM   829  O  O   . THR A 1 105 ? 2.612   -10.097 5.625   1.00 40.45 ? 105  THR A O   1 
ATOM   830  C  CB  . THR A 1 105 ? 2.575   -8.157  7.851   1.00 39.25 ? 105  THR A CB  1 
ATOM   831  O  OG1 . THR A 1 105 ? 1.164   -7.932  7.699   1.00 39.88 ? 105  THR A OG1 1 
ATOM   832  C  CG2 . THR A 1 105 ? 3.120   -7.196  8.927   1.00 39.71 ? 105  THR A CG2 1 
ATOM   833  N  N   . LEU A 1 106 ? 1.893   -8.369  4.440   1.00 40.51 ? 106  LEU A N   1 
ATOM   834  C  CA  . LEU A 1 106 ? 1.131   -9.269  3.526   1.00 41.91 ? 106  LEU A CA  1 
ATOM   835  C  C   . LEU A 1 106 ? 2.007   -10.411 2.943   1.00 45.01 ? 106  LEU A C   1 
ATOM   836  O  O   . LEU A 1 106 ? 1.532   -11.558 2.686   1.00 45.66 ? 106  LEU A O   1 
ATOM   837  C  CB  . LEU A 1 106 ? 0.501   -8.482  2.402   1.00 40.46 ? 106  LEU A CB  1 
ATOM   838  C  CG  . LEU A 1 106 ? -0.437  -9.264  1.435   1.00 41.09 ? 106  LEU A CG  1 
ATOM   839  C  CD1 . LEU A 1 106 ? -1.552  -9.922  2.158   1.00 44.57 ? 106  LEU A CD1 1 
ATOM   840  C  CD2 . LEU A 1 106 ? -0.969  -8.299  0.325   1.00 40.93 ? 106  LEU A CD2 1 
ATOM   841  N  N   . VAL A 1 107 ? 3.292   -10.116 2.789   1.00 48.24 ? 107  VAL A N   1 
ATOM   842  C  CA  . VAL A 1 107 ? 4.312   -11.214 2.622   1.00 49.88 ? 107  VAL A CA  1 
ATOM   843  C  C   . VAL A 1 107 ? 4.750   -11.936 3.926   1.00 52.24 ? 107  VAL A C   1 
ATOM   844  O  O   . VAL A 1 107 ? 5.848   -11.702 4.479   1.00 55.25 ? 107  VAL A O   1 
ATOM   845  C  CB  . VAL A 1 107 ? 5.518   -10.737 1.867   1.00 48.71 ? 107  VAL A CB  1 
ATOM   846  C  CG1 . VAL A 1 107 ? 5.094   -9.929  0.678   1.00 50.07 ? 107  VAL A CG1 1 
ATOM   847  C  CG2 . VAL A 1 107 ? 6.390   -9.854  2.760   1.00 49.71 ? 107  VAL A CG2 1 
ATOM   848  N  N   . SER A 1 108 ? 3.913   -12.831 4.427   1.00 53.07 ? 108  SER A N   1 
ATOM   849  C  CA  . SER A 1 108 ? 4.343   -13.770 5.455   1.00 53.67 ? 108  SER A CA  1 
ATOM   850  C  C   . SER A 1 108 ? 3.172   -14.714 5.577   1.00 54.76 ? 108  SER A C   1 
ATOM   851  O  O   . SER A 1 108 ? 3.331   -15.918 5.880   1.00 53.81 ? 108  SER A O   1 
ATOM   852  C  CB  . SER A 1 108 ? 4.645   -13.069 6.814   1.00 55.10 ? 108  SER A CB  1 
ATOM   853  O  OG  . SER A 1 108 ? 3.491   -12.538 7.535   1.00 53.23 ? 108  SER A OG  1 
ATOM   854  N  N   . VAL A 1 109 ? 1.991   -14.168 5.266   1.00 53.98 ? 109  VAL A N   1 
ATOM   855  C  CA  . VAL A 1 109 ? 0.733   -14.904 5.473   1.00 54.28 ? 109  VAL A CA  1 
ATOM   856  C  C   . VAL A 1 109 ? 0.740   -16.085 4.510   1.00 54.17 ? 109  VAL A C   1 
ATOM   857  O  O   . VAL A 1 109 ? 1.464   -16.045 3.523   1.00 52.76 ? 109  VAL A O   1 
ATOM   858  C  CB  . VAL A 1 109 ? -0.493  -13.967 5.218   1.00 53.72 ? 109  VAL A CB  1 
ATOM   859  C  CG1 . VAL A 1 109 ? -0.318  -12.676 5.995   1.00 53.79 ? 109  VAL A CG1 1 
ATOM   860  C  CG2 . VAL A 1 109 ? -0.637  -13.665 3.749   1.00 52.48 ? 109  VAL A CG2 1 
ATOM   861  N  N   . ASP A 1 110 ? -0.032  -17.138 4.780   1.00 55.39 ? 110  ASP A N   1 
ATOM   862  C  CA  . ASP A 1 110 ? -0.018  -18.285 3.847   1.00 56.63 ? 110  ASP A CA  1 
ATOM   863  C  C   . ASP A 1 110 ? -0.423  -17.882 2.401   1.00 57.39 ? 110  ASP A C   1 
ATOM   864  O  O   . ASP A 1 110 ? -0.915  -16.771 2.146   1.00 56.44 ? 110  ASP A O   1 
ATOM   865  C  CB  . ASP A 1 110 ? -0.913  -19.394 4.344   1.00 56.98 ? 110  ASP A CB  1 
ATOM   866  C  CG  . ASP A 1 110 ? -2.259  -18.876 4.751   1.00 58.93 ? 110  ASP A CG  1 
ATOM   867  O  OD1 . ASP A 1 110 ? -2.315  -18.292 5.855   1.00 58.53 ? 110  ASP A OD1 1 
ATOM   868  O  OD2 . ASP A 1 110 ? -3.232  -19.022 3.960   1.00 59.85 ? 110  ASP A OD2 1 
ATOM   869  N  N   . GLU A 1 111 ? -0.194  -18.798 1.462   1.00 57.29 ? 111  GLU A N   1 
ATOM   870  C  CA  . GLU A 1 111 ? -0.485  -18.537 0.063   1.00 57.28 ? 111  GLU A CA  1 
ATOM   871  C  C   . GLU A 1 111 ? -1.937  -18.120 -0.079  1.00 56.31 ? 111  GLU A C   1 
ATOM   872  O  O   . GLU A 1 111 ? -2.219  -17.085 -0.696  1.00 56.78 ? 111  GLU A O   1 
ATOM   873  N  N   . GLY A 1 112 ? -2.817  -18.933 0.515   1.00 55.31 ? 112  GLY A N   1 
ATOM   874  C  CA  . GLY A 1 112 ? -4.265  -18.803 0.478   1.00 55.10 ? 112  GLY A CA  1 
ATOM   875  C  C   . GLY A 1 112 ? -4.827  -17.487 0.998   1.00 55.02 ? 112  GLY A C   1 
ATOM   876  O  O   . GLY A 1 112 ? -5.702  -16.878 0.341   1.00 54.16 ? 112  GLY A O   1 
ATOM   877  N  N   . LEU A 1 113 ? -4.349  -17.050 2.175   1.00 53.83 ? 113  LEU A N   1 
ATOM   878  C  CA  . LEU A 1 113 ? -4.703  -15.719 2.712   1.00 52.72 ? 113  LEU A CA  1 
ATOM   879  C  C   . LEU A 1 113 ? -4.246  -14.524 1.827   1.00 51.64 ? 113  LEU A C   1 
ATOM   880  O  O   . LEU A 1 113 ? -5.021  -13.592 1.605   1.00 50.97 ? 113  LEU A O   1 
ATOM   881  C  CB  . LEU A 1 113 ? -4.229  -15.540 4.175   1.00 53.12 ? 113  LEU A CB  1 
ATOM   882  C  CG  . LEU A 1 113 ? -4.535  -14.184 4.866   1.00 53.38 ? 113  LEU A CG  1 
ATOM   883  C  CD1 . LEU A 1 113 ? -6.058  -13.823 4.826   1.00 53.61 ? 113  LEU A CD1 1 
ATOM   884  C  CD2 . LEU A 1 113 ? -3.987  -14.128 6.313   1.00 52.79 ? 113  LEU A CD2 1 
ATOM   885  N  N   . ARG A 1 114 ? -3.015  -14.550 1.324   1.00 50.10 ? 114  ARG A N   1 
ATOM   886  C  CA  . ARG A 1 114 ? -2.496  -13.455 0.500   1.00 50.30 ? 114  ARG A CA  1 
ATOM   887  C  C   . ARG A 1 114 ? -3.229  -13.390 -0.832  1.00 49.68 ? 114  ARG A C   1 
ATOM   888  O  O   . ARG A 1 114 ? -3.423  -12.293 -1.381  1.00 49.95 ? 114  ARG A O   1 
ATOM   889  C  CB  . ARG A 1 114 ? -0.978  -13.602 0.235   1.00 50.29 ? 114  ARG A CB  1 
ATOM   890  C  CG  . ARG A 1 114 ? -0.355  -12.491 -0.627  1.00 50.13 ? 114  ARG A CG  1 
ATOM   891  C  CD  . ARG A 1 114 ? 1.160   -12.658 -0.834  1.00 52.31 ? 114  ARG A CD  1 
ATOM   892  N  NE  . ARG A 1 114 ? 1.449   -13.822 -1.682  1.00 58.16 ? 114  ARG A NE  1 
ATOM   893  C  CZ  . ARG A 1 114 ? 1.826   -13.760 -2.967  1.00 61.30 ? 114  ARG A CZ  1 
ATOM   894  N  NH1 . ARG A 1 114 ? 2.057   -12.582 -3.544  1.00 63.02 ? 114  ARG A NH1 1 
ATOM   895  N  NH2 . ARG A 1 114 ? 2.035   -14.880 -3.662  1.00 60.02 ? 114  ARG A NH2 1 
ATOM   896  N  N   . LYS A 1 115 ? -3.588  -14.557 -1.374  1.00 49.09 ? 115  LYS A N   1 
ATOM   897  C  CA  . LYS A 1 115 ? -4.316  -14.604 -2.653  1.00 48.64 ? 115  LYS A CA  1 
ATOM   898  C  C   . LYS A 1 115 ? -5.755  -14.106 -2.483  1.00 47.65 ? 115  LYS A C   1 
ATOM   899  O  O   . LYS A 1 115 ? -6.192  -13.308 -3.276  1.00 47.78 ? 115  LYS A O   1 
ATOM   900  C  CB  . LYS A 1 115 ? -4.263  -15.981 -3.345  1.00 48.45 ? 115  LYS A CB  1 
ATOM   901  C  CG  . LYS A 1 115 ? -4.439  -15.863 -4.897  1.00 49.84 ? 115  LYS A CG  1 
ATOM   902  C  CD  . LYS A 1 115 ? -4.463  -17.226 -5.608  1.00 49.35 ? 115  LYS A CD  1 
ATOM   903  N  N   . ARG A 1 116 ? -6.479  -14.580 -1.464  1.00 46.52 ? 116  ARG A N   1 
ATOM   904  C  CA  . ARG A 1 116 ? -7.776  -14.009 -1.073  1.00 46.17 ? 116  ARG A CA  1 
ATOM   905  C  C   . ARG A 1 116 ? -7.754  -12.497 -1.037  1.00 45.25 ? 116  ARG A C   1 
ATOM   906  O  O   . ARG A 1 116 ? -8.638  -11.857 -1.617  1.00 44.30 ? 116  ARG A O   1 
ATOM   907  C  CB  . ARG A 1 116 ? -8.250  -14.556 0.294   1.00 47.00 ? 116  ARG A CB  1 
ATOM   908  C  CG  . ARG A 1 116 ? -9.566  -13.973 0.845   1.00 47.36 ? 116  ARG A CG  1 
ATOM   909  C  CD  . ARG A 1 116 ? -9.789  -14.376 2.290   1.00 48.11 ? 116  ARG A CD  1 
ATOM   910  N  NE  . ARG A 1 116 ? -11.018 -13.815 2.859   1.00 51.68 ? 116  ARG A NE  1 
ATOM   911  C  CZ  . ARG A 1 116 ? -11.365 -13.932 4.136   1.00 53.33 ? 116  ARG A CZ  1 
ATOM   912  N  NH1 . ARG A 1 116 ? -10.567 -14.601 4.981   1.00 52.25 ? 116  ARG A NH1 1 
ATOM   913  N  NH2 . ARG A 1 116 ? -12.511 -13.402 4.562   1.00 51.79 ? 116  ARG A NH2 1 
ATOM   914  N  N   . ILE A 1 117 ? -6.767  -11.926 -0.332  1.00 43.27 ? 117  ILE A N   1 
ATOM   915  C  CA  . ILE A 1 117 ? -6.658  -10.466 -0.178  1.00 43.12 ? 117  ILE A CA  1 
ATOM   916  C  C   . ILE A 1 117 ? -6.357  -9.854  -1.519  1.00 44.32 ? 117  ILE A C   1 
ATOM   917  O  O   . ILE A 1 117 ? -6.996  -8.838  -1.893  1.00 45.07 ? 117  ILE A O   1 
ATOM   918  C  CB  . ILE A 1 117 ? -5.597  -10.033 0.887   1.00 43.26 ? 117  ILE A CB  1 
ATOM   919  C  CG1 . ILE A 1 117 ? -6.042  -10.393 2.313   1.00 44.13 ? 117  ILE A CG1 1 
ATOM   920  C  CG2 . ILE A 1 117 ? -5.170  -8.555  0.726   1.00 43.67 ? 117  ILE A CG2 1 
ATOM   921  C  CD1 . ILE A 1 117 ? -5.054  -10.030 3.416   1.00 40.95 ? 117  ILE A CD1 1 
ATOM   922  N  N   . LEU A 1 118 ? -5.419  -10.454 -2.267  1.00 44.52 ? 118  LEU A N   1 
ATOM   923  C  CA  . LEU A 1 118 ? -5.141  -9.978  -3.662  1.00 45.52 ? 118  LEU A CA  1 
ATOM   924  C  C   . LEU A 1 118 ? -6.360  -10.111 -4.631  1.00 44.41 ? 118  LEU A C   1 
ATOM   925  O  O   . LEU A 1 118 ? -6.661  -9.200  -5.368  1.00 43.66 ? 118  LEU A O   1 
ATOM   926  C  CB  . LEU A 1 118 ? -3.895  -10.653 -4.252  1.00 45.77 ? 118  LEU A CB  1 
ATOM   927  C  CG  . LEU A 1 118 ? -2.482  -10.317 -3.735  1.00 48.10 ? 118  LEU A CG  1 
ATOM   928  C  CD1 . LEU A 1 118 ? -1.460  -11.351 -4.299  1.00 49.74 ? 118  LEU A CD1 1 
ATOM   929  C  CD2 . LEU A 1 118 ? -2.023  -8.870  -4.021  1.00 51.59 ? 118  LEU A CD2 1 
ATOM   930  N  N   . LEU A 1 119 ? -7.091  -11.229 -4.572  1.00 45.27 ? 119  LEU A N   1 
ATOM   931  C  CA  . LEU A 1 119 ? -8.359  -11.382 -5.337  1.00 45.00 ? 119  LEU A CA  1 
ATOM   932  C  C   . LEU A 1 119 ? -9.386  -10.286 -4.998  1.00 44.76 ? 119  LEU A C   1 
ATOM   933  O  O   . LEU A 1 119 ? -10.070 -9.763  -5.882  1.00 43.71 ? 119  LEU A O   1 
ATOM   934  C  CB  . LEU A 1 119 ? -8.992  -12.761 -5.121  1.00 45.68 ? 119  LEU A CB  1 
ATOM   935  C  CG  . LEU A 1 119 ? -8.341  -14.038 -5.674  1.00 47.08 ? 119  LEU A CG  1 
ATOM   936  C  CD1 . LEU A 1 119 ? -9.052  -15.241 -5.030  1.00 47.95 ? 119  LEU A CD1 1 
ATOM   937  C  CD2 . LEU A 1 119 ? -8.385  -14.128 -7.221  1.00 47.60 ? 119  LEU A CD2 1 
ATOM   938  N  N   . ASP A 1 120 ? -9.478  -9.946  -3.716  1.00 44.71 ? 120  ASP A N   1 
ATOM   939  C  CA  . ASP A 1 120 ? -10.517 -9.042  -3.210  1.00 44.75 ? 120  ASP A CA  1 
ATOM   940  C  C   . ASP A 1 120 ? -10.048 -7.604  -3.357  1.00 45.03 ? 120  ASP A C   1 
ATOM   941  O  O   . ASP A 1 120 ? -10.868 -6.692  -3.300  1.00 45.21 ? 120  ASP A O   1 
ATOM   942  C  CB  . ASP A 1 120 ? -10.854 -9.327  -1.744  1.00 43.53 ? 120  ASP A CB  1 
ATOM   943  C  CG  . ASP A 1 120 ? -11.754 -10.521 -1.570  1.00 45.51 ? 120  ASP A CG  1 
ATOM   944  O  OD1 . ASP A 1 120 ? -12.212 -11.102 -2.587  1.00 45.48 ? 120  ASP A OD1 1 
ATOM   945  O  OD2 . ASP A 1 120 ? -12.058 -10.869 -0.408  1.00 44.52 ? 120  ASP A OD2 1 
ATOM   946  N  N   . LEU A 1 121 ? -8.752  -7.399  -3.546  1.00 44.93 ? 121  LEU A N   1 
ATOM   947  C  CA  . LEU A 1 121 ? -8.235  -6.036  -3.839  1.00 45.88 ? 121  LEU A CA  1 
ATOM   948  C  C   . LEU A 1 121 ? -8.032  -5.746  -5.325  1.00 46.56 ? 121  LEU A C   1 
ATOM   949  O  O   . LEU A 1 121 ? -7.714  -4.597  -5.692  1.00 46.96 ? 121  LEU A O   1 
ATOM   950  C  CB  . LEU A 1 121 ? -6.922  -5.733  -3.124  1.00 45.97 ? 121  LEU A CB  1 
ATOM   951  C  CG  . LEU A 1 121 ? -6.889  -5.351  -1.632  1.00 43.62 ? 121  LEU A CG  1 
ATOM   952  C  CD1 . LEU A 1 121 ? -5.463  -5.016  -1.262  1.00 47.83 ? 121  LEU A CD1 1 
ATOM   953  C  CD2 . LEU A 1 121 ? -7.831  -4.158  -1.305  1.00 44.85 ? 121  LEU A CD2 1 
ATOM   954  N  N   . GLU A 1 122 ? -8.198  -6.774  -6.168  1.00 45.65 ? 122  GLU A N   1 
ATOM   955  C  CA  . GLU A 1 122 ? -7.929  -6.634  -7.593  1.00 45.04 ? 122  GLU A CA  1 
ATOM   956  C  C   . GLU A 1 122 ? -8.789  -5.508  -8.180  1.00 43.87 ? 122  GLU A C   1 
ATOM   957  O  O   . GLU A 1 122 ? -8.262  -4.642  -8.885  1.00 43.26 ? 122  GLU A O   1 
ATOM   958  C  CB  . GLU A 1 122 ? -8.134  -7.969  -8.322  1.00 45.62 ? 122  GLU A CB  1 
ATOM   959  C  CG  . GLU A 1 122 ? -7.693  -8.026  -9.794  1.00 44.45 ? 122  GLU A CG  1 
ATOM   960  C  CD  . GLU A 1 122 ? -6.208  -7.748  -10.076 1.00 46.72 ? 122  GLU A CD  1 
ATOM   961  O  OE1 . GLU A 1 122 ? -5.341  -7.724  -9.170  1.00 45.77 ? 122  GLU A OE1 1 
ATOM   962  O  OE2 . GLU A 1 122 ? -5.900  -7.562  -11.264 1.00 46.89 ? 122  GLU A OE2 1 
ATOM   963  N  N   . LYS A 1 123 ? -10.080 -5.492  -7.830  1.00 43.04 ? 123  LYS A N   1 
ATOM   964  C  CA  . LYS A 1 123 ? -11.011 -4.501  -8.386  1.00 43.01 ? 123  LYS A CA  1 
ATOM   965  C  C   . LYS A 1 123 ? -10.627 -3.082  -8.042  1.00 43.62 ? 123  LYS A C   1 
ATOM   966  O  O   . LYS A 1 123 ? -10.706 -2.208  -8.903  1.00 43.15 ? 123  LYS A O   1 
ATOM   967  C  CB  . LYS A 1 123 ? -12.483 -4.772  -8.031  1.00 42.85 ? 123  LYS A CB  1 
ATOM   968  N  N   . SER A 1 124 ? -10.168 -2.848  -6.819  1.00 43.79 ? 124  SER A N   1 
ATOM   969  C  CA  . SER A 1 124 ? -9.726  -1.491  -6.440  1.00 45.77 ? 124  SER A CA  1 
ATOM   970  C  C   . SER A 1 124 ? -8.349  -1.075  -7.008  1.00 46.51 ? 124  SER A C   1 
ATOM   971  O  O   . SER A 1 124 ? -8.198  0.070   -7.440  1.00 45.98 ? 124  SER A O   1 
ATOM   972  C  CB  . SER A 1 124 ? -9.710  -1.337  -4.931  1.00 46.22 ? 124  SER A CB  1 
ATOM   973  O  OG  . SER A 1 124 ? -8.809  -2.284  -4.402  1.00 47.49 ? 124  SER A OG  1 
ATOM   974  N  N   . GLN A 1 125 ? -7.344  -1.968  -6.975  1.00 47.07 ? 125  GLN A N   1 
ATOM   975  C  CA  . GLN A 1 125 ? -6.033  -1.652  -7.602  1.00 48.51 ? 125  GLN A CA  1 
ATOM   976  C  C   . GLN A 1 125 ? -6.148  -1.420  -9.124  1.00 47.60 ? 125  GLN A C   1 
ATOM   977  O  O   . GLN A 1 125 ? -5.400  -0.609  -9.703  1.00 47.50 ? 125  GLN A O   1 
ATOM   978  C  CB  . GLN A 1 125 ? -4.975  -2.747  -7.337  1.00 48.62 ? 125  GLN A CB  1 
ATOM   979  C  CG  . GLN A 1 125 ? -4.702  -3.070  -5.872  1.00 51.06 ? 125  GLN A CG  1 
ATOM   980  C  CD  . GLN A 1 125 ? -3.452  -3.904  -5.699  1.00 50.99 ? 125  GLN A CD  1 
ATOM   981  O  OE1 . GLN A 1 125 ? -3.505  -5.136  -5.589  1.00 54.84 ? 125  GLN A OE1 1 
ATOM   982  N  NE2 . GLN A 1 125 ? -2.306  -3.234  -5.702  1.00 54.28 ? 125  GLN A NE2 1 
ATOM   983  N  N   . ARG A 1 126 ? -7.080  -2.117  -9.773  1.00 47.14 ? 126  ARG A N   1 
ATOM   984  C  CA  . ARG A 1 126 ? -7.230  -2.008  -11.213 1.00 47.59 ? 126  ARG A CA  1 
ATOM   985  C  C   . ARG A 1 126 ? -7.663  -0.568  -11.580 1.00 46.87 ? 126  ARG A C   1 
ATOM   986  O  O   . ARG A 1 126 ? -7.503  -0.157  -12.722 1.00 45.59 ? 126  ARG A O   1 
ATOM   987  C  CB  . ARG A 1 126 ? -8.200  -3.077  -11.798 1.00 47.77 ? 126  ARG A CB  1 
ATOM   988  C  CG  . ARG A 1 126 ? -8.270  -3.101  -13.365 1.00 48.69 ? 126  ARG A CG  1 
ATOM   989  C  CD  . ARG A 1 126 ? -9.529  -3.753  -13.962 1.00 49.92 ? 126  ARG A CD  1 
ATOM   990  N  NE  . ARG A 1 126 ? -9.540  -3.594  -15.415 1.00 55.59 ? 126  ARG A NE  1 
ATOM   991  C  CZ  . ARG A 1 126 ? -10.622 -3.669  -16.190 1.00 60.28 ? 126  ARG A CZ  1 
ATOM   992  N  NH1 . ARG A 1 126 ? -11.832 -3.908  -15.672 1.00 62.53 ? 126  ARG A NH1 1 
ATOM   993  N  NH2 . ARG A 1 126 ? -10.500 -3.489  -17.503 1.00 62.20 ? 126  ARG A NH2 1 
ATOM   994  N  N   . VAL A 1 127 ? -8.151  0.209   -10.610 1.00 46.12 ? 127  VAL A N   1 
ATOM   995  C  CA  . VAL A 1 127 ? -8.530  1.612   -10.886 1.00 45.89 ? 127  VAL A CA  1 
ATOM   996  C  C   . VAL A 1 127 ? -7.303  2.444   -11.317 1.00 44.73 ? 127  VAL A C   1 
ATOM   997  O  O   . VAL A 1 127 ? -7.359  3.160   -12.292 1.00 44.45 ? 127  VAL A O   1 
ATOM   998  C  CB  . VAL A 1 127 ? -9.269  2.286   -9.679  1.00 46.35 ? 127  VAL A CB  1 
ATOM   999  C  CG1 . VAL A 1 127 ? -9.636  3.755   -9.983  1.00 47.54 ? 127  VAL A CG1 1 
ATOM   1000 C  CG2 . VAL A 1 127 ? -10.566 1.499   -9.284  1.00 45.03 ? 127  VAL A CG2 1 
ATOM   1001 N  N   . PHE A 1 128 ? -6.213  2.357   -10.564 1.00 43.89 ? 128  PHE A N   1 
ATOM   1002 C  CA  . PHE A 1 128 ? -4.949  2.985   -10.930 1.00 44.23 ? 128  PHE A CA  1 
ATOM   1003 C  C   . PHE A 1 128 ? -4.372  2.366   -12.220 1.00 44.11 ? 128  PHE A C   1 
ATOM   1004 O  O   . PHE A 1 128 ? -3.989  3.089   -13.130 1.00 44.99 ? 128  PHE A O   1 
ATOM   1005 C  CB  . PHE A 1 128 ? -3.957  2.873   -9.767  1.00 44.24 ? 128  PHE A CB  1 
ATOM   1006 C  CG  . PHE A 1 128 ? -2.649  3.546   -10.018 1.00 44.78 ? 128  PHE A CG  1 
ATOM   1007 C  CD1 . PHE A 1 128 ? -2.597  4.798   -10.645 1.00 45.69 ? 128  PHE A CD1 1 
ATOM   1008 C  CD2 . PHE A 1 128 ? -1.457  2.939   -9.614  1.00 46.70 ? 128  PHE A CD2 1 
ATOM   1009 C  CE1 . PHE A 1 128 ? -1.390  5.436   -10.883 1.00 45.84 ? 128  PHE A CE1 1 
ATOM   1010 C  CE2 . PHE A 1 128 ? -0.202  3.589   -9.861  1.00 47.19 ? 128  PHE A CE2 1 
ATOM   1011 C  CZ  . PHE A 1 128 ? -0.190  4.835   -10.488 1.00 44.43 ? 128  PHE A CZ  1 
ATOM   1012 N  N   . PHE A 1 129 ? -4.340  1.033   -12.284 1.00 44.51 ? 129  PHE A N   1 
ATOM   1013 C  CA  . PHE A 1 129 ? -3.852  0.277   -13.462 1.00 44.46 ? 129  PHE A CA  1 
ATOM   1014 C  C   . PHE A 1 129 ? -4.547  0.757   -14.743 1.00 43.40 ? 129  PHE A C   1 
ATOM   1015 O  O   . PHE A 1 129 ? -3.903  1.039   -15.737 1.00 43.80 ? 129  PHE A O   1 
ATOM   1016 C  CB  . PHE A 1 129 ? -4.038  -1.243  -13.239 1.00 44.39 ? 129  PHE A CB  1 
ATOM   1017 C  CG  . PHE A 1 129 ? -3.548  -2.129  -14.385 1.00 44.42 ? 129  PHE A CG  1 
ATOM   1018 C  CD1 . PHE A 1 129 ? -2.271  -2.687  -14.357 1.00 46.79 ? 129  PHE A CD1 1 
ATOM   1019 C  CD2 . PHE A 1 129 ? -4.405  -2.479  -15.444 1.00 44.41 ? 129  PHE A CD2 1 
ATOM   1020 C  CE1 . PHE A 1 129 ? -1.824  -3.529  -15.410 1.00 45.15 ? 129  PHE A CE1 1 
ATOM   1021 C  CE2 . PHE A 1 129 ? -3.968  -3.311  -16.493 1.00 42.82 ? 129  PHE A CE2 1 
ATOM   1022 C  CZ  . PHE A 1 129 ? -2.677  -3.829  -16.464 1.00 45.83 ? 129  PHE A CZ  1 
ATOM   1023 N  N   . ASP A 1 130 ? -5.854  0.875   -14.723 1.00 42.46 ? 130  ASP A N   1 
ATOM   1024 C  CA  . ASP A 1 130 ? -6.602  1.192   -15.960 1.00 41.98 ? 130  ASP A CA  1 
ATOM   1025 C  C   . ASP A 1 130 ? -6.391  2.653   -16.373 1.00 40.39 ? 130  ASP A C   1 
ATOM   1026 O  O   . ASP A 1 130 ? -6.517  3.037   -17.558 1.00 39.54 ? 130  ASP A O   1 
ATOM   1027 C  CB  . ASP A 1 130 ? -8.097  0.945   -15.761 1.00 43.67 ? 130  ASP A CB  1 
ATOM   1028 C  CG  . ASP A 1 130 ? -8.485  -0.548  -15.746 1.00 47.30 ? 130  ASP A CG  1 
ATOM   1029 O  OD1 . ASP A 1 130 ? -7.614  -1.441  -15.875 1.00 50.11 ? 130  ASP A OD1 1 
ATOM   1030 O  OD2 . ASP A 1 130 ? -9.700  -0.829  -15.598 1.00 51.90 ? 130  ASP A OD2 1 
ATOM   1031 N  N   . PHE A 1 131 ? -6.064  3.489   -15.389 1.00 39.27 ? 131  PHE A N   1 
ATOM   1032 C  CA  . PHE A 1 131 ? -5.805  4.909   -15.679 1.00 38.43 ? 131  PHE A CA  1 
ATOM   1033 C  C   . PHE A 1 131 ? -4.424  4.981   -16.386 1.00 36.86 ? 131  PHE A C   1 
ATOM   1034 O  O   . PHE A 1 131 ? -4.286  5.623   -17.420 1.00 36.47 ? 131  PHE A O   1 
ATOM   1035 C  CB  . PHE A 1 131 ? -5.784  5.698   -14.365 1.00 38.41 ? 131  PHE A CB  1 
ATOM   1036 C  CG  . PHE A 1 131 ? -5.342  7.120   -14.510 1.00 37.14 ? 131  PHE A CG  1 
ATOM   1037 C  CD1 . PHE A 1 131 ? -6.151  8.047   -15.164 1.00 38.08 ? 131  PHE A CD1 1 
ATOM   1038 C  CD2 . PHE A 1 131 ? -4.117  7.545   -13.986 1.00 37.81 ? 131  PHE A CD2 1 
ATOM   1039 C  CE1 . PHE A 1 131 ? -5.738  9.388   -15.288 1.00 34.31 ? 131  PHE A CE1 1 
ATOM   1040 C  CE2 . PHE A 1 131 ? -3.716  8.894   -14.108 1.00 34.60 ? 131  PHE A CE2 1 
ATOM   1041 C  CZ  . PHE A 1 131 ? -4.505  9.785   -14.754 1.00 34.24 ? 131  PHE A CZ  1 
ATOM   1042 N  N   . VAL A 1 132 ? -3.420  4.310   -15.819 1.00 36.35 ? 132  VAL A N   1 
ATOM   1043 C  CA  . VAL A 1 132 ? -2.056  4.290   -16.446 1.00 36.48 ? 132  VAL A CA  1 
ATOM   1044 C  C   . VAL A 1 132 ? -2.188  3.816   -17.901 1.00 36.29 ? 132  VAL A C   1 
ATOM   1045 O  O   . VAL A 1 132 ? -1.597  4.378   -18.817 1.00 35.91 ? 132  VAL A O   1 
ATOM   1046 C  CB  . VAL A 1 132 ? -1.026  3.425   -15.654 1.00 35.67 ? 132  VAL A CB  1 
ATOM   1047 C  CG1 . VAL A 1 132 ? 0.344   3.467   -16.315 1.00 35.45 ? 132  VAL A CG1 1 
ATOM   1048 C  CG2 . VAL A 1 132 ? -0.882  3.922   -14.237 1.00 35.98 ? 132  VAL A CG2 1 
ATOM   1049 N  N   . ARG A 1 133 ? -2.993  2.780   -18.103 1.00 36.67 ? 133  ARG A N   1 
ATOM   1050 C  CA  . ARG A 1 133 ? -3.130  2.147   -19.410 1.00 38.02 ? 133  ARG A CA  1 
ATOM   1051 C  C   . ARG A 1 133 ? -3.659  3.151   -20.438 1.00 38.65 ? 133  ARG A C   1 
ATOM   1052 O  O   . ARG A 1 133 ? -3.131  3.283   -21.573 1.00 40.00 ? 133  ARG A O   1 
ATOM   1053 C  CB  . ARG A 1 133 ? -4.031  0.887   -19.261 1.00 38.09 ? 133  ARG A CB  1 
ATOM   1054 C  CG  . ARG A 1 133 ? -4.057  -0.057  -20.472 1.00 40.25 ? 133  ARG A CG  1 
ATOM   1055 C  CD  . ARG A 1 133 ? -4.719  -1.405  -20.110 1.00 38.04 ? 133  ARG A CD  1 
ATOM   1056 N  N   . GLU A 1 134 ? -4.674  3.916   -20.043 1.00 37.96 ? 134  GLU A N   1 
ATOM   1057 C  CA  . GLU A 1 134 ? -5.216  4.910   -20.929 1.00 37.88 ? 134  GLU A CA  1 
ATOM   1058 C  C   . GLU A 1 134 ? -4.218  6.074   -21.130 1.00 36.33 ? 134  GLU A C   1 
ATOM   1059 O  O   . GLU A 1 134 ? -4.091  6.644   -22.229 1.00 35.87 ? 134  GLU A O   1 
ATOM   1060 C  CB  . GLU A 1 134 ? -6.629  5.364   -20.438 1.00 38.36 ? 134  GLU A CB  1 
ATOM   1061 C  CG  . GLU A 1 134 ? -7.678  5.647   -21.610 1.00 42.07 ? 134  GLU A CG  1 
ATOM   1062 C  CD  . GLU A 1 134 ? -8.062  4.396   -22.422 1.00 44.71 ? 134  GLU A CD  1 
ATOM   1063 O  OE1 . GLU A 1 134 ? -8.066  3.261   -21.880 1.00 49.00 ? 134  GLU A OE1 1 
ATOM   1064 O  OE2 . GLU A 1 134 ? -8.386  4.543   -23.608 1.00 47.00 ? 134  GLU A OE2 1 
ATOM   1065 N  N   . LYS A 1 135 ? -3.500  6.433   -20.075 1.00 34.75 ? 135  LYS A N   1 
ATOM   1066 C  CA  . LYS A 1 135 ? -2.575  7.551   -20.180 1.00 35.03 ? 135  LYS A CA  1 
ATOM   1067 C  C   . LYS A 1 135 ? -1.418  7.194   -21.120 1.00 35.81 ? 135  LYS A C   1 
ATOM   1068 O  O   . LYS A 1 135 ? -0.893  8.061   -21.790 1.00 35.14 ? 135  LYS A O   1 
ATOM   1069 C  CB  . LYS A 1 135 ? -2.079  8.046   -18.813 1.00 34.07 ? 135  LYS A CB  1 
ATOM   1070 C  CG  . LYS A 1 135 ? -3.137  8.655   -17.931 1.00 35.92 ? 135  LYS A CG  1 
ATOM   1071 C  CD  . LYS A 1 135 ? -3.619  10.059  -18.394 1.00 37.88 ? 135  LYS A CD  1 
ATOM   1072 C  CE  . LYS A 1 135 ? -2.926  11.143  -17.617 1.00 34.10 ? 135  LYS A CE  1 
ATOM   1073 N  NZ  . LYS A 1 135 ? -3.365  12.510  -18.013 1.00 31.21 ? 135  LYS A NZ  1 
ATOM   1074 N  N   . LEU A 1 136 ? -1.064  5.913   -21.204 1.00 36.55 ? 136  LEU A N   1 
ATOM   1075 C  CA  . LEU A 1 136 ? 0.050   5.496   -22.083 1.00 37.60 ? 136  LEU A CA  1 
ATOM   1076 C  C   . LEU A 1 136 ? -0.201  5.614   -23.553 1.00 38.17 ? 136  LEU A C   1 
ATOM   1077 O  O   . LEU A 1 136 ? 0.753   5.725   -24.329 1.00 39.86 ? 136  LEU A O   1 
ATOM   1078 C  CB  . LEU A 1 136 ? 0.574   4.094   -21.736 1.00 38.23 ? 136  LEU A CB  1 
ATOM   1079 C  CG  . LEU A 1 136 ? 1.304   3.962   -20.388 1.00 37.62 ? 136  LEU A CG  1 
ATOM   1080 C  CD1 . LEU A 1 136 ? 1.568   2.487   -20.057 1.00 38.65 ? 136  LEU A CD1 1 
ATOM   1081 C  CD2 . LEU A 1 136 ? 2.603   4.725   -20.345 1.00 40.23 ? 136  LEU A CD2 1 
ATOM   1082 N  N   . LYS A 1 137 ? -1.471  5.658   -23.957 1.00 38.12 ? 137  LYS A N   1 
ATOM   1083 C  CA  . LYS A 1 137 ? -1.841  5.901   -25.361 1.00 37.73 ? 137  LYS A CA  1 
ATOM   1084 C  C   . LYS A 1 137 ? -1.495  7.322   -25.820 1.00 37.09 ? 137  LYS A C   1 
ATOM   1085 O  O   . LYS A 1 137 ? -1.533  7.623   -27.010 1.00 36.83 ? 137  LYS A O   1 
ATOM   1086 C  CB  . LYS A 1 137 ? -3.360  5.649   -25.572 1.00 37.42 ? 137  LYS A CB  1 
ATOM   1087 C  CG  . LYS A 1 137 ? -3.884  4.306   -25.083 1.00 37.99 ? 137  LYS A CG  1 
ATOM   1088 C  CD  . LYS A 1 137 ? -5.367  4.112   -25.431 1.00 38.87 ? 137  LYS A CD  1 
ATOM   1089 C  CE  . LYS A 1 137 ? -5.850  2.817   -24.810 1.00 40.56 ? 137  LYS A CE  1 
ATOM   1090 N  N   . ASP A 1 138 ? -1.217  8.211   -24.869 1.00 37.00 ? 138  ASP A N   1 
ATOM   1091 C  CA  . ASP A 1 138 ? -0.924  9.619   -25.162 1.00 37.61 ? 138  ASP A CA  1 
ATOM   1092 C  C   . ASP A 1 138 ? 0.570   9.830   -25.256 1.00 39.16 ? 138  ASP A C   1 
ATOM   1093 O  O   . ASP A 1 138 ? 1.032   10.930  -25.586 1.00 39.43 ? 138  ASP A O   1 
ATOM   1094 C  CB  . ASP A 1 138 ? -1.428  10.500  -24.025 1.00 38.18 ? 138  ASP A CB  1 
ATOM   1095 C  CG  . ASP A 1 138 ? -2.949  10.521  -23.927 1.00 39.89 ? 138  ASP A CG  1 
ATOM   1096 O  OD1 . ASP A 1 138 ? -3.617  10.103  -24.894 1.00 35.06 ? 138  ASP A OD1 1 
ATOM   1097 O  OD2 . ASP A 1 138 ? -3.454  10.963  -22.881 1.00 41.20 ? 138  ASP A OD2 1 
ATOM   1098 N  N   . LEU A 1 139 ? 1.307   8.770   -24.922 1.00 38.76 ? 139  LEU A N   1 
ATOM   1099 C  CA  . LEU A 1 139 ? 2.749   8.802   -24.817 1.00 40.01 ? 139  LEU A CA  1 
ATOM   1100 C  C   . LEU A 1 139 ? 3.311   8.455   -26.171 1.00 38.96 ? 139  LEU A C   1 
ATOM   1101 O  O   . LEU A 1 139 ? 2.800   7.586   -26.910 1.00 37.76 ? 139  LEU A O   1 
ATOM   1102 C  CB  . LEU A 1 139 ? 3.213   7.814   -23.697 1.00 39.04 ? 139  LEU A CB  1 
ATOM   1103 C  CG  . LEU A 1 139 ? 4.461   8.120   -22.867 1.00 43.27 ? 139  LEU A CG  1 
ATOM   1104 C  CD1 . LEU A 1 139 ? 4.324   9.385   -22.014 1.00 44.30 ? 139  LEU A CD1 1 
ATOM   1105 C  CD2 . LEU A 1 139 ? 4.823   6.908   -21.966 1.00 41.15 ? 139  LEU A CD2 1 
ATOM   1106 N  N   . ASP A 1 140 ? 4.364   9.188   -26.510 1.00 40.07 ? 140  ASP A N   1 
ATOM   1107 C  CA  . ASP A 1 140 ? 5.045   9.014   -27.751 1.00 40.06 ? 140  ASP A CA  1 
ATOM   1108 C  C   . ASP A 1 140 ? 6.136   7.960   -27.512 1.00 39.99 ? 140  ASP A C   1 
ATOM   1109 O  O   . ASP A 1 140 ? 7.268   8.323   -27.387 1.00 38.84 ? 140  ASP A O   1 
ATOM   1110 C  CB  . ASP A 1 140 ? 5.693   10.363  -28.102 1.00 41.62 ? 140  ASP A CB  1 
ATOM   1111 C  CG  . ASP A 1 140 ? 5.871   10.571  -29.579 1.00 42.55 ? 140  ASP A CG  1 
ATOM   1112 O  OD1 . ASP A 1 140 ? 4.987   10.069  -30.325 1.00 48.65 ? 140  ASP A OD1 1 
ATOM   1113 O  OD2 . ASP A 1 140 ? 6.849   11.283  -29.988 1.00 40.69 ? 140  ASP A OD2 1 
ATOM   1114 N  N   . LEU A 1 141 ? 5.778   6.677   -27.541 1.00 39.28 ? 141  LEU A N   1 
ATOM   1115 C  CA  . LEU A 1 141 ? 6.656   5.581   -27.152 1.00 40.79 ? 141  LEU A CA  1 
ATOM   1116 C  C   . LEU A 1 141 ? 7.764   5.374   -28.155 1.00 41.79 ? 141  LEU A C   1 
ATOM   1117 O  O   . LEU A 1 141 ? 7.614   5.703   -29.341 1.00 40.84 ? 141  LEU A O   1 
ATOM   1118 C  CB  . LEU A 1 141 ? 5.854   4.266   -26.965 1.00 40.40 ? 141  LEU A CB  1 
ATOM   1119 C  CG  . LEU A 1 141 ? 4.822   4.174   -25.804 1.00 40.19 ? 141  LEU A CG  1 
ATOM   1120 C  CD1 . LEU A 1 141 ? 4.172   2.806   -25.759 1.00 39.08 ? 141  LEU A CD1 1 
ATOM   1121 C  CD2 . LEU A 1 141 ? 5.474   4.429   -24.446 1.00 41.83 ? 141  LEU A CD2 1 
ATOM   1122 N  N   . ALA A 1 142 ? 8.872   4.807   -27.683 1.00 42.13 ? 142  ALA A N   1 
ATOM   1123 C  CA  . ALA A 1 142 ? 9.971   4.431   -28.563 1.00 44.14 ? 142  ALA A CA  1 
ATOM   1124 C  C   . ALA A 1 142 ? 9.391   3.434   -29.525 1.00 45.06 ? 142  ALA A C   1 
ATOM   1125 O  O   . ALA A 1 142 ? 8.433   2.764   -29.188 1.00 45.68 ? 142  ALA A O   1 
ATOM   1126 C  CB  . ALA A 1 142 ? 11.147  3.776   -27.736 1.00 43.76 ? 142  ALA A CB  1 
ATOM   1127 N  N   . GLU A 1 143 ? 9.965   3.344   -30.723 1.00 46.20 ? 143  GLU A N   1 
ATOM   1128 C  CA  . GLU A 1 143 ? 9.548   2.368   -31.738 1.00 46.81 ? 143  GLU A CA  1 
ATOM   1129 C  C   . GLU A 1 143 ? 9.686   0.906   -31.289 1.00 47.15 ? 143  GLU A C   1 
ATOM   1130 O  O   . GLU A 1 143 ? 9.031   0.038   -31.848 1.00 47.90 ? 143  GLU A O   1 
ATOM   1131 N  N   . ASP A 1 144 ? 10.525  0.624   -30.283 1.00 47.17 ? 144  ASP A N   1 
ATOM   1132 C  CA  . ASP A 1 144 ? 10.663  -0.760  -29.799 1.00 46.48 ? 144  ASP A CA  1 
ATOM   1133 C  C   . ASP A 1 144 ? 9.968   -1.063  -28.464 1.00 45.84 ? 144  ASP A C   1 
ATOM   1134 O  O   . ASP A 1 144 ? 10.121  -2.146  -27.888 1.00 46.65 ? 144  ASP A O   1 
ATOM   1135 C  CB  . ASP A 1 144 ? 12.138  -1.191  -29.777 1.00 47.74 ? 144  ASP A CB  1 
ATOM   1136 C  CG  . ASP A 1 144 ? 13.045  -0.244  -28.989 1.00 48.66 ? 144  ASP A CG  1 
ATOM   1137 O  OD1 . ASP A 1 144 ? 12.574  0.740   -28.379 1.00 49.31 ? 144  ASP A OD1 1 
ATOM   1138 O  OD2 . ASP A 1 144 ? 14.273  -0.500  -28.999 1.00 51.67 ? 144  ASP A OD2 1 
ATOM   1139 N  N   . VAL A 1 145 ? 9.179   -0.128  -27.956 1.00 44.33 ? 145  VAL A N   1 
ATOM   1140 C  CA  . VAL A 1 145 ? 8.572   -0.360  -26.624 1.00 41.27 ? 145  VAL A CA  1 
ATOM   1141 C  C   . VAL A 1 145 ? 7.064   -0.370  -26.746 1.00 41.24 ? 145  VAL A C   1 
ATOM   1142 O  O   . VAL A 1 145 ? 6.466   0.649   -27.134 1.00 40.23 ? 145  VAL A O   1 
ATOM   1143 C  CB  . VAL A 1 145 ? 9.050   0.701   -25.619 1.00 41.67 ? 145  VAL A CB  1 
ATOM   1144 C  CG1 . VAL A 1 145 ? 8.249   0.670   -24.321 1.00 36.33 ? 145  VAL A CG1 1 
ATOM   1145 C  CG2 . VAL A 1 145 ? 10.514  0.496   -25.327 1.00 41.80 ? 145  VAL A CG2 1 
ATOM   1146 N  N   . THR A 1 146 ? 6.455   -1.515  -26.413 1.00 39.81 ? 146  THR A N   1 
ATOM   1147 C  CA  . THR A 1 146 ? 5.000   -1.670  -26.503 1.00 38.99 ? 146  THR A CA  1 
ATOM   1148 C  C   . THR A 1 146 ? 4.345   -0.969  -25.313 1.00 38.88 ? 146  THR A C   1 
ATOM   1149 O  O   . THR A 1 146 ? 5.024   -0.694  -24.297 1.00 36.51 ? 146  THR A O   1 
ATOM   1150 C  CB  . THR A 1 146 ? 4.597   -3.147  -26.568 1.00 38.76 ? 146  THR A CB  1 
ATOM   1151 O  OG1 . THR A 1 146 ? 5.024   -3.831  -25.376 1.00 40.34 ? 146  THR A OG1 1 
ATOM   1152 C  CG2 . THR A 1 146 ? 5.238   -3.828  -27.776 1.00 40.71 ? 146  THR A CG2 1 
ATOM   1153 N  N   . GLU A 1 147 ? 3.043   -0.660  -25.424 1.00 37.11 ? 147  GLU A N   1 
ATOM   1154 C  CA  . GLU A 1 147 ? 2.324   -0.071  -24.293 1.00 36.71 ? 147  GLU A CA  1 
ATOM   1155 C  C   . GLU A 1 147 ? 2.245   -1.099  -23.151 1.00 36.60 ? 147  GLU A C   1 
ATOM   1156 O  O   . GLU A 1 147 ? 2.127   -0.744  -21.988 1.00 36.93 ? 147  GLU A O   1 
ATOM   1157 C  CB  . GLU A 1 147 ? 0.900   0.356   -24.682 1.00 36.64 ? 147  GLU A CB  1 
ATOM   1158 C  CG  . GLU A 1 147 ? 0.835   1.542   -25.668 1.00 36.60 ? 147  GLU A CG  1 
ATOM   1159 C  CD  . GLU A 1 147 ? -0.511  1.667   -26.354 1.00 37.05 ? 147  GLU A CD  1 
ATOM   1160 O  OE1 . GLU A 1 147 ? -1.422  0.929   -25.973 1.00 39.03 ? 147  GLU A OE1 1 
ATOM   1161 O  OE2 . GLU A 1 147 ? -0.635  2.484   -27.305 1.00 35.59 ? 147  GLU A OE2 1 
ATOM   1162 N  N   . GLU A 1 148 ? 2.271   -2.368  -23.519 1.00 35.75 ? 148  GLU A N   1 
ATOM   1163 C  CA  . GLU A 1 148 ? 2.276   -3.448  -22.581 1.00 37.43 ? 148  GLU A CA  1 
ATOM   1164 C  C   . GLU A 1 148 ? 3.569   -3.502  -21.733 1.00 36.05 ? 148  GLU A C   1 
ATOM   1165 O  O   . GLU A 1 148 ? 3.519   -3.709  -20.481 1.00 34.63 ? 148  GLU A O   1 
ATOM   1166 C  CB  . GLU A 1 148 ? 2.060   -4.726  -23.383 1.00 38.76 ? 148  GLU A CB  1 
ATOM   1167 C  CG  . GLU A 1 148 ? 0.627   -4.863  -24.000 1.00 42.07 ? 148  GLU A CG  1 
ATOM   1168 C  CD  . GLU A 1 148 ? 0.252   -3.853  -25.137 1.00 45.46 ? 148  GLU A CD  1 
ATOM   1169 O  OE1 . GLU A 1 148 ? 0.995   -3.758  -26.158 1.00 40.11 ? 148  GLU A OE1 1 
ATOM   1170 O  OE2 . GLU A 1 148 ? -0.835  -3.193  -24.992 1.00 45.99 ? 148  GLU A OE2 1 
ATOM   1171 N  N   . ILE A 1 149 ? 4.729   -3.342  -22.380 1.00 35.06 ? 149  ILE A N   1 
ATOM   1172 C  CA  . ILE A 1 149 ? 6.023   -3.376  -21.619 1.00 34.39 ? 149  ILE A CA  1 
ATOM   1173 C  C   . ILE A 1 149 ? 6.078   -2.107  -20.773 1.00 33.18 ? 149  ILE A C   1 
ATOM   1174 O  O   . ILE A 1 149 ? 6.433   -2.135  -19.611 1.00 31.59 ? 149  ILE A O   1 
ATOM   1175 C  CB  . ILE A 1 149 ? 7.262   -3.538  -22.545 1.00 35.19 ? 149  ILE A CB  1 
ATOM   1176 C  CG1 . ILE A 1 149 ? 7.314   -4.961  -23.123 1.00 37.67 ? 149  ILE A CG1 1 
ATOM   1177 C  CG2 . ILE A 1 149 ? 8.592   -3.293  -21.783 1.00 35.98 ? 149  ILE A CG2 1 
ATOM   1178 N  N   . ALA A 1 150 ? 5.606   -0.990  -21.341 1.00 32.11 ? 150  ALA A N   1 
ATOM   1179 C  CA  . ALA A 1 150 ? 5.547   0.270   -20.574 1.00 32.17 ? 150  ALA A CA  1 
ATOM   1180 C  C   . ALA A 1 150 ? 4.683   0.151   -19.300 1.00 31.96 ? 150  ALA A C   1 
ATOM   1181 O  O   . ALA A 1 150 ? 5.084   0.534   -18.211 1.00 30.49 ? 150  ALA A O   1 
ATOM   1182 C  CB  . ALA A 1 150 ? 5.060   1.457   -21.480 1.00 32.05 ? 150  ALA A CB  1 
ATOM   1183 N  N   . LEU A 1 151 ? 3.492   -0.387  -19.457 1.00 32.20 ? 151  LEU A N   1 
ATOM   1184 C  CA  . LEU A 1 151 ? 2.587   -0.523  -18.344 1.00 31.70 ? 151  LEU A CA  1 
ATOM   1185 C  C   . LEU A 1 151 ? 3.227   -1.455  -17.304 1.00 30.78 ? 151  LEU A C   1 
ATOM   1186 O  O   . LEU A 1 151 ? 3.321   -1.097  -16.139 1.00 29.48 ? 151  LEU A O   1 
ATOM   1187 C  CB  . LEU A 1 151 ? 1.298   -1.085  -18.857 1.00 32.61 ? 151  LEU A CB  1 
ATOM   1188 C  CG  . LEU A 1 151 ? 0.187   -1.253  -17.840 1.00 35.63 ? 151  LEU A CG  1 
ATOM   1189 C  CD1 . LEU A 1 151 ? -0.093  0.069   -17.125 1.00 34.79 ? 151  LEU A CD1 1 
ATOM   1190 C  CD2 . LEU A 1 151 ? -1.015  -1.812  -18.606 1.00 37.57 ? 151  LEU A CD2 1 
ATOM   1191 N  N   . LYS A 1 152 ? 3.699   -2.617  -17.751 1.00 31.06 ? 152  LYS A N   1 
ATOM   1192 C  CA  . LYS A 1 152 ? 4.384   -3.591  -16.873 1.00 32.24 ? 152  LYS A CA  1 
ATOM   1193 C  C   . LYS A 1 152 ? 5.503   -2.976  -16.046 1.00 31.53 ? 152  LYS A C   1 
ATOM   1194 O  O   . LYS A 1 152 ? 5.632   -3.189  -14.828 1.00 32.08 ? 152  LYS A O   1 
ATOM   1195 C  CB  . LYS A 1 152 ? 4.985   -4.702  -17.740 1.00 34.07 ? 152  LYS A CB  1 
ATOM   1196 C  CG  . LYS A 1 152 ? 5.595   -5.848  -16.879 1.00 35.16 ? 152  LYS A CG  1 
ATOM   1197 C  CD  . LYS A 1 152 ? 5.585   -7.132  -17.725 1.00 40.61 ? 152  LYS A CD  1 
ATOM   1198 C  CE  . LYS A 1 152 ? 4.228   -7.257  -18.446 1.00 43.33 ? 152  LYS A CE  1 
ATOM   1199 N  NZ  . LYS A 1 152 ? 4.109   -8.119  -19.721 1.00 41.03 ? 152  LYS A NZ  1 
ATOM   1200 N  N   . PHE A 1 153 ? 6.329   -2.186  -16.711 1.00 29.44 ? 153  PHE A N   1 
ATOM   1201 C  CA  . PHE A 1 153 ? 7.540   -1.628  -16.096 1.00 29.97 ? 153  PHE A CA  1 
ATOM   1202 C  C   . PHE A 1 153 ? 7.169   -0.520  -15.133 1.00 29.52 ? 153  PHE A C   1 
ATOM   1203 O  O   . PHE A 1 153 ? 7.675   -0.513  -14.019 1.00 29.29 ? 153  PHE A O   1 
ATOM   1204 C  CB  . PHE A 1 153 ? 8.478   -1.067  -17.215 1.00 28.38 ? 153  PHE A CB  1 
ATOM   1205 C  CG  . PHE A 1 153 ? 9.972   -1.015  -16.826 1.00 29.72 ? 153  PHE A CG  1 
ATOM   1206 C  CD1 . PHE A 1 153 ? 10.396  -1.296  -15.543 1.00 30.79 ? 153  PHE A CD1 1 
ATOM   1207 C  CD2 . PHE A 1 153 ? 10.938  -0.660  -17.765 1.00 26.42 ? 153  PHE A CD2 1 
ATOM   1208 C  CE1 . PHE A 1 153 ? 11.772  -1.235  -15.171 1.00 32.23 ? 153  PHE A CE1 1 
ATOM   1209 C  CE2 . PHE A 1 153 ? 12.331  -0.642  -17.377 1.00 27.98 ? 153  PHE A CE2 1 
ATOM   1210 C  CZ  . PHE A 1 153 ? 12.720  -0.919  -16.120 1.00 25.81 ? 153  PHE A CZ  1 
ATOM   1211 N  N   . LEU A 1 154 ? 6.288   0.407   -15.555 1.00 29.21 ? 154  LEU A N   1 
ATOM   1212 C  CA  . LEU A 1 154 ? 5.799   1.438   -14.656 1.00 31.71 ? 154  LEU A CA  1 
ATOM   1213 C  C   . LEU A 1 154 ? 5.103   0.947   -13.373 1.00 33.35 ? 154  LEU A C   1 
ATOM   1214 O  O   . LEU A 1 154 ? 5.349   1.515   -12.296 1.00 33.06 ? 154  LEU A O   1 
ATOM   1215 C  CB  . LEU A 1 154 ? 4.816   2.355   -15.361 1.00 31.82 ? 154  LEU A CB  1 
ATOM   1216 C  CG  . LEU A 1 154 ? 5.414   3.302   -16.386 1.00 33.29 ? 154  LEU A CG  1 
ATOM   1217 C  CD1 . LEU A 1 154 ? 4.348   4.277   -16.885 1.00 33.13 ? 154  LEU A CD1 1 
ATOM   1218 C  CD2 . LEU A 1 154 ? 6.588   4.082   -15.748 1.00 36.86 ? 154  LEU A CD2 1 
HETATM 1219 N  N   . MSE A 1 155 ? 4.200   -0.044  -13.497 1.00 34.04 ? 155  MSE A N   1 
HETATM 1220 C  CA  . MSE A 1 155 ? 3.534   -0.668  -12.315 1.00 34.59 ? 155  MSE A CA  1 
HETATM 1221 C  C   . MSE A 1 155 ? 4.497   -1.387  -11.372 1.00 36.42 ? 155  MSE A C   1 
HETATM 1222 O  O   . MSE A 1 155 ? 4.363   -1.270  -10.152 1.00 36.31 ? 155  MSE A O   1 
HETATM 1223 C  CB  . MSE A 1 155 ? 2.447   -1.653  -12.764 1.00 36.43 ? 155  MSE A CB  1 
HETATM 1224 C  CG  . MSE A 1 155 ? 1.295   -0.980  -13.533 1.00 37.15 ? 155  MSE A CG  1 
HETATM 1225 SE SE  . MSE A 1 155 ? 0.459   0.548   -12.598 1.00 48.91 ? 155  MSE A SE  1 
HETATM 1226 C  CE  . MSE A 1 155 ? 0.280   -0.279  -10.771 1.00 50.09 ? 155  MSE A CE  1 
ATOM   1227 N  N   . TRP A 1 156 ? 5.441   -2.144  -11.930 1.00 35.03 ? 156  TRP A N   1 
ATOM   1228 C  CA  . TRP A 1 156 ? 6.524   -2.747  -11.162 1.00 38.45 ? 156  TRP A CA  1 
ATOM   1229 C  C   . TRP A 1 156 ? 7.366   -1.734  -10.403 1.00 37.83 ? 156  TRP A C   1 
ATOM   1230 O  O   . TRP A 1 156 ? 7.767   -1.968  -9.266  1.00 35.85 ? 156  TRP A O   1 
ATOM   1231 C  CB  . TRP A 1 156 ? 7.432   -3.552  -12.073 1.00 39.51 ? 156  TRP A CB  1 
ATOM   1232 C  CG  . TRP A 1 156 ? 8.607   -4.112  -11.345 1.00 45.30 ? 156  TRP A CG  1 
ATOM   1233 C  CD1 . TRP A 1 156 ? 8.726   -4.349  -10.001 1.00 46.82 ? 156  TRP A CD1 1 
ATOM   1234 C  CD2 . TRP A 1 156 ? 9.831   -4.528  -11.936 1.00 46.60 ? 156  TRP A CD2 1 
ATOM   1235 N  NE1 . TRP A 1 156 ? 9.985   -4.843  -9.723  1.00 45.59 ? 156  TRP A NE1 1 
ATOM   1236 C  CE2 . TRP A 1 156 ? 10.667  -4.984  -10.901 1.00 47.26 ? 156  TRP A CE2 1 
ATOM   1237 C  CE3 . TRP A 1 156 ? 10.308  -4.545  -13.248 1.00 47.38 ? 156  TRP A CE3 1 
ATOM   1238 C  CZ2 . TRP A 1 156 ? 11.948  -5.442  -11.137 1.00 44.78 ? 156  TRP A CZ2 1 
ATOM   1239 C  CZ3 . TRP A 1 156 ? 11.556  -5.019  -13.486 1.00 46.21 ? 156  TRP A CZ3 1 
ATOM   1240 C  CH2 . TRP A 1 156 ? 12.371  -5.480  -12.433 1.00 46.22 ? 156  TRP A CH2 1 
ATOM   1241 N  N   . PHE A 1 157 ? 7.676   -0.627  -11.063 1.00 36.88 ? 157  PHE A N   1 
ATOM   1242 C  CA  . PHE A 1 157 ? 8.421   0.461   -10.437 1.00 38.13 ? 157  PHE A CA  1 
ATOM   1243 C  C   . PHE A 1 157 ? 7.624   1.016   -9.276  1.00 39.16 ? 157  PHE A C   1 
ATOM   1244 O  O   . PHE A 1 157 ? 8.137   1.218   -8.182  1.00 37.66 ? 157  PHE A O   1 
ATOM   1245 C  CB  . PHE A 1 157 ? 8.660   1.632   -11.426 1.00 37.86 ? 157  PHE A CB  1 
ATOM   1246 C  CG  . PHE A 1 157 ? 9.350   2.812   -10.794 1.00 35.24 ? 157  PHE A CG  1 
ATOM   1247 C  CD1 . PHE A 1 157 ? 10.734  2.824   -10.667 1.00 38.27 ? 157  PHE A CD1 1 
ATOM   1248 C  CD2 . PHE A 1 157 ? 8.637   3.878   -10.302 1.00 35.40 ? 157  PHE A CD2 1 
ATOM   1249 C  CE1 . PHE A 1 157 ? 11.406  3.943   -10.074 1.00 38.39 ? 157  PHE A CE1 1 
ATOM   1250 C  CE2 . PHE A 1 157 ? 9.303   4.984   -9.691  1.00 38.34 ? 157  PHE A CE2 1 
ATOM   1251 C  CZ  . PHE A 1 157 ? 10.669  5.020   -9.624  1.00 33.87 ? 157  PHE A CZ  1 
ATOM   1252 N  N   . PHE A 1 158 ? 6.382   1.345   -9.576  1.00 40.62 ? 158  PHE A N   1 
ATOM   1253 C  CA  . PHE A 1 158 ? 5.537   1.924   -8.601  1.00 43.92 ? 158  PHE A CA  1 
ATOM   1254 C  C   . PHE A 1 158 ? 5.395   0.992   -7.379  1.00 44.05 ? 158  PHE A C   1 
ATOM   1255 O  O   . PHE A 1 158 ? 5.776   1.365   -6.284  1.00 43.81 ? 158  PHE A O   1 
ATOM   1256 C  CB  . PHE A 1 158 ? 4.193   2.290   -9.196  1.00 44.71 ? 158  PHE A CB  1 
ATOM   1257 C  CG  . PHE A 1 158 ? 3.280   2.834   -8.190  1.00 50.93 ? 158  PHE A CG  1 
ATOM   1258 C  CD1 . PHE A 1 158 ? 3.270   4.196   -7.912  1.00 53.02 ? 158  PHE A CD1 1 
ATOM   1259 C  CD2 . PHE A 1 158 ? 2.472   1.968   -7.430  1.00 52.37 ? 158  PHE A CD2 1 
ATOM   1260 C  CE1 . PHE A 1 158 ? 2.432   4.693   -6.897  1.00 56.33 ? 158  PHE A CE1 1 
ATOM   1261 C  CE2 . PHE A 1 158 ? 1.631   2.460   -6.431  1.00 55.92 ? 158  PHE A CE2 1 
ATOM   1262 C  CZ  . PHE A 1 158 ? 1.608   3.810   -6.159  1.00 52.46 ? 158  PHE A CZ  1 
ATOM   1263 N  N   . SER A 1 159 ? 4.905   -0.219  -7.599  1.00 44.37 ? 159  SER A N   1 
ATOM   1264 C  CA  . SER A 1 159 ? 4.676   -1.187  -6.515  1.00 45.38 ? 159  SER A CA  1 
ATOM   1265 C  C   . SER A 1 159 ? 5.972   -1.679  -5.860  1.00 43.84 ? 159  SER A C   1 
ATOM   1266 O  O   . SER A 1 159 ? 6.041   -1.929  -4.656  1.00 42.58 ? 159  SER A O   1 
ATOM   1267 C  CB  . SER A 1 159 ? 3.819   -2.342  -7.047  1.00 46.86 ? 159  SER A CB  1 
ATOM   1268 O  OG  . SER A 1 159 ? 4.633   -3.369  -7.558  1.00 51.45 ? 159  SER A OG  1 
ATOM   1269 N  N   . GLY A 1 160 ? 7.038   -1.751  -6.643  1.00 41.64 ? 160  GLY A N   1 
ATOM   1270 C  CA  . GLY A 1 160 ? 8.289   -2.211  -6.135  1.00 40.92 ? 160  GLY A CA  1 
ATOM   1271 C  C   . GLY A 1 160 ? 8.935   -1.156  -5.238  1.00 41.35 ? 160  GLY A C   1 
ATOM   1272 O  O   . GLY A 1 160 ? 9.521   -1.502  -4.240  1.00 41.47 ? 160  GLY A O   1 
ATOM   1273 N  N   . PHE A 1 161 ? 8.778   0.131   -5.562  1.00 41.29 ? 161  PHE A N   1 
ATOM   1274 C  CA  . PHE A 1 161 ? 9.398   1.196   -4.768  1.00 40.78 ? 161  PHE A CA  1 
ATOM   1275 C  C   . PHE A 1 161 ? 8.736   1.199   -3.396  1.00 40.33 ? 161  PHE A C   1 
ATOM   1276 O  O   . PHE A 1 161 ? 9.382   1.309   -2.382  1.00 38.91 ? 161  PHE A O   1 
ATOM   1277 C  CB  . PHE A 1 161 ? 9.215   2.552   -5.444  1.00 40.77 ? 161  PHE A CB  1 
ATOM   1278 C  CG  . PHE A 1 161 ? 9.745   3.721   -4.630  1.00 45.01 ? 161  PHE A CG  1 
ATOM   1279 C  CD1 . PHE A 1 161 ? 11.122  4.029   -4.627  1.00 51.42 ? 161  PHE A CD1 1 
ATOM   1280 C  CD2 . PHE A 1 161 ? 8.877   4.515   -3.871  1.00 43.00 ? 161  PHE A CD2 1 
ATOM   1281 C  CE1 . PHE A 1 161 ? 11.612  5.114   -3.872  1.00 50.76 ? 161  PHE A CE1 1 
ATOM   1282 C  CE2 . PHE A 1 161 ? 9.362   5.574   -3.134  1.00 45.41 ? 161  PHE A CE2 1 
ATOM   1283 C  CZ  . PHE A 1 161 ? 10.716  5.867   -3.118  1.00 46.38 ? 161  PHE A CZ  1 
ATOM   1284 N  N   . GLU A 1 162 ? 7.418   1.063   -3.401  1.00 38.71 ? 162  GLU A N   1 
ATOM   1285 C  CA  . GLU A 1 162 ? 6.644   1.033   -2.164  1.00 39.45 ? 162  GLU A CA  1 
ATOM   1286 C  C   . GLU A 1 162 ? 7.041   -0.128  -1.318  1.00 37.40 ? 162  GLU A C   1 
ATOM   1287 O  O   . GLU A 1 162 ? 7.228   0.003   -0.144  1.00 39.25 ? 162  GLU A O   1 
ATOM   1288 C  CB  . GLU A 1 162 ? 5.142   0.930   -2.504  1.00 38.89 ? 162  GLU A CB  1 
ATOM   1289 C  CG  . GLU A 1 162 ? 4.294   0.896   -1.288  1.00 44.75 ? 162  GLU A CG  1 
ATOM   1290 C  CD  . GLU A 1 162 ? 2.824   0.626   -1.595  1.00 51.09 ? 162  GLU A CD  1 
ATOM   1291 O  OE1 . GLU A 1 162 ? 2.515   -0.146  -2.536  1.00 49.81 ? 162  GLU A OE1 1 
ATOM   1292 O  OE2 . GLU A 1 162 ? 2.005   1.171   -0.841  1.00 54.61 ? 162  GLU A OE2 1 
ATOM   1293 N  N   . GLU A 1 163 ? 7.192   -1.282  -1.906  1.00 38.21 ? 163  GLU A N   1 
ATOM   1294 C  CA  . GLU A 1 163 ? 7.655   -2.399  -1.153  1.00 40.58 ? 163  GLU A CA  1 
ATOM   1295 C  C   . GLU A 1 163 ? 9.039   -2.185  -0.534  1.00 40.66 ? 163  GLU A C   1 
ATOM   1296 O  O   . GLU A 1 163 ? 9.290   -2.586  0.625   1.00 40.41 ? 163  GLU A O   1 
ATOM   1297 C  CB  . GLU A 1 163 ? 7.613   -3.667  -1.971  1.00 41.25 ? 163  GLU A CB  1 
ATOM   1298 C  CG  . GLU A 1 163 ? 7.934   -4.889  -1.147  1.00 48.09 ? 163  GLU A CG  1 
ATOM   1299 C  CD  . GLU A 1 163 ? 8.106   -6.168  -1.970  1.00 55.58 ? 163  GLU A CD  1 
ATOM   1300 O  OE1 . GLU A 1 163 ? 7.800   -6.187  -3.188  1.00 59.93 ? 163  GLU A OE1 1 
ATOM   1301 O  OE2 . GLU A 1 163 ? 8.552   -7.169  -1.368  1.00 61.33 ? 163  GLU A OE2 1 
ATOM   1302 N  N   . VAL A 1 164 ? 9.933   -1.566  -1.297  1.00 38.52 ? 164  VAL A N   1 
ATOM   1303 C  CA  . VAL A 1 164 ? 11.266  -1.311  -0.825  1.00 37.40 ? 164  VAL A CA  1 
ATOM   1304 C  C   . VAL A 1 164 ? 11.273  -0.326  0.323   1.00 35.69 ? 164  VAL A C   1 
ATOM   1305 O  O   . VAL A 1 164 ? 11.866  -0.626  1.357   1.00 35.43 ? 164  VAL A O   1 
ATOM   1306 C  CB  . VAL A 1 164 ? 12.209  -0.833  -1.986  1.00 37.61 ? 164  VAL A CB  1 
ATOM   1307 C  CG1 . VAL A 1 164 ? 13.606  -0.439  -1.420  1.00 40.28 ? 164  VAL A CG1 1 
ATOM   1308 C  CG2 . VAL A 1 164 ? 12.379  -1.960  -2.979  1.00 39.36 ? 164  VAL A CG2 1 
ATOM   1309 N  N   . TYR A 1 165 ? 10.620  0.830   0.206   1.00 35.52 ? 165  TYR A N   1 
ATOM   1310 C  CA  . TYR A 1 165 ? 10.782  1.731   1.331   1.00 37.22 ? 165  TYR A CA  1 
ATOM   1311 C  C   . TYR A 1 165 ? 10.034  1.224   2.576   1.00 36.30 ? 165  TYR A C   1 
ATOM   1312 O  O   . TYR A 1 165 ? 10.535  1.378   3.696   1.00 36.02 ? 165  TYR A O   1 
ATOM   1313 C  CB  . TYR A 1 165 ? 10.545  3.224   1.032   1.00 39.89 ? 165  TYR A CB  1 
ATOM   1314 C  CG  . TYR A 1 165 ? 9.097   3.561   0.884   1.00 42.87 ? 165  TYR A CG  1 
ATOM   1315 C  CD1 . TYR A 1 165 ? 8.239   3.649   2.002   1.00 43.05 ? 165  TYR A CD1 1 
ATOM   1316 C  CD2 . TYR A 1 165 ? 8.568   3.757   -0.384  1.00 44.41 ? 165  TYR A CD2 1 
ATOM   1317 C  CE1 . TYR A 1 165 ? 6.848   3.941   1.825   1.00 48.61 ? 165  TYR A CE1 1 
ATOM   1318 C  CE2 . TYR A 1 165 ? 7.220   4.031   -0.560  1.00 48.20 ? 165  TYR A CE2 1 
ATOM   1319 C  CZ  . TYR A 1 165 ? 6.372   4.122   0.519   1.00 46.83 ? 165  TYR A CZ  1 
ATOM   1320 O  OH  . TYR A 1 165 ? 5.032   4.365   0.212   1.00 49.24 ? 165  TYR A OH  1 
ATOM   1321 N  N   . LEU A 1 166 ? 8.885   0.576   2.399   1.00 36.06 ? 166  LEU A N   1 
ATOM   1322 C  CA  . LEU A 1 166 ? 8.139   0.084   3.569   1.00 35.50 ? 166  LEU A CA  1 
ATOM   1323 C  C   . LEU A 1 166 ? 8.976   -0.938  4.377   1.00 35.83 ? 166  LEU A C   1 
ATOM   1324 O  O   . LEU A 1 166 ? 8.994   -0.912  5.602   1.00 35.86 ? 166  LEU A O   1 
ATOM   1325 C  CB  . LEU A 1 166 ? 6.824   -0.539  3.142   1.00 34.84 ? 166  LEU A CB  1 
ATOM   1326 C  CG  . LEU A 1 166 ? 5.760   0.450   2.624   1.00 38.24 ? 166  LEU A CG  1 
ATOM   1327 C  CD1 . LEU A 1 166 ? 4.545   -0.374  2.257   1.00 40.62 ? 166  LEU A CD1 1 
ATOM   1328 C  CD2 . LEU A 1 166 ? 5.431   1.431   3.746   1.00 39.77 ? 166  LEU A CD2 1 
ATOM   1329 N  N   . ARG A 1 167 ? 9.689   -1.795  3.656   1.00 36.26 ? 167  ARG A N   1 
ATOM   1330 C  CA  . ARG A 1 167 ? 10.510  -2.838  4.238   1.00 38.33 ? 167  ARG A CA  1 
ATOM   1331 C  C   . ARG A 1 167 ? 11.730  -2.200  4.852   1.00 36.25 ? 167  ARG A C   1 
ATOM   1332 O  O   . ARG A 1 167 ? 12.089  -2.526  5.987   1.00 35.60 ? 167  ARG A O   1 
ATOM   1333 C  CB  . ARG A 1 167 ? 10.879  -3.877  3.166   1.00 38.40 ? 167  ARG A CB  1 
ATOM   1334 C  CG  . ARG A 1 167 ? 9.696   -4.762  2.807   1.00 44.34 ? 167  ARG A CG  1 
ATOM   1335 C  CD  . ARG A 1 167 ? 9.855   -5.735  1.584   1.00 44.58 ? 167  ARG A CD  1 
ATOM   1336 N  NE  . ARG A 1 167 ? 11.120  -6.449  1.524   1.00 54.02 ? 167  ARG A NE  1 
ATOM   1337 C  CZ  . ARG A 1 167 ? 11.458  -7.329  0.566   1.00 57.92 ? 167  ARG A CZ  1 
ATOM   1338 N  NH1 . ARG A 1 167 ? 10.598  -7.662  -0.392  1.00 57.92 ? 167  ARG A NH1 1 
ATOM   1339 N  NH2 . ARG A 1 167 ? 12.668  -7.900  0.580   1.00 59.56 ? 167  ARG A NH2 1 
ATOM   1340 N  N   . THR A 1 168 ? 12.374  -1.299  4.108   1.00 35.73 ? 168  THR A N   1 
ATOM   1341 C  CA  . THR A 1 168 ? 13.615  -0.594  4.558   1.00 35.59 ? 168  THR A CA  1 
ATOM   1342 C  C   . THR A 1 168 ? 13.383  0.271   5.815   1.00 36.71 ? 168  THR A C   1 
ATOM   1343 O  O   . THR A 1 168 ? 14.228  0.326   6.752   1.00 37.62 ? 168  THR A O   1 
ATOM   1344 C  CB  . THR A 1 168 ? 14.231  0.286   3.374   1.00 36.73 ? 168  THR A CB  1 
ATOM   1345 O  OG1 . THR A 1 168 ? 14.596  -0.573  2.295   1.00 37.81 ? 168  THR A OG1 1 
ATOM   1346 C  CG2 . THR A 1 168 ? 15.534  1.054   3.778   1.00 35.26 ? 168  THR A CG2 1 
ATOM   1347 N  N   . TYR A 1 169 ? 12.245  0.947   5.874   1.00 34.99 ? 169  TYR A N   1 
ATOM   1348 C  CA  . TYR A 1 169 ? 12.000  1.868   6.987   1.00 34.98 ? 169  TYR A CA  1 
ATOM   1349 C  C   . TYR A 1 169 ? 11.064  1.323   8.061   1.00 34.45 ? 169  TYR A C   1 
ATOM   1350 O  O   . TYR A 1 169 ? 10.615  2.052   8.935   1.00 32.94 ? 169  TYR A O   1 
ATOM   1351 C  CB  . TYR A 1 169 ? 11.476  3.197   6.429   1.00 33.42 ? 169  TYR A CB  1 
ATOM   1352 C  CG  . TYR A 1 169 ? 12.562  3.881   5.592   1.00 31.87 ? 169  TYR A CG  1 
ATOM   1353 C  CD1 . TYR A 1 169 ? 12.574  3.760   4.221   1.00 30.65 ? 169  TYR A CD1 1 
ATOM   1354 C  CD2 . TYR A 1 169 ? 13.574  4.625   6.198   1.00 31.69 ? 169  TYR A CD2 1 
ATOM   1355 C  CE1 . TYR A 1 169 ? 13.562  4.371   3.444   1.00 30.22 ? 169  TYR A CE1 1 
ATOM   1356 C  CE2 . TYR A 1 169 ? 14.537  5.244   5.435   1.00 31.75 ? 169  TYR A CE2 1 
ATOM   1357 C  CZ  . TYR A 1 169 ? 14.511  5.123   4.074   1.00 28.65 ? 169  TYR A CZ  1 
ATOM   1358 O  OH  . TYR A 1 169 ? 15.456  5.726   3.335   1.00 29.66 ? 169  TYR A OH  1 
ATOM   1359 N  N   . GLN A 1 170 ? 10.831  0.030   7.988   1.00 35.85 ? 170  GLN A N   1 
ATOM   1360 C  CA  . GLN A 1 170 ? 9.901   -0.664  8.873   1.00 39.96 ? 170  GLN A CA  1 
ATOM   1361 C  C   . GLN A 1 170 ? 10.261  -0.326  10.315  1.00 39.14 ? 170  GLN A C   1 
ATOM   1362 O  O   . GLN A 1 170 ? 11.414  -0.510  10.735  1.00 39.13 ? 170  GLN A O   1 
ATOM   1363 C  CB  . GLN A 1 170 ? 9.958   -2.189  8.576   1.00 39.47 ? 170  GLN A CB  1 
ATOM   1364 C  CG  . GLN A 1 170 ? 9.094   -3.080  9.472   1.00 42.62 ? 170  GLN A CG  1 
ATOM   1365 C  CD  . GLN A 1 170 ? 9.422   -4.558  9.265   1.00 43.94 ? 170  GLN A CD  1 
ATOM   1366 O  OE1 . GLN A 1 170 ? 8.607   -5.318  8.765   1.00 49.82 ? 170  GLN A OE1 1 
ATOM   1367 N  NE2 . GLN A 1 170 ? 10.651  -4.952  9.606   1.00 50.81 ? 170  GLN A NE2 1 
ATOM   1368 N  N   . GLY A 1 171 ? 9.287   0.199   11.079  1.00 39.01 ? 171  GLY A N   1 
ATOM   1369 C  CA  . GLY A 1 171 ? 9.546   0.506   12.509  1.00 38.34 ? 171  GLY A CA  1 
ATOM   1370 C  C   . GLY A 1 171 ? 10.466  1.686   12.736  1.00 37.82 ? 171  GLY A C   1 
ATOM   1371 O  O   . GLY A 1 171 ? 10.830  1.948   13.860  1.00 37.92 ? 171  GLY A O   1 
ATOM   1372 N  N   . LYS A 1 172 ? 10.859  2.399   11.664  1.00 37.23 ? 172  LYS A N   1 
ATOM   1373 C  CA  . LYS A 1 172 ? 11.783  3.525   11.780  1.00 35.87 ? 172  LYS A CA  1 
ATOM   1374 C  C   . LYS A 1 172 ? 11.255  4.800   11.090  1.00 34.77 ? 172  LYS A C   1 
ATOM   1375 O  O   . LYS A 1 172 ? 11.867  5.287   10.137  1.00 33.50 ? 172  LYS A O   1 
ATOM   1376 C  CB  . LYS A 1 172 ? 13.207  3.196   11.244  1.00 36.40 ? 172  LYS A CB  1 
ATOM   1377 C  CG  . LYS A 1 172 ? 13.982  2.026   11.956  1.00 37.82 ? 172  LYS A CG  1 
ATOM   1378 N  N   . PRO A 1 173 ? 10.134  5.353   11.587  1.00 35.45 ? 173  PRO A N   1 
ATOM   1379 C  CA  . PRO A 1 173 ? 9.571   6.504   10.904  1.00 35.25 ? 173  PRO A CA  1 
ATOM   1380 C  C   . PRO A 1 173 ? 10.485  7.715   10.897  1.00 34.17 ? 173  PRO A C   1 
ATOM   1381 O  O   . PRO A 1 173 ? 10.452  8.451   9.939   1.00 33.92 ? 173  PRO A O   1 
ATOM   1382 C  CB  . PRO A 1 173 ? 8.253   6.789   11.700  1.00 35.80 ? 173  PRO A CB  1 
ATOM   1383 C  CG  . PRO A 1 173 ? 8.501   6.189   13.062  1.00 36.76 ? 173  PRO A CG  1 
ATOM   1384 C  CD  . PRO A 1 173 ? 9.273   4.927   12.721  1.00 35.71 ? 173  PRO A CD  1 
ATOM   1385 N  N   . GLU A 1 174 ? 11.276  7.932   11.955  1.00 33.13 ? 174  GLU A N   1 
ATOM   1386 C  CA  . GLU A 1 174 ? 12.172  9.087   11.995  1.00 33.44 ? 174  GLU A CA  1 
ATOM   1387 C  C   . GLU A 1 174 ? 13.244  9.007   10.915  1.00 32.04 ? 174  GLU A C   1 
ATOM   1388 O  O   . GLU A 1 174 ? 13.640  10.041  10.364  1.00 30.94 ? 174  GLU A O   1 
ATOM   1389 C  CB  . GLU A 1 174 ? 12.798  9.309   13.391  1.00 33.62 ? 174  GLU A CB  1 
ATOM   1390 C  CG  . GLU A 1 174 ? 11.725  9.583   14.484  1.00 40.11 ? 174  GLU A CG  1 
ATOM   1391 C  CD  . GLU A 1 174 ? 10.718  10.694  14.073  1.00 46.57 ? 174  GLU A CD  1 
ATOM   1392 O  OE1 . GLU A 1 174 ? 11.156  11.822  13.729  1.00 49.64 ? 174  GLU A OE1 1 
ATOM   1393 O  OE2 . GLU A 1 174 ? 9.494   10.428  14.075  1.00 51.91 ? 174  GLU A OE2 1 
ATOM   1394 N  N   . LEU A 1 175 ? 13.659  7.788   10.580  1.00 30.60 ? 175  LEU A N   1 
ATOM   1395 C  CA  . LEU A 1 175 ? 14.595  7.570   9.496   1.00 33.01 ? 175  LEU A CA  1 
ATOM   1396 C  C   . LEU A 1 175 ? 13.954  7.900   8.154   1.00 32.58 ? 175  LEU A C   1 
ATOM   1397 O  O   . LEU A 1 175 ? 14.603  8.505   7.294   1.00 31.77 ? 175  LEU A O   1 
ATOM   1398 C  CB  . LEU A 1 175 ? 15.081  6.115   9.444   1.00 32.78 ? 175  LEU A CB  1 
ATOM   1399 C  CG  . LEU A 1 175 ? 16.330  5.913   8.565   1.00 37.18 ? 175  LEU A CG  1 
ATOM   1400 C  CD1 . LEU A 1 175 ? 17.435  6.890   9.002   1.00 39.42 ? 175  LEU A CD1 1 
ATOM   1401 C  CD2 . LEU A 1 175 ? 16.883  4.441   8.608   1.00 36.77 ? 175  LEU A CD2 1 
ATOM   1402 N  N   . LEU A 1 176 ? 12.719  7.453   7.957   1.00 31.54 ? 176  LEU A N   1 
ATOM   1403 C  CA  . LEU A 1 176 ? 11.967  7.841   6.751   1.00 32.15 ? 176  LEU A CA  1 
ATOM   1404 C  C   . LEU A 1 176 ? 11.853  9.362   6.618   1.00 33.15 ? 176  LEU A C   1 
ATOM   1405 O  O   . LEU A 1 176 ? 12.150  9.916   5.555   1.00 33.48 ? 176  LEU A O   1 
ATOM   1406 C  CB  . LEU A 1 176 ? 10.604  7.143   6.662   1.00 32.52 ? 176  LEU A CB  1 
ATOM   1407 C  CG  . LEU A 1 176 ? 9.704   7.418   5.443   1.00 30.96 ? 176  LEU A CG  1 
ATOM   1408 C  CD1 . LEU A 1 176 ? 10.430  7.169   4.138   1.00 29.51 ? 176  LEU A CD1 1 
ATOM   1409 C  CD2 . LEU A 1 176 ? 8.443   6.534   5.542   1.00 33.73 ? 176  LEU A CD2 1 
ATOM   1410 N  N   . LYS A 1 177 ? 11.438  10.042  7.682   1.00 33.40 ? 177  LYS A N   1 
ATOM   1411 C  CA  . LYS A 1 177 ? 11.338  11.512  7.628   1.00 34.23 ? 177  LYS A CA  1 
ATOM   1412 C  C   . LYS A 1 177 ? 12.688  12.137  7.275   1.00 34.28 ? 177  LYS A C   1 
ATOM   1413 O  O   . LYS A 1 177 ? 12.764  13.102  6.514   1.00 34.26 ? 177  LYS A O   1 
ATOM   1414 C  CB  . LYS A 1 177 ? 10.831  12.097  8.951   1.00 33.78 ? 177  LYS A CB  1 
ATOM   1415 C  CG  . LYS A 1 177 ? 9.422   11.642  9.361   1.00 36.55 ? 177  LYS A CG  1 
ATOM   1416 C  CD  . LYS A 1 177 ? 8.959   12.322  10.685  1.00 35.67 ? 177  LYS A CD  1 
ATOM   1417 C  CE  . LYS A 1 177 ? 7.695   11.653  11.193  1.00 42.21 ? 177  LYS A CE  1 
ATOM   1418 N  NZ  . LYS A 1 177 ? 7.511   11.820  12.665  1.00 42.70 ? 177  LYS A NZ  1 
ATOM   1419 N  N   . ARG A 1 178 ? 13.755  11.594  7.837   1.00 33.05 ? 178  ARG A N   1 
ATOM   1420 C  CA  . ARG A 1 178 ? 15.085  12.122  7.581   1.00 32.59 ? 178  ARG A CA  1 
ATOM   1421 C  C   . ARG A 1 178 ? 15.573  11.927  6.130   1.00 32.62 ? 178  ARG A C   1 
ATOM   1422 O  O   . ARG A 1 178 ? 16.289  12.763  5.600   1.00 33.16 ? 178  ARG A O   1 
ATOM   1423 C  CB  . ARG A 1 178 ? 16.080  11.517  8.569   1.00 32.71 ? 178  ARG A CB  1 
ATOM   1424 N  N   . ASP A 1 179 ? 15.218  10.810  5.509   1.00 32.33 ? 179  ASP A N   1 
ATOM   1425 C  CA  . ASP A 1 179 ? 15.617  10.519  4.146   1.00 32.12 ? 179  ASP A CA  1 
ATOM   1426 C  C   . ASP A 1 179 ? 14.565  11.031  3.155   1.00 32.74 ? 179  ASP A C   1 
ATOM   1427 O  O   . ASP A 1 179 ? 14.739  10.907  1.977   1.00 30.17 ? 179  ASP A O   1 
ATOM   1428 C  CB  . ASP A 1 179 ? 15.740  9.011   3.938   1.00 32.20 ? 179  ASP A CB  1 
ATOM   1429 C  CG  . ASP A 1 179 ? 16.956  8.399   4.633   1.00 35.29 ? 179  ASP A CG  1 
ATOM   1430 O  OD1 . ASP A 1 179 ? 17.754  9.142   5.248   1.00 36.16 ? 179  ASP A OD1 1 
ATOM   1431 O  OD2 . ASP A 1 179 ? 17.126  7.173   4.522   1.00 34.17 ? 179  ASP A OD2 1 
HETATM 1432 N  N   . MSE A 1 180 ? 13.438  11.550  3.635   1.00 34.80 ? 180  MSE A N   1 
HETATM 1433 C  CA  . MSE A 1 180 ? 12.343  11.857  2.701   1.00 35.51 ? 180  MSE A CA  1 
HETATM 1434 C  C   . MSE A 1 180 ? 12.728  12.668  1.449   1.00 34.38 ? 180  MSE A C   1 
HETATM 1435 O  O   . MSE A 1 180 ? 12.374  12.279  0.336   1.00 33.45 ? 180  MSE A O   1 
HETATM 1436 C  CB  . MSE A 1 180 ? 11.236  12.593  3.384   1.00 37.25 ? 180  MSE A CB  1 
HETATM 1437 C  CG  . MSE A 1 180 ? 10.249  13.033  2.313   1.00 39.96 ? 180  MSE A CG  1 
HETATM 1438 SE SE  . MSE A 1 180 ? 9.064   11.586  2.095   1.00 53.11 ? 180  MSE A SE  1 
HETATM 1439 C  CE  . MSE A 1 180 ? 8.101   12.502  3.530   1.00 34.35 ? 180  MSE A CE  1 
ATOM   1440 N  N   . ASN A 1 181 ? 13.434  13.777  1.645   1.00 35.76 ? 181  ASN A N   1 
ATOM   1441 C  CA  . ASN A 1 181 ? 13.942  14.647  0.532   1.00 36.56 ? 181  ASN A CA  1 
ATOM   1442 C  C   . ASN A 1 181 ? 14.794  13.950  -0.494  1.00 35.71 ? 181  ASN A C   1 
ATOM   1443 O  O   . ASN A 1 181 ? 14.656  14.177  -1.706  1.00 35.35 ? 181  ASN A O   1 
ATOM   1444 C  CB  . ASN A 1 181 ? 14.796  15.809  1.059   1.00 37.48 ? 181  ASN A CB  1 
ATOM   1445 C  CG  . ASN A 1 181 ? 13.960  16.928  1.655   1.00 42.23 ? 181  ASN A CG  1 
ATOM   1446 O  OD1 . ASN A 1 181 ? 12.710  16.853  1.730   1.00 44.41 ? 181  ASN A OD1 1 
ATOM   1447 N  ND2 . ASN A 1 181 ? 14.648  17.976  2.113   1.00 44.13 ? 181  ASN A ND2 1 
ATOM   1448 N  N   . THR A 1 182 ? 15.736  13.154  -0.011  1.00 33.95 ? 182  THR A N   1 
ATOM   1449 C  CA  . THR A 1 182 ? 16.594  12.350  -0.861  1.00 32.33 ? 182  THR A CA  1 
ATOM   1450 C  C   . THR A 1 182 ? 15.765  11.307  -1.638  1.00 30.70 ? 182  THR A C   1 
ATOM   1451 O  O   . THR A 1 182 ? 15.910  11.197  -2.832  1.00 31.09 ? 182  THR A O   1 
ATOM   1452 C  CB  . THR A 1 182 ? 17.642  11.610  -0.001  1.00 33.03 ? 182  THR A CB  1 
ATOM   1453 O  OG1 . THR A 1 182 ? 18.454  12.570  0.675   1.00 33.59 ? 182  THR A OG1 1 
ATOM   1454 C  CG2 . THR A 1 182 ? 18.505  10.676  -0.839  1.00 33.92 ? 182  THR A CG2 1 
ATOM   1455 N  N   . LEU A 1 183 ? 14.900  10.547  -0.970  1.00 29.66 ? 183  LEU A N   1 
ATOM   1456 C  CA  . LEU A 1 183 ? 14.039  9.567   -1.659  1.00 29.83 ? 183  LEU A CA  1 
ATOM   1457 C  C   . LEU A 1 183 ? 13.253  10.230  -2.764  1.00 30.18 ? 183  LEU A C   1 
ATOM   1458 O  O   . LEU A 1 183 ? 13.110  9.698   -3.860  1.00 30.22 ? 183  LEU A O   1 
ATOM   1459 C  CB  . LEU A 1 183 ? 13.036  8.933   -0.661  1.00 30.52 ? 183  LEU A CB  1 
ATOM   1460 C  CG  . LEU A 1 183 ? 13.674  7.963   0.311   1.00 33.86 ? 183  LEU A CG  1 
ATOM   1461 C  CD1 . LEU A 1 183 ? 12.684  7.625   1.385   1.00 34.06 ? 183  LEU A CD1 1 
ATOM   1462 C  CD2 . LEU A 1 183 ? 14.196  6.696   -0.424  1.00 40.63 ? 183  LEU A CD2 1 
ATOM   1463 N  N   . VAL A 1 184 ? 12.699  11.393  -2.444  1.00 31.03 ? 184  VAL A N   1 
ATOM   1464 C  CA  . VAL A 1 184 ? 11.889  12.148  -3.421  1.00 30.92 ? 184  VAL A CA  1 
ATOM   1465 C  C   . VAL A 1 184 ? 12.693  12.559  -4.631  1.00 30.46 ? 184  VAL A C   1 
ATOM   1466 O  O   . VAL A 1 184 ? 12.248  12.365  -5.743  1.00 31.45 ? 184  VAL A O   1 
ATOM   1467 C  CB  . VAL A 1 184 ? 11.142  13.338  -2.745  1.00 31.49 ? 184  VAL A CB  1 
ATOM   1468 C  CG1 . VAL A 1 184 ? 10.508  14.357  -3.857  1.00 34.66 ? 184  VAL A CG1 1 
ATOM   1469 C  CG2 . VAL A 1 184 ? 10.044  12.808  -1.927  1.00 28.31 ? 184  VAL A CG2 1 
ATOM   1470 N  N   . GLU A 1 185 ? 13.857  13.162  -4.437  1.00 30.26 ? 185  GLU A N   1 
ATOM   1471 C  CA  . GLU A 1 185 ? 14.760  13.452  -5.514  1.00 32.04 ? 185  GLU A CA  1 
ATOM   1472 C  C   . GLU A 1 185 ? 15.176  12.240  -6.333  1.00 31.83 ? 185  GLU A C   1 
ATOM   1473 O  O   . GLU A 1 185 ? 15.186  12.338  -7.523  1.00 31.93 ? 185  GLU A O   1 
ATOM   1474 C  CB  . GLU A 1 185 ? 16.021  14.199  -5.012  1.00 31.91 ? 185  GLU A CB  1 
ATOM   1475 C  CG  . GLU A 1 185 ? 16.721  14.974  -6.095  1.00 40.83 ? 185  GLU A CG  1 
ATOM   1476 C  CD  . GLU A 1 185 ? 15.834  16.015  -6.821  1.00 47.89 ? 185  GLU A CD  1 
ATOM   1477 O  OE1 . GLU A 1 185 ? 15.103  16.791  -6.140  1.00 47.47 ? 185  GLU A OE1 1 
ATOM   1478 O  OE2 . GLU A 1 185 ? 15.892  16.044  -8.080  1.00 49.18 ? 185  GLU A OE2 1 
ATOM   1479 N  N   . GLU A 1 186 ? 15.536  11.121  -5.689  1.00 31.98 ? 186  GLU A N   1 
ATOM   1480 C  CA  . GLU A 1 186 ? 15.798  9.843   -6.353  1.00 33.17 ? 186  GLU A CA  1 
ATOM   1481 C  C   . GLU A 1 186 ? 14.611  9.373   -7.188  1.00 32.45 ? 186  GLU A C   1 
ATOM   1482 O  O   . GLU A 1 186 ? 14.795  9.021   -8.322  1.00 31.88 ? 186  GLU A O   1 
ATOM   1483 C  CB  . GLU A 1 186 ? 16.183  8.736   -5.325  1.00 32.44 ? 186  GLU A CB  1 
ATOM   1484 C  CG  . GLU A 1 186 ? 17.517  9.001   -4.666  1.00 37.81 ? 186  GLU A CG  1 
ATOM   1485 C  CD  . GLU A 1 186 ? 17.876  7.931   -3.628  1.00 36.67 ? 186  GLU A CD  1 
ATOM   1486 O  OE1 . GLU A 1 186 ? 17.026  7.107   -3.285  1.00 40.53 ? 186  GLU A OE1 1 
ATOM   1487 O  OE2 . GLU A 1 186 ? 19.005  7.965   -3.164  1.00 43.48 ? 186  GLU A OE2 1 
ATOM   1488 N  N   . VAL A 1 187 ? 13.383  9.412   -6.646  1.00 31.42 ? 187  VAL A N   1 
ATOM   1489 C  CA  . VAL A 1 187 ? 12.234  9.000   -7.424  1.00 32.20 ? 187  VAL A CA  1 
ATOM   1490 C  C   . VAL A 1 187 ? 12.032  9.874   -8.691  1.00 31.29 ? 187  VAL A C   1 
ATOM   1491 O  O   . VAL A 1 187 ? 11.783  9.363   -9.800  1.00 30.53 ? 187  VAL A O   1 
ATOM   1492 C  CB  . VAL A 1 187 ? 10.955  9.034   -6.558  1.00 33.48 ? 187  VAL A CB  1 
ATOM   1493 C  CG1 . VAL A 1 187 ? 9.750   8.694   -7.387  1.00 34.86 ? 187  VAL A CG1 1 
ATOM   1494 C  CG2 . VAL A 1 187 ? 11.095  8.024   -5.468  1.00 34.47 ? 187  VAL A CG2 1 
ATOM   1495 N  N   . LYS A 1 188 ? 12.175  11.182  -8.534  1.00 29.81 ? 188  LYS A N   1 
ATOM   1496 C  CA  . LYS A 1 188 ? 12.131  12.095  -9.713  1.00 30.97 ? 188  LYS A CA  1 
ATOM   1497 C  C   . LYS A 1 188 ? 13.061  11.675  -10.850 1.00 30.55 ? 188  LYS A C   1 
ATOM   1498 O  O   . LYS A 1 188 ? 12.639  11.592  -12.008 1.00 30.26 ? 188  LYS A O   1 
ATOM   1499 C  CB  . LYS A 1 188 ? 12.434  13.542  -9.282  1.00 30.02 ? 188  LYS A CB  1 
ATOM   1500 C  CG  . LYS A 1 188 ? 11.258  14.177  -8.549  1.00 31.63 ? 188  LYS A CG  1 
ATOM   1501 C  CD  . LYS A 1 188 ? 11.634  15.523  -7.907  1.00 31.82 ? 188  LYS A CD  1 
ATOM   1502 C  CE  . LYS A 1 188 ? 10.430  16.177  -7.211  1.00 33.13 ? 188  LYS A CE  1 
ATOM   1503 N  NZ  . LYS A 1 188 ? 10.884  17.498  -6.674  1.00 31.36 ? 188  LYS A NZ  1 
ATOM   1504 N  N   . VAL A 1 189 ? 14.330  11.413  -10.523 1.00 29.80 ? 189  VAL A N   1 
ATOM   1505 C  CA  . VAL A 1 189 ? 15.318  11.068  -11.539 1.00 30.66 ? 189  VAL A CA  1 
ATOM   1506 C  C   . VAL A 1 189 ? 15.021  9.688   -12.171 1.00 30.92 ? 189  VAL A C   1 
ATOM   1507 O  O   . VAL A 1 189 ? 15.095  9.493   -13.397 1.00 26.59 ? 189  VAL A O   1 
ATOM   1508 C  CB  . VAL A 1 189 ? 16.750  11.146  -10.944 1.00 31.45 ? 189  VAL A CB  1 
ATOM   1509 C  CG1 . VAL A 1 189 ? 17.774  10.628  -11.958 1.00 31.86 ? 189  VAL A CG1 1 
ATOM   1510 C  CG2 . VAL A 1 189 ? 17.092  12.613  -10.503 1.00 32.14 ? 189  VAL A CG2 1 
HETATM 1511 N  N   . MSE A 1 190 ? 14.615  8.726   -11.335 1.00 29.99 ? 190  MSE A N   1 
HETATM 1512 C  CA  . MSE A 1 190 ? 14.279  7.401   -11.856 1.00 30.98 ? 190  MSE A CA  1 
HETATM 1513 C  C   . MSE A 1 190 ? 13.076  7.436   -12.818 1.00 29.43 ? 190  MSE A C   1 
HETATM 1514 O  O   . MSE A 1 190 ? 13.103  6.787   -13.860 1.00 29.67 ? 190  MSE A O   1 
HETATM 1515 C  CB  . MSE A 1 190 ? 14.081  6.393   -10.655 1.00 30.18 ? 190  MSE A CB  1 
HETATM 1516 C  CG  . MSE A 1 190 ? 15.410  6.105   -10.025 1.00 35.73 ? 190  MSE A CG  1 
HETATM 1517 SE SE  . MSE A 1 190 ? 15.199  4.793   -8.560  1.00 42.05 ? 190  MSE A SE  1 
HETATM 1518 C  CE  . MSE A 1 190 ? 17.024  4.915   -7.925  1.00 41.41 ? 190  MSE A CE  1 
ATOM   1519 N  N   . LEU A 1 191 ? 12.013  8.177   -12.486 1.00 29.03 ? 191  LEU A N   1 
ATOM   1520 C  CA  . LEU A 1 191 ? 10.874  8.330   -13.420 1.00 28.48 ? 191  LEU A CA  1 
ATOM   1521 C  C   . LEU A 1 191 ? 11.300  9.028   -14.711 1.00 29.58 ? 191  LEU A C   1 
ATOM   1522 O  O   . LEU A 1 191 ? 10.795  8.702   -15.788 1.00 30.72 ? 191  LEU A O   1 
ATOM   1523 C  CB  . LEU A 1 191 ? 9.702   9.110   -12.739 1.00 28.60 ? 191  LEU A CB  1 
ATOM   1524 C  CG  . LEU A 1 191 ? 9.006   8.244   -11.649 1.00 29.88 ? 191  LEU A CG  1 
ATOM   1525 C  CD1 . LEU A 1 191 ? 8.129   9.086   -10.742 1.00 28.21 ? 191  LEU A CD1 1 
ATOM   1526 C  CD2 . LEU A 1 191 ? 8.111   7.216   -12.317 1.00 31.82 ? 191  LEU A CD2 1 
ATOM   1527 N  N   . ARG A 1 192 ? 12.207  10.001  -14.613 1.00 28.76 ? 192  ARG A N   1 
ATOM   1528 C  CA  . ARG A 1 192 ? 12.746  10.692  -15.841 1.00 31.08 ? 192  ARG A CA  1 
ATOM   1529 C  C   . ARG A 1 192 ? 13.563  9.740   -16.686 1.00 29.33 ? 192  ARG A C   1 
ATOM   1530 O  O   . ARG A 1 192 ? 13.427  9.725   -17.914 1.00 30.35 ? 192  ARG A O   1 
ATOM   1531 C  CB  . ARG A 1 192 ? 13.637  11.883  -15.494 1.00 31.02 ? 192  ARG A CB  1 
ATOM   1532 C  CG  . ARG A 1 192 ? 12.917  13.142  -14.998 1.00 32.05 ? 192  ARG A CG  1 
ATOM   1533 C  CD  . ARG A 1 192 ? 13.930  14.301  -14.870 1.00 36.70 ? 192  ARG A CD  1 
ATOM   1534 N  NE  . ARG A 1 192 ? 13.972  14.719  -13.465 1.00 43.44 ? 192  ARG A NE  1 
ATOM   1535 C  CZ  . ARG A 1 192 ? 15.043  15.195  -12.846 1.00 47.18 ? 192  ARG A CZ  1 
ATOM   1536 N  NH1 . ARG A 1 192 ? 16.203  15.307  -13.500 1.00 49.85 ? 192  ARG A NH1 1 
ATOM   1537 N  NH2 . ARG A 1 192 ? 14.959  15.540  -11.556 1.00 49.91 ? 192  ARG A NH2 1 
ATOM   1538 N  N   . ILE A 1 193 ? 14.314  8.883   -16.007 1.00 27.53 ? 193  ILE A N   1 
ATOM   1539 C  CA  . ILE A 1 193 ? 15.049  7.796   -16.656 1.00 28.63 ? 193  ILE A CA  1 
ATOM   1540 C  C   . ILE A 1 193 ? 14.117  6.884   -17.462 1.00 28.00 ? 193  ILE A C   1 
ATOM   1541 O  O   . ILE A 1 193 ? 14.371  6.604   -18.650 1.00 28.20 ? 193  ILE A O   1 
ATOM   1542 C  CB  . ILE A 1 193 ? 15.915  6.991   -15.651 1.00 26.42 ? 193  ILE A CB  1 
ATOM   1543 C  CG1 . ILE A 1 193 ? 17.176  7.804   -15.254 1.00 29.68 ? 193  ILE A CG1 1 
ATOM   1544 C  CG2 . ILE A 1 193 ? 16.406  5.665   -16.282 1.00 24.88 ? 193  ILE A CG2 1 
ATOM   1545 C  CD1 . ILE A 1 193 ? 17.959  7.138   -14.203 1.00 25.30 ? 193  ILE A CD1 1 
ATOM   1546 N  N   . LEU A 1 194 ? 13.038  6.440   -16.816 1.00 27.25 ? 194  LEU A N   1 
ATOM   1547 C  CA  . LEU A 1 194 ? 12.077  5.562   -17.460 1.00 27.09 ? 194  LEU A CA  1 
ATOM   1548 C  C   . LEU A 1 194 ? 11.359  6.286   -18.620 1.00 27.64 ? 194  LEU A C   1 
ATOM   1549 O  O   . LEU A 1 194 ? 11.212  5.750   -19.720 1.00 27.39 ? 194  LEU A O   1 
ATOM   1550 C  CB  . LEU A 1 194 ? 11.030  5.154   -16.424 1.00 25.65 ? 194  LEU A CB  1 
ATOM   1551 C  CG  . LEU A 1 194 ? 11.419  4.138   -15.376 1.00 26.70 ? 194  LEU A CG  1 
ATOM   1552 C  CD1 . LEU A 1 194 ? 10.198  3.784   -14.514 1.00 29.30 ? 194  LEU A CD1 1 
ATOM   1553 C  CD2 . LEU A 1 194 ? 11.991  2.867   -16.086 1.00 30.64 ? 194  LEU A CD2 1 
ATOM   1554 N  N   . LYS A 1 195 ? 10.902  7.517   -18.358 1.00 27.47 ? 195  LYS A N   1 
ATOM   1555 C  CA  . LYS A 1 195 ? 10.270  8.310   -19.428 1.00 26.73 ? 195  LYS A CA  1 
ATOM   1556 C  C   . LYS A 1 195 ? 11.213  8.423   -20.622 1.00 28.28 ? 195  LYS A C   1 
ATOM   1557 O  O   . LYS A 1 195 ? 10.786  8.151   -21.767 1.00 28.59 ? 195  LYS A O   1 
ATOM   1558 C  CB  . LYS A 1 195 ? 9.842   9.688   -18.951 1.00 26.33 ? 195  LYS A CB  1 
ATOM   1559 C  CG  . LYS A 1 195 ? 8.976   10.463  -20.086 1.00 30.91 ? 195  LYS A CG  1 
ATOM   1560 C  CD  . LYS A 1 195 ? 8.368   11.702  -19.546 1.00 32.13 ? 195  LYS A CD  1 
ATOM   1561 C  CE  . LYS A 1 195 ? 7.293   12.366  -20.498 1.00 35.36 ? 195  LYS A CE  1 
ATOM   1562 N  NZ  . LYS A 1 195 ? 6.389   13.223  -19.634 1.00 37.78 ? 195  LYS A NZ  1 
ATOM   1563 N  N   . LYS A 1 196 ? 12.470  8.838   -20.382 1.00 26.28 ? 196  LYS A N   1 
ATOM   1564 C  CA  . LYS A 1 196 ? 13.401  9.021   -21.488 1.00 26.25 ? 196  LYS A CA  1 
ATOM   1565 C  C   . LYS A 1 196 ? 13.664  7.700   -22.201 1.00 26.10 ? 196  LYS A C   1 
ATOM   1566 O  O   . LYS A 1 196 ? 13.806  7.647   -23.417 1.00 25.97 ? 196  LYS A O   1 
ATOM   1567 C  CB  . LYS A 1 196 ? 14.707  9.628   -20.983 1.00 26.07 ? 196  LYS A CB  1 
ATOM   1568 C  CG  . LYS A 1 196 ? 15.764  9.806   -22.151 1.00 27.32 ? 196  LYS A CG  1 
ATOM   1569 C  CD  . LYS A 1 196 ? 17.109  10.365  -21.673 1.00 27.90 ? 196  LYS A CD  1 
ATOM   1570 C  CE  . LYS A 1 196 ? 18.044  10.548  -22.916 1.00 35.30 ? 196  LYS A CE  1 
ATOM   1571 N  NZ  . LYS A 1 196 ? 18.648  9.203   -23.163 1.00 43.67 ? 196  LYS A NZ  1 
ATOM   1572 N  N   . GLY A 1 197 ? 13.759  6.608   -21.459 1.00 25.64 ? 197  GLY A N   1 
ATOM   1573 C  CA  . GLY A 1 197 ? 14.088  5.317   -22.113 1.00 26.42 ? 197  GLY A CA  1 
ATOM   1574 C  C   . GLY A 1 197 ? 12.935  4.705   -22.880 1.00 27.75 ? 197  GLY A C   1 
ATOM   1575 O  O   . GLY A 1 197 ? 13.142  3.921   -23.808 1.00 28.10 ? 197  GLY A O   1 
HETATM 1576 N  N   . MSE A 1 198 ? 11.718  5.052   -22.481 1.00 27.81 ? 198  MSE A N   1 
HETATM 1577 C  CA  . MSE A 1 198 ? 10.507  4.544   -23.088 1.00 31.82 ? 198  MSE A CA  1 
HETATM 1578 C  C   . MSE A 1 198 ? 10.010  5.319   -24.260 1.00 31.42 ? 198  MSE A C   1 
HETATM 1579 O  O   . MSE A 1 198 ? 9.292   4.751   -25.063 1.00 32.78 ? 198  MSE A O   1 
HETATM 1580 C  CB  . MSE A 1 198 ? 9.342   4.551   -22.059 1.00 30.54 ? 198  MSE A CB  1 
HETATM 1581 C  CG  . MSE A 1 198 ? 9.442   3.481   -21.149 1.00 34.55 ? 198  MSE A CG  1 
HETATM 1582 SE SE  . MSE A 1 198 ? 7.945   3.689   -19.792 1.00 39.50 ? 198  MSE A SE  1 
HETATM 1583 C  CE  . MSE A 1 198 ? 8.582   2.422   -18.709 1.00 31.97 ? 198  MSE A CE  1 
ATOM   1584 N  N   . THR A 1 199 ? 10.367  6.595   -24.367 1.00 32.15 ? 199  THR A N   1 
ATOM   1585 C  CA  . THR A 1 199 ? 9.771   7.468   -25.378 1.00 33.80 ? 199  THR A CA  1 
ATOM   1586 C  C   . THR A 1 199 ? 10.717  7.792   -26.496 1.00 34.35 ? 199  THR A C   1 
ATOM   1587 O  O   . THR A 1 199 ? 11.921  7.568   -26.381 1.00 33.56 ? 199  THR A O   1 
ATOM   1588 C  CB  . THR A 1 199 ? 9.295   8.801   -24.760 1.00 33.25 ? 199  THR A CB  1 
ATOM   1589 O  OG1 . THR A 1 199 ? 10.395  9.460   -24.130 1.00 34.08 ? 199  THR A OG1 1 
ATOM   1590 C  CG2 . THR A 1 199 ? 8.265   8.541   -23.725 1.00 34.66 ? 199  THR A CG2 1 
ATOM   1591 N  N   . LYS A 1 200 ? 10.167  8.359   -27.579 1.00 35.23 ? 200  LYS A N   1 
ATOM   1592 C  CA  . LYS A 1 200 ? 11.013  8.907   -28.622 1.00 36.44 ? 200  LYS A CA  1 
ATOM   1593 C  C   . LYS A 1 200 ? 11.687  10.197  -28.150 1.00 37.31 ? 200  LYS A C   1 
ATOM   1594 O  O   . LYS A 1 200 ? 12.847  10.481  -28.557 1.00 39.94 ? 200  LYS A O   1 
ATOM   1595 C  CB  . LYS A 1 200 ? 10.194  9.142   -29.886 1.00 37.81 ? 200  LYS A CB  1 
ATOM   1596 C  CG  . LYS A 1 200 ? 9.554   7.863   -30.401 1.00 38.28 ? 200  LYS A CG  1 
HETATM 1597 C  C1  . EDO B 2 .   ? -14.383 5.679   51.370  1.00 44.35 ? 2201 EDO A C1  1 
HETATM 1598 O  O1  . EDO B 2 .   ? -15.292 4.580   51.575  1.00 47.57 ? 2201 EDO A O1  1 
HETATM 1599 C  C2  . EDO B 2 .   ? -13.203 5.160   50.582  1.00 34.61 ? 2201 EDO A C2  1 
HETATM 1600 O  O2  . EDO B 2 .   ? -13.692 4.074   49.834  1.00 40.60 ? 2201 EDO A O2  1 
HETATM 1601 C  C1  . EDO C 2 .   ? -18.228 24.387  30.921  1.00 40.27 ? 2202 EDO A C1  1 
HETATM 1602 O  O1  . EDO C 2 .   ? -19.391 23.611  30.606  1.00 39.80 ? 2202 EDO A O1  1 
HETATM 1603 C  C2  . EDO C 2 .   ? -18.650 25.730  31.456  1.00 36.95 ? 2202 EDO A C2  1 
HETATM 1604 O  O2  . EDO C 2 .   ? -19.533 26.264  30.443  1.00 35.84 ? 2202 EDO A O2  1 
HETATM 1605 O  O   . HOH D 3 .   ? 8.612   17.991  -4.935  1.00 48.20 ? 2203 HOH A O   1 
HETATM 1606 O  O   . HOH D 3 .   ? 6.851   0.279   7.102   1.00 31.03 ? 2204 HOH A O   1 
HETATM 1607 O  O   . HOH D 3 .   ? 2.237   -1.202  -28.414 1.00 40.25 ? 2205 HOH A O   1 
HETATM 1608 O  O   . HOH D 3 .   ? 13.125  16.974  -5.017  1.00 36.70 ? 2206 HOH A O   1 
HETATM 1609 O  O   . HOH D 3 .   ? 13.224  9.708   -25.329 1.00 40.23 ? 2207 HOH A O   1 
HETATM 1610 O  O   . HOH D 3 .   ? -4.413  -0.403  20.756  1.00 44.03 ? 2208 HOH A O   1 
HETATM 1611 O  O   . HOH D 3 .   ? 1.795   -1.998  13.025  1.00 31.81 ? 2209 HOH A O   1 
HETATM 1612 O  O   . HOH D 3 .   ? -7.009  -0.975  20.759  1.00 40.02 ? 2210 HOH A O   1 
HETATM 1613 O  O   . HOH D 3 .   ? -17.526 -13.345 10.858  1.00 54.83 ? 2211 HOH A O   1 
HETATM 1614 O  O   . HOH D 3 .   ? 6.101   -5.167  9.659   1.00 36.53 ? 2212 HOH A O   1 
HETATM 1615 O  O   . HOH D 3 .   ? -14.899 3.669   16.712  1.00 40.10 ? 2213 HOH A O   1 
HETATM 1616 O  O   . HOH D 3 .   ? 2.072   15.242  -4.278  1.00 46.47 ? 2214 HOH A O   1 
HETATM 1617 O  O   . HOH D 3 .   ? 12.200  6.124   14.017  1.00 44.98 ? 2215 HOH A O   1 
HETATM 1618 O  O   . HOH D 3 .   ? -8.616  -18.619 2.758   1.00 61.30 ? 2216 HOH A O   1 
HETATM 1619 O  O   . HOH D 3 .   ? -2.114  1.758   15.506  1.00 56.48 ? 2217 HOH A O   1 
HETATM 1620 O  O   . HOH D 3 .   ? -19.123 -1.122  19.940  1.00 45.24 ? 2218 HOH A O   1 
HETATM 1621 O  O   . HOH D 3 .   ? -16.358 -8.677  4.282   1.00 54.60 ? 2219 HOH A O   1 
HETATM 1622 O  O   . HOH D 3 .   ? -6.495  -0.804  -2.792  1.00 57.37 ? 2220 HOH A O   1 
HETATM 1623 O  O   . HOH D 3 .   ? -8.231  -0.070  10.604  1.00 54.99 ? 2221 HOH A O   1 
HETATM 1624 O  O   . HOH D 3 .   ? -9.704  -4.169  -19.819 1.00 48.39 ? 2222 HOH A O   1 
HETATM 1625 O  O   . HOH D 3 .   ? -1.663  -17.781 16.698  1.00 43.30 ? 2223 HOH A O   1 
HETATM 1626 O  O   . HOH D 3 .   ? -3.105  16.730  -5.251  1.00 41.35 ? 2224 HOH A O   1 
HETATM 1627 O  O   . HOH D 3 .   ? -7.473  -17.889 26.473  1.00 51.83 ? 2225 HOH A O   1 
HETATM 1628 O  O   . HOH D 3 .   ? 0.735   11.064  -19.740 1.00 37.70 ? 2226 HOH A O   1 
HETATM 1629 O  O   . HOH D 3 .   ? -4.223  -18.489 7.504   1.00 45.32 ? 2227 HOH A O   1 
HETATM 1630 O  O   . HOH D 3 .   ? 16.687  13.574  3.018   1.00 37.55 ? 2228 HOH A O   1 
HETATM 1631 O  O   . HOH D 3 .   ? -7.727  -8.201  -12.888 1.00 44.45 ? 2229 HOH A O   1 
HETATM 1632 O  O   . HOH D 3 .   ? -18.520 -15.427 14.849  1.00 54.38 ? 2230 HOH A O   1 
HETATM 1633 O  O   . HOH D 3 .   ? 10.119  -5.521  -6.894  0.50 34.92 ? 2231 HOH A O   1 
HETATM 1634 O  O   . HOH D 3 .   ? -15.530 -10.374 9.278   1.00 56.69 ? 2232 HOH A O   1 
HETATM 1635 O  O   . HOH D 3 .   ? -4.142  -19.031 11.339  1.00 55.21 ? 2233 HOH A O   1 
HETATM 1636 O  O   . HOH D 3 .   ? 10.401  5.579   16.348  1.00 49.17 ? 2234 HOH A O   1 
HETATM 1637 O  O   . HOH D 3 .   ? -0.426  4.375   12.077  1.00 36.76 ? 2235 HOH A O   1 
HETATM 1638 O  O   . HOH D 3 .   ? 9.003   13.175  -12.588 1.00 51.09 ? 2236 HOH A O   1 
HETATM 1639 O  O   . HOH D 3 .   ? 15.082  0.989   -26.511 1.00 54.00 ? 2237 HOH A O   1 
HETATM 1640 O  O   . HOH D 3 .   ? -17.487 -7.962  12.119  1.00 39.91 ? 2238 HOH A O   1 
# 
